data_3HND
#
_entry.id   3HND
#
_cell.length_a   73.159
_cell.length_b   115.834
_cell.length_c   221.305
_cell.angle_alpha   90.00
_cell.angle_beta   90.00
_cell.angle_gamma   90.00
#
_symmetry.space_group_name_H-M   'P 21 21 21'
#
loop_
_entity.id
_entity.type
_entity.pdbx_description
1 polymer 'Ribonucleoside-diphosphate reductase large subunit'
2 non-polymer 'MAGNESIUM ION'
3 non-polymer "THYMIDINE-5'-TRIPHOSPHATE"
4 non-polymer "GUANOSINE-5'-DIPHOSPHATE"
5 non-polymer 'SULFATE ION'
6 water water
#
_entity_poly.entity_id   1
_entity_poly.type   'polypeptide(L)'
_entity_poly.pdbx_seq_one_letter_code
;MHVIKRDGRQERVMFDKITSRIQKLCYGLNMDFVDPAQITMKVIQGLYSGVTTVELDTLAAETAATLTTKHPDYAILAAR
IAVSNLHKETKKVFSDVMEDLYNYINPHNGKHSPMVAKSTLDIVLANKDRLNSAIIYDRDFSYNYFGFKTLERSYLLKIN
GKVAERPQHMLMRVSVGIHKEDIDAAIETYNLLSERWFTHASPTLFNAGTNRPQLSSCFLLSMKDDSIEGIYDTLKQCAL
ISKSAGGIGVAVSCIRATGSYIAGTNGNSNGLVPMLRVYNNTARYVDQGGNKRPGAFAIYLEPWHLDIFEFLDLKKNTGK
EEQRARDLFFALWIPDLFMKRVETNQDWSLMCPNECPGLDEVWGEEFEKLYASYEKQGRVRKVVKAQQLWYAIIESQTET
GTPYMLYKDSCNRKSNQQNLGTIKCSNLCTEIVEYTSKDEVAVCNLASLALNMYVTSEHTYDFKKLAEVTKVVVRNLNKI
IDINYYPVPEACLSNKRHRPIGIGVQGLADAFILMRYPFESAEAQLLNKQIFETIYYGALEASCDLAKEQGPYETYEGSP
VSKGILQYDMWNVTPTDLWDWKVLKEKIAKYGIRNSLLIAPMPTASTAQILGNNESIEPYTSNIYTRRVLSGEFQIVNPH
LLKDLTERGLWHEEMKNQIIACNGSIQSIPEIPDDLKQLYKTVWEISQKTVLKMAAERGAFIDQSQSLNIHIAEPNYGKL
TSMHFYGWKQGLKTGMYYLRTRPAANPIQFTLNKEKLKDKEKVSKEEEEKERNTAAMVCSLENRDECLMCGS
;
_entity_poly.pdbx_strand_id   A,B
#
# COMPACT_ATOMS: atom_id res chain seq x y z
N MET A 14 -48.71 -8.90 42.34
CA MET A 14 -47.35 -9.52 42.30
C MET A 14 -46.87 -9.72 40.85
N PHE A 15 -47.68 -10.47 40.11
CA PHE A 15 -47.42 -10.93 38.75
C PHE A 15 -48.44 -10.25 37.81
N ASP A 16 -49.60 -9.88 38.36
CA ASP A 16 -50.60 -9.07 37.66
C ASP A 16 -49.99 -7.72 37.32
N LYS A 17 -49.29 -7.13 38.29
CA LYS A 17 -48.67 -5.82 38.11
C LYS A 17 -47.85 -5.81 36.83
N ILE A 18 -47.40 -6.99 36.42
CA ILE A 18 -46.67 -7.17 35.16
C ILE A 18 -47.60 -7.42 33.98
N THR A 19 -48.36 -8.52 34.00
CA THR A 19 -49.31 -8.86 32.94
C THR A 19 -50.07 -7.64 32.38
N SER A 20 -50.87 -6.98 33.21
CA SER A 20 -51.69 -5.89 32.71
C SER A 20 -50.88 -4.66 32.27
N ARG A 21 -49.60 -4.62 32.63
CA ARG A 21 -48.71 -3.59 32.08
C ARG A 21 -48.43 -3.92 30.62
N ILE A 22 -48.11 -5.19 30.36
CA ILE A 22 -47.97 -5.74 29.00
C ILE A 22 -49.31 -5.60 28.24
N GLN A 23 -50.40 -6.07 28.84
CA GLN A 23 -51.72 -5.98 28.21
C GLN A 23 -52.00 -4.58 27.64
N LYS A 24 -51.61 -3.54 28.38
CA LYS A 24 -51.92 -2.20 27.97
C LYS A 24 -51.31 -1.93 26.58
N LEU A 25 -50.50 -2.87 26.10
CA LEU A 25 -49.79 -2.68 24.84
C LEU A 25 -50.12 -3.66 23.74
N CYS A 26 -51.04 -4.61 24.00
CA CYS A 26 -51.55 -5.51 22.96
C CYS A 26 -52.69 -4.87 22.20
N TYR A 27 -52.64 -3.56 22.05
CA TYR A 27 -53.85 -2.82 21.84
C TYR A 27 -54.37 -2.94 20.43
N GLY A 28 -54.14 -4.07 19.78
CA GLY A 28 -54.74 -4.27 18.46
C GLY A 28 -54.35 -5.60 17.88
N LEU A 29 -53.47 -6.29 18.58
CA LEU A 29 -52.98 -7.58 18.19
C LEU A 29 -54.01 -8.67 18.44
N ASN A 30 -53.99 -9.71 17.62
CA ASN A 30 -54.88 -10.85 17.75
C ASN A 30 -54.65 -11.62 19.08
N MET A 31 -55.64 -11.61 19.97
CA MET A 31 -55.45 -12.10 21.33
C MET A 31 -55.79 -13.57 21.50
N ASP A 32 -56.08 -14.23 20.39
CA ASP A 32 -56.37 -15.65 20.43
C ASP A 32 -55.05 -16.40 20.30
N PHE A 33 -53.99 -15.65 19.98
CA PHE A 33 -52.63 -16.20 19.83
C PHE A 33 -51.59 -15.50 20.74
N VAL A 34 -51.80 -14.23 21.06
CA VAL A 34 -50.96 -13.50 22.03
C VAL A 34 -51.56 -13.64 23.42
N ASP A 35 -50.73 -13.98 24.39
CA ASP A 35 -51.20 -14.22 25.74
C ASP A 35 -50.18 -13.60 26.69
N PRO A 36 -50.47 -12.39 27.22
CA PRO A 36 -49.42 -11.67 27.92
C PRO A 36 -49.05 -12.40 29.19
N ALA A 37 -50.02 -13.12 29.74
CA ALA A 37 -49.80 -13.98 30.90
C ALA A 37 -48.57 -14.87 30.74
N GLN A 38 -48.15 -15.11 29.50
CA GLN A 38 -47.10 -16.08 29.18
C GLN A 38 -45.72 -15.48 29.13
N ILE A 39 -45.67 -14.19 28.84
CA ILE A 39 -44.44 -13.46 28.86
C ILE A 39 -44.06 -13.31 30.33
N THR A 40 -45.08 -13.10 31.17
CA THR A 40 -44.94 -12.98 32.63
C THR A 40 -44.30 -14.23 33.25
N MET A 41 -44.85 -15.40 32.91
CA MET A 41 -44.28 -16.68 33.30
C MET A 41 -42.76 -16.70 33.13
N LYS A 42 -42.30 -16.43 31.91
CA LYS A 42 -40.89 -16.51 31.58
C LYS A 42 -40.10 -15.37 32.21
N VAL A 43 -40.73 -14.22 32.39
CA VAL A 43 -40.10 -13.10 33.11
C VAL A 43 -39.95 -13.41 34.61
N ILE A 44 -41.00 -13.94 35.23
CA ILE A 44 -40.96 -14.30 36.65
C ILE A 44 -39.62 -14.90 37.07
N GLN A 45 -39.11 -15.87 36.31
CA GLN A 45 -37.76 -16.45 36.53
C GLN A 45 -36.74 -15.33 36.80
N GLY A 46 -36.31 -15.24 38.04
CA GLY A 46 -35.53 -14.09 38.47
C GLY A 46 -36.46 -13.02 39.01
N LEU A 47 -36.93 -13.23 40.23
CA LEU A 47 -37.76 -12.24 40.89
C LEU A 47 -36.85 -11.21 41.53
N TYR A 48 -37.40 -10.02 41.78
CA TYR A 48 -36.64 -8.79 42.04
C TYR A 48 -35.33 -8.95 42.77
N SER A 49 -34.40 -9.63 42.11
CA SER A 49 -33.07 -9.87 42.62
C SER A 49 -32.23 -8.66 42.29
N GLY A 50 -32.88 -7.51 42.31
CA GLY A 50 -32.23 -6.24 42.04
C GLY A 50 -32.37 -5.88 40.58
N VAL A 51 -33.59 -6.02 40.05
CA VAL A 51 -33.84 -5.76 38.63
C VAL A 51 -34.63 -4.46 38.39
N THR A 52 -33.98 -3.48 37.75
CA THR A 52 -34.59 -2.15 37.52
C THR A 52 -35.80 -2.24 36.56
N THR A 53 -36.65 -1.22 36.50
CA THR A 53 -37.80 -1.25 35.55
C THR A 53 -37.33 -1.23 34.08
N VAL A 54 -36.29 -0.46 33.77
CA VAL A 54 -35.71 -0.47 32.43
C VAL A 54 -35.08 -1.85 32.13
N GLU A 55 -34.44 -2.42 33.14
CA GLU A 55 -33.93 -3.77 33.02
C GLU A 55 -35.08 -4.77 32.72
N LEU A 56 -36.12 -4.76 33.57
CA LEU A 56 -37.25 -5.68 33.47
C LEU A 56 -38.02 -5.56 32.16
N ASP A 57 -38.31 -4.33 31.77
CA ASP A 57 -38.91 -3.96 30.47
C ASP A 57 -38.12 -4.57 29.31
N THR A 58 -36.80 -4.54 29.43
CA THR A 58 -35.95 -5.11 28.39
C THR A 58 -36.05 -6.65 28.40
N LEU A 59 -36.06 -7.26 29.57
CA LEU A 59 -36.30 -8.69 29.69
C LEU A 59 -37.60 -9.12 29.02
N ALA A 60 -38.63 -8.29 29.12
CA ALA A 60 -39.98 -8.60 28.61
C ALA A 60 -40.06 -8.61 27.09
N ALA A 61 -39.54 -7.56 26.46
CA ALA A 61 -39.55 -7.47 25.01
C ALA A 61 -38.74 -8.61 24.42
N GLU A 62 -37.67 -8.99 25.10
CA GLU A 62 -36.85 -10.10 24.71
C GLU A 62 -37.68 -11.38 24.76
N THR A 63 -38.27 -11.69 25.92
CA THR A 63 -39.16 -12.84 26.06
C THR A 63 -40.20 -12.82 24.97
N ALA A 64 -40.78 -11.65 24.73
CA ALA A 64 -41.89 -11.52 23.79
C ALA A 64 -41.41 -11.85 22.40
N ALA A 65 -40.19 -11.44 22.08
CA ALA A 65 -39.64 -11.68 20.75
C ALA A 65 -39.40 -13.16 20.49
N THR A 66 -38.94 -13.90 21.50
CA THR A 66 -38.68 -15.31 21.28
C THR A 66 -40.00 -16.05 21.00
N LEU A 67 -41.12 -15.39 21.29
CA LEU A 67 -42.40 -16.02 21.06
C LEU A 67 -43.00 -15.65 19.69
N THR A 68 -42.26 -14.90 18.86
CA THR A 68 -42.67 -14.70 17.46
C THR A 68 -42.98 -16.01 16.75
N THR A 69 -42.11 -17.02 16.88
CA THR A 69 -42.35 -18.29 16.19
C THR A 69 -43.77 -18.76 16.46
N LYS A 70 -44.35 -18.37 17.61
CA LYS A 70 -45.71 -18.79 17.93
C LYS A 70 -46.72 -17.98 17.10
N HIS A 71 -46.66 -16.65 17.15
CA HIS A 71 -47.43 -15.80 16.23
C HIS A 71 -46.66 -14.48 15.92
N PRO A 72 -46.77 -13.98 14.67
CA PRO A 72 -46.04 -12.73 14.32
C PRO A 72 -46.31 -11.50 15.22
N ASP A 73 -47.55 -11.34 15.71
CA ASP A 73 -47.91 -10.26 16.66
C ASP A 73 -46.99 -10.19 17.90
N TYR A 74 -46.46 -11.34 18.33
CA TYR A 74 -45.51 -11.34 19.43
C TYR A 74 -44.37 -10.40 19.08
N ALA A 75 -44.01 -10.31 17.80
CA ALA A 75 -42.92 -9.43 17.42
C ALA A 75 -43.33 -7.97 17.52
N ILE A 76 -44.58 -7.68 17.13
CA ILE A 76 -45.16 -6.33 17.27
C ILE A 76 -45.13 -5.89 18.74
N LEU A 77 -45.48 -6.82 19.63
CA LEU A 77 -45.49 -6.57 21.05
C LEU A 77 -44.08 -6.28 21.55
N ALA A 78 -43.21 -7.28 21.47
CA ALA A 78 -41.79 -7.11 21.75
C ALA A 78 -41.37 -5.70 21.34
N ALA A 79 -41.70 -5.31 20.12
CA ALA A 79 -41.32 -4.00 19.62
C ALA A 79 -41.91 -2.90 20.47
N ARG A 80 -43.22 -2.98 20.75
CA ARG A 80 -43.96 -1.95 21.50
C ARG A 80 -43.25 -1.67 22.83
N ILE A 81 -42.92 -2.76 23.55
CA ILE A 81 -42.32 -2.69 24.88
C ILE A 81 -40.99 -1.96 24.83
N ALA A 82 -40.15 -2.33 23.85
CA ALA A 82 -38.86 -1.67 23.68
C ALA A 82 -39.04 -0.17 23.39
N VAL A 83 -39.80 0.14 22.34
CA VAL A 83 -40.21 1.51 21.99
C VAL A 83 -40.76 2.31 23.19
N SER A 84 -41.68 1.71 23.94
CA SER A 84 -42.24 2.28 25.18
C SER A 84 -41.17 2.78 26.13
N ASN A 85 -40.20 1.90 26.35
CA ASN A 85 -39.06 2.24 27.16
C ASN A 85 -38.19 3.32 26.53
N LEU A 86 -37.91 3.21 25.22
CA LEU A 86 -37.07 4.19 24.51
C LEU A 86 -37.66 5.56 24.67
N HIS A 87 -38.98 5.62 24.81
CA HIS A 87 -39.72 6.86 24.97
C HIS A 87 -39.66 7.39 26.39
N LYS A 88 -39.69 6.50 27.38
CA LYS A 88 -39.58 6.90 28.80
C LYS A 88 -38.15 7.27 29.17
N GLU A 89 -37.22 7.09 28.23
CA GLU A 89 -35.80 7.35 28.47
C GLU A 89 -35.27 8.44 27.53
N THR A 90 -36.14 9.38 27.17
CA THR A 90 -35.93 10.18 26.00
C THR A 90 -36.72 11.49 26.06
N LYS A 91 -36.22 12.52 25.38
CA LYS A 91 -36.91 13.77 25.36
C LYS A 91 -38.07 13.76 24.34
N LYS A 92 -39.25 14.20 24.75
CA LYS A 92 -40.40 14.17 23.83
C LYS A 92 -40.42 15.30 22.82
N VAL A 93 -39.34 16.06 22.68
CA VAL A 93 -39.41 17.24 21.79
C VAL A 93 -38.20 17.44 20.88
N PHE A 94 -38.46 17.26 19.59
CA PHE A 94 -37.44 17.29 18.54
C PHE A 94 -36.45 18.40 18.70
N SER A 95 -36.93 19.63 18.71
CA SER A 95 -36.04 20.79 18.77
C SER A 95 -35.08 20.67 19.95
N ASP A 96 -35.55 20.09 21.06
CA ASP A 96 -34.77 19.95 22.32
C ASP A 96 -33.59 18.99 22.16
N VAL A 97 -33.88 17.81 21.63
CA VAL A 97 -32.86 16.84 21.33
C VAL A 97 -31.86 17.46 20.38
N MET A 98 -32.34 18.12 19.31
CA MET A 98 -31.45 18.72 18.32
C MET A 98 -30.36 19.53 18.96
N GLU A 99 -30.78 20.41 19.88
CA GLU A 99 -29.89 21.28 20.66
C GLU A 99 -28.85 20.52 21.45
N ASP A 100 -29.26 19.42 22.10
CA ASP A 100 -28.36 18.62 22.90
C ASP A 100 -27.32 17.95 22.05
N LEU A 101 -27.76 17.46 20.91
CA LEU A 101 -26.88 16.84 19.93
C LEU A 101 -25.83 17.87 19.52
N TYR A 102 -26.29 19.08 19.24
CA TYR A 102 -25.37 20.16 18.93
C TYR A 102 -24.42 20.55 20.05
N ASN A 103 -24.87 20.48 21.30
CA ASN A 103 -24.12 21.00 22.44
C ASN A 103 -23.15 20.03 23.05
N TYR A 104 -23.20 18.79 22.58
CA TYR A 104 -22.36 17.70 23.06
C TYR A 104 -20.97 18.20 23.29
N ILE A 105 -20.47 18.05 24.51
CA ILE A 105 -19.03 18.16 24.78
C ILE A 105 -18.48 16.74 24.96
N ASN A 106 -17.38 16.43 24.29
CA ASN A 106 -16.74 15.14 24.49
C ASN A 106 -15.94 15.07 25.79
N PRO A 107 -16.41 14.28 26.77
CA PRO A 107 -15.82 14.31 28.12
C PRO A 107 -14.35 13.92 28.11
N HIS A 108 -13.96 13.14 27.10
CA HIS A 108 -12.63 12.52 27.04
C HIS A 108 -11.54 13.53 26.75
N ASN A 109 -11.89 14.60 26.05
CA ASN A 109 -10.92 15.63 25.65
C ASN A 109 -11.37 17.08 25.93
N GLY A 110 -12.61 17.24 26.40
CA GLY A 110 -13.15 18.55 26.70
C GLY A 110 -13.60 19.35 25.50
N LYS A 111 -13.34 18.88 24.28
CA LYS A 111 -13.70 19.65 23.09
C LYS A 111 -15.20 19.57 22.78
N HIS A 112 -15.86 20.73 22.65
CA HIS A 112 -17.23 20.81 22.09
C HIS A 112 -17.22 20.17 20.72
N SER A 113 -18.06 19.17 20.53
CA SER A 113 -18.05 18.39 19.34
C SER A 113 -19.46 18.14 18.94
N PRO A 114 -20.09 19.09 18.21
CA PRO A 114 -21.47 18.99 17.71
C PRO A 114 -21.82 17.62 17.14
N MET A 115 -23.06 17.17 17.32
CA MET A 115 -23.45 15.93 16.69
C MET A 115 -24.44 16.20 15.54
N VAL A 116 -24.95 17.43 15.45
CA VAL A 116 -25.63 17.91 14.25
C VAL A 116 -24.98 19.19 13.75
N ALA A 117 -25.30 19.62 12.52
CA ALA A 117 -24.70 20.83 11.98
C ALA A 117 -25.38 22.08 12.54
N LYS A 118 -24.58 23.02 13.01
CA LYS A 118 -25.10 24.29 13.45
C LYS A 118 -26.20 24.83 12.54
N SER A 119 -25.95 24.84 11.24
CA SER A 119 -26.92 25.38 10.32
C SER A 119 -28.21 24.56 10.33
N THR A 120 -28.09 23.25 10.49
CA THR A 120 -29.30 22.45 10.67
C THR A 120 -30.00 22.87 11.95
N LEU A 121 -29.30 22.98 13.08
CA LEU A 121 -29.93 23.46 14.33
C LEU A 121 -30.71 24.75 14.13
N ASP A 122 -30.04 25.73 13.54
CA ASP A 122 -30.66 27.01 13.27
C ASP A 122 -31.89 26.96 12.37
N ILE A 123 -31.90 26.12 11.35
CA ILE A 123 -33.11 26.01 10.56
C ILE A 123 -34.20 25.46 11.46
N VAL A 124 -33.80 24.61 12.44
CA VAL A 124 -34.74 23.95 13.39
C VAL A 124 -35.31 24.88 14.45
N LEU A 125 -34.43 25.55 15.21
CA LEU A 125 -34.85 26.53 16.22
C LEU A 125 -35.76 27.55 15.62
N ALA A 126 -35.38 28.11 14.49
CA ALA A 126 -36.23 29.05 13.72
C ALA A 126 -37.59 28.49 13.29
N ASN A 127 -37.76 27.19 13.37
CA ASN A 127 -39.01 26.57 13.00
C ASN A 127 -39.51 25.59 14.02
N LYS A 128 -38.95 25.69 15.23
CA LYS A 128 -39.43 25.00 16.43
C LYS A 128 -40.86 24.47 16.30
N ASP A 129 -41.85 25.34 16.55
CA ASP A 129 -43.24 24.90 16.73
C ASP A 129 -43.67 23.99 15.60
N ARG A 130 -43.59 24.48 14.38
CA ARG A 130 -44.08 23.78 13.20
C ARG A 130 -43.53 22.36 13.12
N LEU A 131 -42.20 22.25 13.23
CA LEU A 131 -41.52 20.97 13.10
C LEU A 131 -41.84 20.05 14.28
N ASN A 132 -41.54 20.55 15.48
CA ASN A 132 -41.84 19.87 16.73
C ASN A 132 -43.18 19.13 16.73
N SER A 133 -44.23 19.84 16.34
CA SER A 133 -45.57 19.28 16.30
C SER A 133 -45.99 18.50 15.00
N ALA A 134 -45.18 18.55 13.94
CA ALA A 134 -45.38 17.66 12.78
C ALA A 134 -45.10 16.17 13.08
N ILE A 135 -44.28 15.92 14.11
CA ILE A 135 -43.93 14.57 14.56
C ILE A 135 -45.18 13.88 15.12
N ILE A 136 -45.33 12.60 14.81
CA ILE A 136 -46.25 11.73 15.49
C ILE A 136 -45.39 10.65 16.13
N TYR A 137 -45.10 10.79 17.42
CA TYR A 137 -44.27 9.79 18.06
C TYR A 137 -44.95 8.44 18.12
N ASP A 138 -46.20 8.37 17.69
CA ASP A 138 -46.84 7.07 17.56
C ASP A 138 -46.13 6.19 16.56
N ARG A 139 -45.64 6.82 15.50
CA ARG A 139 -45.08 6.11 14.36
C ARG A 139 -43.88 5.23 14.71
N ASP A 140 -43.20 5.60 15.80
CA ASP A 140 -42.17 4.75 16.39
C ASP A 140 -42.65 3.34 16.65
N PHE A 141 -43.95 3.15 16.89
CA PHE A 141 -44.40 1.83 17.27
C PHE A 141 -44.64 0.93 16.10
N SER A 142 -44.49 1.44 14.88
CA SER A 142 -44.73 0.61 13.70
C SER A 142 -43.58 -0.32 13.29
N TYR A 143 -42.35 0.03 13.69
CA TYR A 143 -41.18 -0.84 13.52
C TYR A 143 -41.36 -2.17 14.25
N ASN A 144 -41.01 -3.27 13.59
CA ASN A 144 -41.04 -4.59 14.24
C ASN A 144 -39.77 -4.74 15.07
N TYR A 145 -39.80 -5.66 16.02
CA TYR A 145 -38.78 -5.70 17.05
C TYR A 145 -37.37 -5.76 16.51
N PHE A 146 -37.17 -6.45 15.42
CA PHE A 146 -35.81 -6.60 14.94
C PHE A 146 -35.40 -5.40 14.09
N GLY A 147 -36.38 -4.69 13.55
CA GLY A 147 -36.07 -3.49 12.83
C GLY A 147 -35.66 -2.44 13.84
N PHE A 148 -36.34 -2.45 14.99
CA PHE A 148 -36.13 -1.43 15.98
C PHE A 148 -34.72 -1.57 16.51
N LYS A 149 -34.37 -2.81 16.86
CA LYS A 149 -33.07 -3.09 17.43
C LYS A 149 -31.96 -2.67 16.46
N THR A 150 -32.23 -2.77 15.17
CA THR A 150 -31.27 -2.43 14.13
C THR A 150 -31.09 -0.92 14.14
N LEU A 151 -32.21 -0.20 14.22
CA LEU A 151 -32.16 1.28 14.30
C LEU A 151 -31.41 1.69 15.53
N GLU A 152 -31.86 1.19 16.67
CA GLU A 152 -31.30 1.55 17.95
C GLU A 152 -29.78 1.32 17.98
N ARG A 153 -29.31 0.25 17.34
CA ARG A 153 -27.90 -0.10 17.32
C ARG A 153 -26.99 0.95 16.64
N SER A 154 -27.43 1.52 15.51
CA SER A 154 -26.54 2.30 14.63
C SER A 154 -27.10 3.58 14.04
N TYR A 155 -28.40 3.82 14.21
CA TYR A 155 -29.10 4.82 13.45
C TYR A 155 -29.59 5.96 14.28
N LEU A 156 -29.81 5.72 15.56
CA LEU A 156 -30.25 6.80 16.43
C LEU A 156 -29.01 7.31 17.16
N LEU A 157 -28.73 8.59 17.01
CA LEU A 157 -27.57 9.19 17.60
C LEU A 157 -27.58 8.96 19.10
N LYS A 158 -26.42 8.67 19.65
CA LYS A 158 -26.25 8.48 21.10
C LYS A 158 -25.58 9.70 21.69
N ILE A 159 -25.76 9.94 22.98
CA ILE A 159 -24.94 10.95 23.65
C ILE A 159 -23.76 10.25 24.35
N ASN A 160 -23.96 9.85 25.60
CA ASN A 160 -22.87 9.11 26.26
C ASN A 160 -23.26 7.66 26.40
N GLY A 161 -23.27 6.98 25.25
CA GLY A 161 -23.73 5.60 25.17
C GLY A 161 -25.21 5.44 25.29
N LYS A 162 -25.88 6.54 25.63
CA LYS A 162 -27.30 6.57 25.80
C LYS A 162 -27.91 7.13 24.53
N VAL A 163 -28.92 6.44 24.00
CA VAL A 163 -29.58 6.87 22.76
C VAL A 163 -30.34 8.13 23.06
N ALA A 164 -30.07 9.17 22.28
CA ALA A 164 -30.70 10.48 22.46
C ALA A 164 -31.90 10.68 21.54
N GLU A 165 -31.84 10.12 20.34
CA GLU A 165 -32.90 10.32 19.38
C GLU A 165 -33.91 9.19 19.42
N ARG A 166 -35.18 9.54 19.41
CA ARG A 166 -36.22 8.61 18.98
C ARG A 166 -36.13 8.44 17.46
N PRO A 167 -36.69 7.34 16.94
CA PRO A 167 -36.64 7.19 15.49
C PRO A 167 -37.29 8.34 14.75
N GLN A 168 -38.38 8.88 15.28
CA GLN A 168 -39.03 10.01 14.61
C GLN A 168 -38.10 11.20 14.58
N HIS A 169 -37.20 11.29 15.55
CA HIS A 169 -36.27 12.40 15.61
C HIS A 169 -35.28 12.39 14.46
N MET A 170 -34.61 11.25 14.32
CA MET A 170 -33.71 10.97 13.20
C MET A 170 -34.38 11.25 11.90
N LEU A 171 -35.55 10.63 11.70
CA LEU A 171 -36.33 10.86 10.49
C LEU A 171 -36.52 12.34 10.21
N MET A 172 -36.93 13.11 11.22
CA MET A 172 -37.03 14.60 11.10
C MET A 172 -35.71 15.31 10.94
N ARG A 173 -34.62 14.72 11.43
CA ARG A 173 -33.31 15.31 11.20
C ARG A 173 -32.91 15.07 9.73
N VAL A 174 -33.17 13.87 9.22
CA VAL A 174 -32.83 13.56 7.86
C VAL A 174 -33.61 14.45 6.90
N SER A 175 -34.85 14.78 7.22
CA SER A 175 -35.65 15.59 6.31
C SER A 175 -35.24 17.06 6.22
N VAL A 176 -35.05 17.69 7.36
CA VAL A 176 -34.67 19.09 7.41
C VAL A 176 -33.17 19.22 7.08
N GLY A 177 -32.48 18.08 7.05
CA GLY A 177 -31.10 18.06 6.58
C GLY A 177 -31.02 17.99 5.06
N ILE A 178 -31.98 17.30 4.47
CA ILE A 178 -32.09 17.27 3.02
C ILE A 178 -32.72 18.58 2.51
N HIS A 179 -33.86 18.99 3.09
CA HIS A 179 -34.62 20.12 2.54
C HIS A 179 -34.30 21.53 3.09
N LYS A 180 -33.36 21.58 4.04
CA LYS A 180 -32.90 22.81 4.64
C LYS A 180 -34.09 23.77 4.90
N GLU A 181 -34.08 25.00 4.38
CA GLU A 181 -35.20 25.92 4.63
C GLU A 181 -36.61 25.53 4.15
N ASP A 182 -36.71 24.57 3.22
CA ASP A 182 -38.00 24.28 2.67
C ASP A 182 -38.77 23.36 3.61
N ILE A 183 -39.35 24.00 4.62
CA ILE A 183 -40.12 23.30 5.64
C ILE A 183 -41.18 22.40 5.01
N ASP A 184 -42.04 22.95 4.15
CA ASP A 184 -43.06 22.15 3.48
C ASP A 184 -42.45 20.86 2.91
N ALA A 185 -41.39 21.01 2.12
CA ALA A 185 -40.72 19.86 1.52
C ALA A 185 -40.22 18.89 2.57
N ALA A 186 -39.66 19.45 3.65
CA ALA A 186 -39.11 18.66 4.75
C ALA A 186 -40.22 17.87 5.41
N ILE A 187 -41.34 18.54 5.69
CA ILE A 187 -42.45 17.92 6.38
C ILE A 187 -43.08 16.82 5.54
N GLU A 188 -43.15 17.06 4.23
CA GLU A 188 -43.53 16.04 3.25
C GLU A 188 -42.67 14.78 3.40
N THR A 189 -41.37 14.94 3.21
CA THR A 189 -40.46 13.80 3.29
C THR A 189 -40.59 13.06 4.62
N TYR A 190 -40.59 13.77 5.73
CA TYR A 190 -40.85 13.16 7.05
C TYR A 190 -42.05 12.13 7.09
N ASN A 191 -43.24 12.56 6.64
CA ASN A 191 -44.41 11.69 6.55
C ASN A 191 -44.21 10.48 5.64
N LEU A 192 -43.58 10.71 4.50
CA LEU A 192 -43.29 9.60 3.64
C LEU A 192 -42.34 8.63 4.35
N LEU A 193 -41.29 9.15 5.02
CA LEU A 193 -40.32 8.29 5.69
C LEU A 193 -40.94 7.55 6.88
N SER A 194 -41.62 8.27 7.76
CA SER A 194 -42.13 7.70 8.98
C SER A 194 -43.31 6.79 8.73
N GLU A 195 -44.10 7.08 7.71
CA GLU A 195 -45.15 6.14 7.33
C GLU A 195 -44.66 4.94 6.48
N ARG A 196 -43.33 4.81 6.38
CA ARG A 196 -42.66 3.65 5.79
C ARG A 196 -42.84 3.47 4.29
N TRP A 197 -43.11 4.55 3.56
CA TRP A 197 -43.40 4.45 2.11
C TRP A 197 -42.12 4.23 1.26
N PHE A 198 -41.02 4.78 1.74
CA PHE A 198 -39.71 4.64 1.13
C PHE A 198 -38.67 5.03 2.18
N THR A 199 -37.42 4.70 1.92
CA THR A 199 -36.33 5.19 2.77
C THR A 199 -35.10 5.47 1.96
N HIS A 200 -34.32 6.44 2.45
CA HIS A 200 -33.03 6.75 1.92
C HIS A 200 -32.06 5.68 2.35
N ALA A 201 -30.88 5.65 1.72
CA ALA A 201 -29.87 4.70 2.10
C ALA A 201 -29.15 5.11 3.39
N SER A 202 -28.61 4.12 4.08
CA SER A 202 -27.90 4.33 5.35
C SER A 202 -26.99 5.54 5.36
N PRO A 203 -26.06 5.67 4.39
CA PRO A 203 -25.23 6.88 4.44
C PRO A 203 -26.04 8.15 4.74
N THR A 204 -27.21 8.30 4.08
CA THR A 204 -28.07 9.45 4.36
C THR A 204 -28.68 9.41 5.75
N LEU A 205 -29.15 8.24 6.19
CA LEU A 205 -29.71 8.12 7.52
C LEU A 205 -28.66 8.42 8.57
N PHE A 206 -27.44 7.90 8.42
CA PHE A 206 -26.35 8.30 9.29
C PHE A 206 -26.02 9.82 9.28
N ASN A 207 -25.81 10.41 8.10
CA ASN A 207 -25.23 11.78 8.04
C ASN A 207 -26.09 13.00 7.70
N ALA A 208 -27.27 12.82 7.12
CA ALA A 208 -28.12 13.96 6.80
C ALA A 208 -28.19 14.82 8.05
N GLY A 209 -28.07 16.13 7.89
CA GLY A 209 -28.16 17.06 9.02
C GLY A 209 -26.94 17.23 9.92
N THR A 210 -25.96 16.34 9.77
CA THR A 210 -24.70 16.42 10.51
C THR A 210 -23.63 17.25 9.80
N ASN A 211 -22.37 17.09 10.20
CA ASN A 211 -21.25 17.93 9.70
C ASN A 211 -20.53 17.47 8.45
N ARG A 212 -19.76 16.39 8.50
CA ARG A 212 -19.32 15.79 7.24
C ARG A 212 -20.59 15.04 6.77
N PRO A 213 -21.39 15.66 5.88
CA PRO A 213 -22.60 15.01 5.42
C PRO A 213 -22.30 14.17 4.19
N GLN A 214 -21.37 13.23 4.34
CA GLN A 214 -21.10 12.28 3.31
C GLN A 214 -22.36 11.45 3.15
N LEU A 215 -23.17 11.79 2.17
CA LEU A 215 -24.47 11.15 2.02
C LEU A 215 -24.52 10.14 0.87
N SER A 216 -23.36 9.78 0.33
CA SER A 216 -23.30 8.94 -0.86
C SER A 216 -22.89 7.53 -0.57
N SER A 217 -23.54 6.59 -1.25
CA SER A 217 -23.38 5.18 -0.90
C SER A 217 -22.28 4.46 -1.70
N CYS A 218 -22.06 4.89 -2.94
CA CYS A 218 -21.10 4.18 -3.79
C CYS A 218 -20.28 5.06 -4.68
N PHE A 219 -19.08 4.55 -4.96
CA PHE A 219 -18.07 5.22 -5.77
C PHE A 219 -17.43 4.29 -6.84
N LEU A 220 -17.36 4.80 -8.07
CA LEU A 220 -16.64 4.14 -9.13
C LEU A 220 -15.39 4.96 -9.45
N LEU A 221 -14.27 4.29 -9.69
CA LEU A 221 -13.10 4.98 -10.23
C LEU A 221 -12.22 4.15 -11.15
N SER A 222 -11.80 4.77 -12.25
CA SER A 222 -10.89 4.16 -13.20
C SER A 222 -9.53 4.44 -12.70
N MET A 223 -8.70 3.42 -12.66
CA MET A 223 -7.27 3.53 -12.41
C MET A 223 -6.66 4.61 -13.32
N LYS A 224 -5.81 5.50 -12.77
CA LYS A 224 -5.38 6.71 -13.49
C LYS A 224 -4.56 6.41 -14.77
N ASP A 225 -3.23 6.46 -14.67
CA ASP A 225 -2.37 6.00 -15.75
C ASP A 225 -1.82 4.62 -15.37
N ASP A 226 -0.99 4.04 -16.22
CA ASP A 226 -0.35 2.77 -15.95
C ASP A 226 1.05 3.05 -15.41
N SER A 227 1.14 3.83 -14.34
CA SER A 227 2.42 4.18 -13.75
C SER A 227 2.44 3.91 -12.24
N ILE A 228 3.62 3.99 -11.65
CA ILE A 228 3.76 3.97 -10.19
C ILE A 228 3.18 5.26 -9.62
N GLU A 229 3.48 6.41 -10.23
CA GLU A 229 2.83 7.68 -9.87
C GLU A 229 1.33 7.47 -9.95
N GLY A 230 0.88 6.95 -11.07
CA GLY A 230 -0.55 6.88 -11.32
C GLY A 230 -1.27 5.95 -10.39
N ILE A 231 -0.62 4.82 -10.10
CA ILE A 231 -1.22 3.76 -9.27
C ILE A 231 -1.42 4.31 -7.87
N TYR A 232 -0.36 4.90 -7.36
CA TYR A 232 -0.37 5.34 -6.02
C TYR A 232 -1.36 6.46 -5.77
N ASP A 233 -1.52 7.37 -6.73
CA ASP A 233 -2.54 8.44 -6.69
C ASP A 233 -3.93 7.87 -6.54
N THR A 234 -4.24 6.87 -7.36
CA THR A 234 -5.50 6.14 -7.30
C THR A 234 -5.70 5.47 -5.95
N LEU A 235 -4.64 4.84 -5.46
CA LEU A 235 -4.66 4.26 -4.12
C LEU A 235 -5.05 5.33 -3.13
N LYS A 236 -4.32 6.45 -3.11
CA LYS A 236 -4.53 7.52 -2.16
C LYS A 236 -5.96 7.96 -2.16
N GLN A 237 -6.63 7.75 -3.28
CA GLN A 237 -7.98 8.21 -3.52
C GLN A 237 -8.90 7.20 -2.87
N CYS A 238 -8.55 5.94 -3.03
CA CYS A 238 -9.31 4.88 -2.44
C CYS A 238 -9.29 4.93 -0.90
N ALA A 239 -8.11 5.13 -0.33
CA ALA A 239 -7.98 5.31 1.09
C ALA A 239 -8.89 6.42 1.59
N LEU A 240 -8.84 7.60 0.99
CA LEU A 240 -9.72 8.68 1.38
C LEU A 240 -11.18 8.32 1.21
N ILE A 241 -11.51 7.66 0.10
CA ILE A 241 -12.90 7.31 -0.13
C ILE A 241 -13.33 6.29 0.93
N SER A 242 -12.42 5.36 1.21
CA SER A 242 -12.64 4.39 2.26
C SER A 242 -12.82 5.08 3.62
N LYS A 243 -11.92 5.98 3.97
CA LYS A 243 -12.02 6.69 5.24
C LYS A 243 -13.40 7.36 5.35
N SER A 244 -14.05 7.63 4.20
CA SER A 244 -15.39 8.20 4.20
C SER A 244 -16.42 7.10 4.19
N ALA A 245 -15.98 5.91 4.56
CA ALA A 245 -16.74 4.65 4.48
C ALA A 245 -17.62 4.51 3.22
N GLY A 246 -17.11 4.99 2.08
CA GLY A 246 -17.71 4.72 0.78
C GLY A 246 -17.31 3.29 0.40
N GLY A 247 -18.14 2.66 -0.45
CA GLY A 247 -17.83 1.39 -1.06
C GLY A 247 -17.45 1.65 -2.50
N ILE A 248 -16.33 1.08 -2.94
CA ILE A 248 -15.77 1.40 -4.26
C ILE A 248 -15.84 0.25 -5.27
N GLY A 249 -15.79 0.62 -6.55
CA GLY A 249 -15.38 -0.29 -7.66
C GLY A 249 -14.18 0.30 -8.42
N VAL A 250 -13.18 -0.52 -8.67
CA VAL A 250 -11.99 -0.03 -9.36
C VAL A 250 -11.82 -0.83 -10.63
N ALA A 251 -11.60 -0.11 -11.74
CA ALA A 251 -11.28 -0.69 -13.02
C ALA A 251 -9.78 -0.82 -13.08
N VAL A 252 -9.29 -2.05 -13.14
CA VAL A 252 -7.85 -2.27 -13.04
C VAL A 252 -7.19 -2.68 -14.37
N SER A 253 -8.01 -2.89 -15.41
CA SER A 253 -7.61 -3.54 -16.66
C SER A 253 -6.52 -2.87 -17.49
N CYS A 254 -6.22 -1.62 -17.23
CA CYS A 254 -5.21 -0.94 -18.01
C CYS A 254 -3.80 -1.02 -17.41
N ILE A 255 -3.61 -1.85 -16.38
CA ILE A 255 -2.29 -1.94 -15.77
C ILE A 255 -1.45 -2.99 -16.48
N ARG A 256 -0.16 -2.74 -16.63
CA ARG A 256 0.74 -3.72 -17.26
C ARG A 256 0.63 -5.11 -16.62
N ALA A 257 0.78 -6.17 -17.42
CA ALA A 257 0.81 -7.54 -16.89
C ALA A 257 2.20 -8.01 -16.44
N THR A 258 2.24 -9.16 -15.74
CA THR A 258 3.47 -9.62 -15.10
C THR A 258 4.41 -9.97 -16.20
N GLY A 259 5.68 -9.56 -16.07
CA GLY A 259 6.65 -9.78 -17.14
C GLY A 259 6.80 -8.60 -18.10
N SER A 260 5.71 -7.89 -18.41
CA SER A 260 5.72 -6.70 -19.29
C SER A 260 6.90 -5.81 -19.01
N TYR A 261 7.30 -4.99 -19.99
CA TYR A 261 8.55 -4.26 -19.86
C TYR A 261 8.42 -2.92 -19.12
N ILE A 262 9.38 -2.67 -18.23
CA ILE A 262 9.47 -1.39 -17.56
C ILE A 262 10.67 -0.66 -18.11
N ALA A 263 10.39 0.35 -18.93
CA ALA A 263 11.42 1.00 -19.75
C ALA A 263 12.34 1.88 -18.93
N GLY A 264 11.75 2.70 -18.06
CA GLY A 264 12.50 3.59 -17.20
C GLY A 264 13.49 2.85 -16.32
N THR A 265 13.07 1.81 -15.62
CA THR A 265 13.95 1.19 -14.65
C THR A 265 14.90 0.31 -15.41
N ASN A 266 14.32 -0.59 -16.22
CA ASN A 266 15.02 -1.52 -17.10
C ASN A 266 14.56 -2.96 -16.87
N GLY A 267 13.65 -3.14 -15.92
CA GLY A 267 13.18 -4.47 -15.54
C GLY A 267 11.76 -4.79 -15.95
N ASN A 268 11.09 -5.59 -15.12
CA ASN A 268 9.82 -6.24 -15.47
C ASN A 268 8.65 -6.02 -14.52
N SER A 269 7.55 -5.50 -15.04
CA SER A 269 6.36 -5.26 -14.24
C SER A 269 5.99 -6.49 -13.41
N ASN A 270 5.61 -6.25 -12.15
CA ASN A 270 5.30 -7.36 -11.24
C ASN A 270 3.90 -7.87 -11.38
N GLY A 271 3.10 -7.20 -12.20
CA GLY A 271 1.80 -7.70 -12.52
C GLY A 271 0.78 -7.21 -11.55
N LEU A 272 -0.41 -7.76 -11.67
CA LEU A 272 -1.57 -7.26 -10.92
C LEU A 272 -1.63 -7.74 -9.49
N VAL A 273 -1.06 -8.90 -9.21
CA VAL A 273 -1.18 -9.47 -7.89
C VAL A 273 -0.44 -8.63 -6.84
N PRO A 274 0.88 -8.43 -6.96
CA PRO A 274 1.55 -7.56 -5.98
C PRO A 274 0.87 -6.17 -5.79
N MET A 275 0.30 -5.63 -6.86
CA MET A 275 -0.25 -4.30 -6.80
C MET A 275 -1.55 -4.41 -6.10
N LEU A 276 -2.27 -5.49 -6.38
CA LEU A 276 -3.56 -5.71 -5.77
C LEU A 276 -3.41 -6.04 -4.30
N ARG A 277 -2.27 -6.67 -3.98
CA ARG A 277 -1.99 -6.94 -2.62
C ARG A 277 -1.75 -5.63 -1.85
N VAL A 278 -1.35 -4.55 -2.52
CA VAL A 278 -1.20 -3.28 -1.78
C VAL A 278 -2.55 -2.65 -1.45
N TYR A 279 -3.50 -2.85 -2.34
CA TYR A 279 -4.84 -2.31 -2.17
C TYR A 279 -5.51 -3.10 -1.09
N ASN A 280 -5.09 -4.35 -0.95
CA ASN A 280 -5.80 -5.20 -0.07
C ASN A 280 -5.58 -4.68 1.31
N ASN A 281 -4.30 -4.64 1.69
CA ASN A 281 -3.86 -4.11 2.96
C ASN A 281 -4.27 -2.66 3.22
N THR A 282 -4.66 -1.94 2.18
CA THR A 282 -5.23 -0.64 2.35
C THR A 282 -6.66 -0.83 2.82
N ALA A 283 -7.41 -1.74 2.19
CA ALA A 283 -8.80 -1.98 2.61
C ALA A 283 -8.84 -2.45 4.05
N ARG A 284 -7.87 -3.25 4.47
CA ARG A 284 -7.78 -3.66 5.88
C ARG A 284 -7.51 -2.50 6.80
N TYR A 285 -6.60 -1.61 6.38
CA TYR A 285 -6.09 -0.52 7.21
C TYR A 285 -7.12 0.55 7.39
N VAL A 286 -7.64 1.07 6.29
CA VAL A 286 -8.61 2.15 6.43
C VAL A 286 -10.02 1.64 6.44
N ASP A 287 -10.35 1.01 7.56
CA ASP A 287 -11.60 0.30 7.74
C ASP A 287 -12.44 1.05 8.71
N GLN A 288 -12.66 2.34 8.43
CA GLN A 288 -13.41 3.22 9.33
C GLN A 288 -12.69 3.52 10.66
N GLY A 289 -11.63 2.78 10.98
CA GLY A 289 -10.90 2.97 12.23
C GLY A 289 -11.38 2.05 13.33
N GLY A 290 -10.81 0.87 13.41
CA GLY A 290 -11.20 -0.07 14.46
C GLY A 290 -11.34 -1.48 13.93
N ASN A 291 -12.57 -1.94 13.77
CA ASN A 291 -12.85 -3.37 13.51
C ASN A 291 -13.46 -3.84 12.17
N LYS A 292 -13.88 -5.12 12.17
CA LYS A 292 -14.30 -5.90 10.99
C LYS A 292 -15.19 -5.21 9.95
N ARG A 293 -15.16 -5.79 8.74
CA ARG A 293 -15.53 -5.13 7.49
C ARG A 293 -14.36 -4.22 7.09
N PRO A 294 -13.23 -4.78 6.60
CA PRO A 294 -12.26 -3.92 5.93
C PRO A 294 -12.87 -2.99 4.84
N GLY A 295 -12.29 -1.81 4.65
CA GLY A 295 -12.68 -0.87 3.61
C GLY A 295 -13.64 -1.31 2.49
N ALA A 296 -13.38 -2.44 1.83
CA ALA A 296 -14.30 -3.00 0.80
C ALA A 296 -14.22 -2.36 -0.59
N PHE A 297 -13.38 -2.98 -1.44
CA PHE A 297 -13.17 -2.62 -2.86
C PHE A 297 -13.56 -3.77 -3.79
N ALA A 298 -14.23 -3.46 -4.91
CA ALA A 298 -14.43 -4.42 -5.99
C ALA A 298 -13.44 -4.09 -7.09
N ILE A 299 -12.54 -5.02 -7.37
CA ILE A 299 -11.58 -4.91 -8.47
C ILE A 299 -12.19 -5.51 -9.74
N TYR A 300 -12.17 -4.76 -10.84
CA TYR A 300 -12.79 -5.17 -12.12
C TYR A 300 -11.79 -5.46 -13.21
N LEU A 301 -11.66 -6.75 -13.57
CA LEU A 301 -10.84 -7.13 -14.72
C LEU A 301 -11.64 -7.46 -15.98
N GLU A 302 -11.02 -7.22 -17.11
CA GLU A 302 -11.54 -7.70 -18.38
C GLU A 302 -10.76 -8.98 -18.71
N PRO A 303 -11.47 -10.00 -19.22
CA PRO A 303 -10.87 -11.34 -19.27
C PRO A 303 -9.87 -11.52 -20.41
N TRP A 304 -9.57 -10.46 -21.15
CA TRP A 304 -8.51 -10.52 -22.13
C TRP A 304 -7.12 -10.30 -21.52
N HIS A 305 -7.10 -9.72 -20.32
CA HIS A 305 -5.86 -9.30 -19.65
C HIS A 305 -5.01 -10.51 -19.32
N LEU A 306 -3.71 -10.43 -19.57
CA LEU A 306 -2.82 -11.57 -19.37
C LEU A 306 -2.91 -12.16 -17.96
N ASP A 307 -3.02 -11.29 -16.96
CA ASP A 307 -3.06 -11.73 -15.56
C ASP A 307 -4.38 -12.39 -15.07
N ILE A 308 -5.38 -12.49 -15.95
CA ILE A 308 -6.71 -13.00 -15.59
C ILE A 308 -6.71 -14.30 -14.78
N PHE A 309 -5.80 -15.20 -15.12
CA PHE A 309 -5.81 -16.52 -14.49
C PHE A 309 -5.45 -16.47 -13.01
N GLU A 310 -4.53 -15.58 -12.63
CA GLU A 310 -4.10 -15.41 -11.23
C GLU A 310 -5.10 -14.54 -10.48
N PHE A 311 -5.59 -13.50 -11.16
CA PHE A 311 -6.63 -12.64 -10.63
C PHE A 311 -7.82 -13.45 -10.13
N LEU A 312 -8.01 -14.63 -10.69
CA LEU A 312 -9.14 -15.45 -10.31
C LEU A 312 -8.91 -16.30 -9.06
N ASP A 313 -7.67 -16.34 -8.59
CA ASP A 313 -7.38 -17.22 -7.49
C ASP A 313 -7.03 -16.41 -6.27
N LEU A 314 -7.27 -15.11 -6.38
CA LEU A 314 -6.96 -14.14 -5.33
C LEU A 314 -7.81 -14.31 -4.08
N LYS A 315 -9.03 -14.81 -4.26
CA LYS A 315 -9.93 -15.02 -3.13
C LYS A 315 -9.96 -16.48 -2.58
N LYS A 316 -9.38 -17.41 -3.34
CA LYS A 316 -9.30 -18.80 -2.87
C LYS A 316 -8.77 -18.88 -1.44
N ASN A 317 -9.33 -19.80 -0.65
CA ASN A 317 -8.81 -20.05 0.70
C ASN A 317 -7.62 -21.00 0.75
N THR A 318 -6.52 -20.64 0.09
CA THR A 318 -5.31 -21.49 0.02
C THR A 318 -4.01 -20.71 -0.15
N GLY A 319 -2.96 -21.18 0.52
CA GLY A 319 -1.73 -20.41 0.79
C GLY A 319 -0.85 -19.91 -0.35
N LYS A 320 0.41 -19.61 -0.02
CA LYS A 320 1.26 -18.66 -0.77
C LYS A 320 0.62 -17.26 -0.63
N GLU A 321 0.70 -16.74 0.59
CA GLU A 321 -0.04 -15.54 1.05
C GLU A 321 0.25 -14.33 0.20
N GLU A 322 1.49 -14.26 -0.27
CA GLU A 322 1.94 -13.26 -1.23
C GLU A 322 1.21 -13.35 -2.58
N GLN A 323 0.24 -14.25 -2.68
CA GLN A 323 -0.47 -14.46 -3.91
C GLN A 323 -1.96 -14.51 -3.69
N ARG A 324 -2.38 -14.09 -2.50
CA ARG A 324 -3.80 -13.92 -2.26
C ARG A 324 -4.06 -12.48 -1.93
N ALA A 325 -5.29 -12.07 -2.19
CA ALA A 325 -5.77 -10.74 -1.88
C ALA A 325 -7.22 -10.87 -1.38
N ARG A 326 -7.37 -11.52 -0.21
CA ARG A 326 -8.66 -12.05 0.22
C ARG A 326 -9.67 -11.06 0.78
N ASP A 327 -9.23 -9.86 1.16
CA ASP A 327 -10.17 -8.85 1.66
C ASP A 327 -10.69 -7.97 0.52
N LEU A 328 -10.23 -8.23 -0.70
CA LEU A 328 -10.83 -7.54 -1.85
C LEU A 328 -12.04 -8.32 -2.37
N PHE A 329 -12.83 -7.67 -3.23
CA PHE A 329 -13.95 -8.32 -3.88
C PHE A 329 -13.63 -8.23 -5.36
N PHE A 330 -14.17 -9.14 -6.16
CA PHE A 330 -13.72 -9.30 -7.55
C PHE A 330 -14.83 -9.45 -8.57
N ALA A 331 -14.67 -8.80 -9.72
CA ALA A 331 -15.70 -8.77 -10.75
C ALA A 331 -15.11 -8.82 -12.16
N LEU A 332 -15.82 -9.51 -13.06
CA LEU A 332 -15.44 -9.52 -14.47
C LEU A 332 -16.23 -8.52 -15.29
N TRP A 333 -15.50 -7.67 -15.98
CA TRP A 333 -16.04 -6.79 -17.00
C TRP A 333 -15.91 -7.58 -18.31
N ILE A 334 -16.98 -8.30 -18.67
CA ILE A 334 -16.95 -9.28 -19.75
C ILE A 334 -17.47 -8.71 -21.06
N PRO A 335 -16.61 -8.74 -22.12
CA PRO A 335 -17.07 -8.35 -23.45
C PRO A 335 -17.80 -9.51 -24.14
N ASP A 336 -18.66 -9.15 -25.10
CA ASP A 336 -19.40 -10.09 -25.94
C ASP A 336 -18.50 -11.12 -26.63
N LEU A 337 -17.53 -10.63 -27.40
CA LEU A 337 -16.58 -11.48 -28.07
C LEU A 337 -16.26 -12.69 -27.22
N PHE A 338 -15.87 -12.47 -25.95
CA PHE A 338 -15.51 -13.57 -25.06
C PHE A 338 -16.62 -14.63 -24.93
N MET A 339 -17.85 -14.20 -24.75
CA MET A 339 -18.93 -15.15 -24.57
C MET A 339 -19.10 -16.01 -25.84
N LYS A 340 -18.96 -15.37 -27.01
CA LYS A 340 -19.06 -16.07 -28.29
C LYS A 340 -17.97 -17.13 -28.31
N ARG A 341 -16.72 -16.71 -28.12
CA ARG A 341 -15.58 -17.63 -28.21
C ARG A 341 -15.58 -18.79 -27.22
N VAL A 342 -16.30 -18.63 -26.12
CA VAL A 342 -16.63 -19.77 -25.28
C VAL A 342 -17.70 -20.62 -25.98
N GLU A 343 -18.92 -20.09 -26.08
CA GLU A 343 -20.07 -20.90 -26.52
C GLU A 343 -19.86 -21.62 -27.84
N THR A 344 -19.23 -20.95 -28.78
CA THR A 344 -18.80 -21.58 -30.01
C THR A 344 -17.32 -21.89 -29.85
N ASN A 345 -17.03 -23.05 -29.25
CA ASN A 345 -15.70 -23.46 -28.79
C ASN A 345 -14.53 -22.91 -29.61
N GLN A 346 -13.72 -22.06 -28.97
CA GLN A 346 -12.66 -21.33 -29.68
C GLN A 346 -11.48 -20.89 -28.84
N ASP A 347 -10.43 -20.44 -29.50
CA ASP A 347 -9.23 -19.96 -28.84
C ASP A 347 -9.49 -18.56 -28.31
N TRP A 348 -8.85 -18.22 -27.19
CA TRP A 348 -8.92 -16.88 -26.59
C TRP A 348 -7.51 -16.39 -26.28
N SER A 349 -7.19 -15.20 -26.77
CA SER A 349 -5.82 -14.72 -26.68
C SER A 349 -5.67 -13.57 -25.70
N LEU A 350 -4.80 -13.77 -24.72
CA LEU A 350 -4.60 -12.82 -23.64
C LEU A 350 -3.49 -11.87 -23.99
N MET A 351 -3.81 -10.59 -24.12
CA MET A 351 -2.77 -9.58 -24.30
C MET A 351 -2.36 -8.88 -22.99
N CYS A 352 -1.28 -8.09 -23.06
CA CYS A 352 -0.92 -7.13 -22.00
C CYS A 352 -1.37 -5.72 -22.41
N PRO A 353 -2.08 -4.99 -21.52
CA PRO A 353 -2.76 -3.78 -21.99
C PRO A 353 -1.74 -2.72 -22.38
N ASN A 354 -0.47 -3.10 -22.31
CA ASN A 354 0.62 -2.23 -22.71
C ASN A 354 1.11 -2.48 -24.12
N GLU A 355 1.25 -3.76 -24.49
CA GLU A 355 1.47 -4.15 -25.90
C GLU A 355 0.30 -3.64 -26.72
N CYS A 356 -0.90 -3.74 -26.14
CA CYS A 356 -2.15 -3.49 -26.84
C CYS A 356 -3.02 -2.43 -26.14
N PRO A 357 -2.68 -1.14 -26.35
CA PRO A 357 -3.41 0.04 -25.89
C PRO A 357 -4.93 0.02 -26.02
N GLY A 358 -5.58 0.76 -25.13
CA GLY A 358 -6.97 1.20 -25.28
C GLY A 358 -8.03 0.13 -25.47
N LEU A 359 -7.69 -1.09 -25.08
CA LEU A 359 -8.61 -2.20 -25.23
C LEU A 359 -9.86 -1.96 -24.37
N ASP A 360 -9.65 -1.28 -23.25
CA ASP A 360 -10.68 -1.00 -22.25
C ASP A 360 -11.54 0.22 -22.58
N GLU A 361 -11.04 1.08 -23.45
CA GLU A 361 -11.65 2.38 -23.70
C GLU A 361 -12.55 2.40 -24.92
N VAL A 362 -13.21 1.28 -25.17
CA VAL A 362 -13.99 1.12 -26.38
C VAL A 362 -14.77 -0.19 -26.22
N TRP A 363 -15.97 -0.27 -26.78
CA TRP A 363 -16.77 -1.46 -26.57
C TRP A 363 -17.36 -2.05 -27.86
N GLY A 364 -18.00 -3.22 -27.72
CA GLY A 364 -18.84 -3.81 -28.74
C GLY A 364 -18.21 -3.82 -30.10
N GLU A 365 -18.96 -3.35 -31.10
CA GLU A 365 -18.58 -3.42 -32.53
C GLU A 365 -17.16 -2.88 -32.69
N GLU A 366 -16.91 -1.67 -32.18
CA GLU A 366 -15.56 -1.07 -32.10
C GLU A 366 -14.55 -1.99 -31.39
N PHE A 367 -14.93 -2.51 -30.24
CA PHE A 367 -14.00 -3.32 -29.44
C PHE A 367 -13.50 -4.50 -30.20
N GLU A 368 -14.44 -5.30 -30.69
CA GLU A 368 -14.15 -6.49 -31.47
C GLU A 368 -13.20 -6.21 -32.65
N LYS A 369 -13.34 -5.04 -33.26
CA LYS A 369 -12.40 -4.61 -34.29
C LYS A 369 -10.97 -4.56 -33.75
N LEU A 370 -10.78 -3.84 -32.64
CA LEU A 370 -9.44 -3.57 -32.10
C LEU A 370 -8.71 -4.83 -31.64
N TYR A 371 -9.45 -5.71 -30.98
CA TYR A 371 -8.93 -6.96 -30.44
C TYR A 371 -8.45 -7.89 -31.56
N ALA A 372 -9.36 -8.19 -32.49
CA ALA A 372 -9.05 -9.01 -33.68
C ALA A 372 -7.91 -8.43 -34.52
N SER A 373 -7.82 -7.09 -34.50
CA SER A 373 -6.70 -6.36 -35.08
C SER A 373 -5.42 -6.73 -34.34
N TYR A 374 -5.29 -6.28 -33.08
CA TYR A 374 -4.14 -6.65 -32.23
C TYR A 374 -3.73 -8.12 -32.39
N GLU A 375 -4.75 -8.98 -32.38
CA GLU A 375 -4.58 -10.42 -32.48
C GLU A 375 -3.85 -10.83 -33.76
N LYS A 376 -4.56 -10.79 -34.90
CA LYS A 376 -3.98 -11.15 -36.19
C LYS A 376 -3.09 -10.00 -36.70
N GLN A 377 -1.99 -9.79 -35.97
CA GLN A 377 -1.10 -8.64 -36.08
C GLN A 377 0.13 -9.00 -35.25
N GLY A 378 0.01 -10.12 -34.55
CA GLY A 378 1.11 -10.67 -33.78
C GLY A 378 1.03 -10.46 -32.29
N ARG A 379 0.28 -9.42 -31.87
CA ARG A 379 0.32 -8.85 -30.50
C ARG A 379 -0.61 -9.50 -29.45
N VAL A 380 -0.57 -10.83 -29.41
CA VAL A 380 -1.08 -11.64 -28.31
C VAL A 380 0.13 -11.89 -27.39
N ARG A 381 -0.10 -12.29 -26.15
CA ARG A 381 1.00 -12.76 -25.32
C ARG A 381 0.81 -14.22 -24.86
N LYS A 382 -0.40 -14.73 -24.98
CA LYS A 382 -0.60 -16.11 -24.62
C LYS A 382 -1.96 -16.50 -25.13
N VAL A 383 -2.00 -17.57 -25.91
CA VAL A 383 -3.24 -18.07 -26.46
C VAL A 383 -3.72 -19.32 -25.73
N VAL A 384 -4.98 -19.29 -25.31
CA VAL A 384 -5.57 -20.40 -24.59
C VAL A 384 -6.93 -20.72 -25.19
N LYS A 385 -7.47 -21.88 -24.84
CA LYS A 385 -8.83 -22.21 -25.24
C LYS A 385 -9.78 -21.38 -24.35
N ALA A 386 -10.69 -20.63 -24.99
CA ALA A 386 -11.64 -19.74 -24.27
C ALA A 386 -12.48 -20.45 -23.24
N GLN A 387 -12.51 -21.77 -23.35
CA GLN A 387 -13.31 -22.64 -22.49
C GLN A 387 -12.51 -22.98 -21.26
N GLN A 388 -11.19 -23.01 -21.41
CA GLN A 388 -10.29 -23.30 -20.32
C GLN A 388 -10.33 -22.16 -19.29
N LEU A 389 -10.41 -20.94 -19.81
CA LEU A 389 -10.68 -19.78 -18.97
C LEU A 389 -12.10 -19.91 -18.41
N TRP A 390 -13.07 -20.10 -19.29
CA TRP A 390 -14.46 -20.14 -18.86
C TRP A 390 -14.62 -20.98 -17.62
N TYR A 391 -14.05 -22.20 -17.65
CA TYR A 391 -14.22 -23.10 -16.53
C TYR A 391 -13.44 -22.64 -15.30
N ALA A 392 -12.28 -22.00 -15.51
CA ALA A 392 -11.48 -21.38 -14.43
C ALA A 392 -12.27 -20.34 -13.63
N ILE A 393 -13.06 -19.54 -14.36
CA ILE A 393 -14.04 -18.63 -13.79
C ILE A 393 -14.99 -19.39 -12.87
N ILE A 394 -15.85 -20.20 -13.45
CA ILE A 394 -16.88 -20.89 -12.69
C ILE A 394 -16.32 -21.87 -11.66
N GLU A 395 -15.04 -22.18 -11.77
CA GLU A 395 -14.40 -22.98 -10.74
C GLU A 395 -14.18 -22.18 -9.47
N SER A 396 -14.08 -20.85 -9.59
CA SER A 396 -13.91 -20.01 -8.40
C SER A 396 -15.25 -19.60 -7.83
N GLN A 397 -16.24 -19.50 -8.70
CA GLN A 397 -17.57 -19.09 -8.31
C GLN A 397 -18.25 -20.21 -7.55
N THR A 398 -18.04 -21.44 -7.99
CA THR A 398 -18.61 -22.56 -7.26
C THR A 398 -17.86 -22.66 -5.97
N GLU A 399 -16.64 -22.16 -5.97
CA GLU A 399 -15.83 -22.18 -4.76
C GLU A 399 -16.12 -20.98 -3.86
N THR A 400 -16.07 -19.77 -4.42
CA THR A 400 -16.06 -18.57 -3.59
C THR A 400 -17.32 -17.74 -3.76
N GLY A 401 -18.08 -17.98 -4.82
CA GLY A 401 -19.30 -17.22 -5.04
C GLY A 401 -19.05 -16.06 -5.97
N THR A 402 -17.82 -15.55 -5.96
CA THR A 402 -17.37 -14.52 -6.90
C THR A 402 -16.35 -15.14 -7.86
N PRO A 403 -15.99 -14.45 -8.95
CA PRO A 403 -16.27 -13.07 -9.34
C PRO A 403 -17.68 -12.81 -9.83
N TYR A 404 -18.13 -11.56 -9.67
CA TYR A 404 -19.39 -11.10 -10.24
C TYR A 404 -19.27 -11.00 -11.76
N MET A 405 -20.40 -11.21 -12.43
CA MET A 405 -20.46 -11.23 -13.88
C MET A 405 -21.22 -10.02 -14.34
N LEU A 406 -20.55 -9.19 -15.11
CA LEU A 406 -21.20 -8.07 -15.78
C LEU A 406 -20.82 -8.03 -17.24
N TYR A 407 -21.78 -7.66 -18.06
CA TYR A 407 -21.53 -7.66 -19.48
C TYR A 407 -21.31 -6.26 -19.99
N LYS A 408 -20.03 -5.94 -20.08
CA LYS A 408 -19.50 -4.65 -20.48
C LYS A 408 -20.23 -4.09 -21.68
N ASP A 409 -20.41 -4.91 -22.72
CA ASP A 409 -21.03 -4.39 -23.92
C ASP A 409 -22.52 -4.06 -23.73
N SER A 410 -23.19 -4.85 -22.89
CA SER A 410 -24.59 -4.63 -22.59
C SER A 410 -24.80 -3.34 -21.81
N CYS A 411 -23.91 -3.07 -20.86
CA CYS A 411 -23.91 -1.85 -20.04
C CYS A 411 -23.67 -0.58 -20.82
N ASN A 412 -22.70 -0.64 -21.74
CA ASN A 412 -22.40 0.47 -22.62
C ASN A 412 -23.46 0.64 -23.68
N ARG A 413 -24.00 -0.47 -24.16
CA ARG A 413 -24.96 -0.40 -25.26
C ARG A 413 -26.18 0.40 -24.86
N LYS A 414 -26.57 0.31 -23.60
CA LYS A 414 -27.83 0.90 -23.19
C LYS A 414 -27.74 1.86 -22.00
N SER A 415 -26.62 2.54 -21.86
CA SER A 415 -26.49 3.53 -20.82
C SER A 415 -26.64 4.95 -21.35
N ASN A 416 -27.64 5.67 -20.85
CA ASN A 416 -27.86 7.08 -21.22
C ASN A 416 -26.64 7.98 -21.03
N GLN A 417 -25.59 7.43 -20.41
CA GLN A 417 -24.33 8.13 -20.22
C GLN A 417 -23.28 7.79 -21.27
N GLN A 418 -23.68 7.17 -22.40
CA GLN A 418 -22.70 6.59 -23.34
C GLN A 418 -22.02 7.60 -24.24
N ASN A 419 -22.44 8.84 -24.16
CA ASN A 419 -21.77 9.90 -24.92
C ASN A 419 -20.53 10.43 -24.24
N LEU A 420 -20.32 10.07 -22.99
CA LEU A 420 -19.20 10.64 -22.22
C LEU A 420 -17.93 9.87 -22.49
N GLY A 421 -18.08 8.69 -23.08
CA GLY A 421 -16.98 7.75 -23.32
C GLY A 421 -17.37 6.33 -22.94
N THR A 422 -16.38 5.45 -22.84
CA THR A 422 -16.68 4.07 -22.49
C THR A 422 -16.74 3.87 -20.98
N ILE A 423 -17.90 3.40 -20.51
CA ILE A 423 -18.04 2.99 -19.11
C ILE A 423 -17.10 1.81 -18.78
N LYS A 424 -16.13 2.08 -17.90
CA LYS A 424 -15.08 1.14 -17.59
C LYS A 424 -15.36 0.08 -16.53
N CYS A 425 -16.50 0.17 -15.83
CA CYS A 425 -16.92 -0.87 -14.86
C CYS A 425 -18.23 -0.59 -14.08
N SER A 426 -18.45 -1.35 -13.02
CA SER A 426 -19.52 -1.11 -12.05
C SER A 426 -18.98 -0.89 -10.60
N ASN A 427 -19.88 -0.69 -9.64
CA ASN A 427 -19.50 -0.46 -8.25
C ASN A 427 -19.37 -1.77 -7.46
N LEU A 428 -19.33 -1.62 -6.14
CA LEU A 428 -19.21 -2.75 -5.23
C LEU A 428 -20.36 -3.74 -5.32
N CYS A 429 -21.57 -3.25 -5.56
CA CYS A 429 -22.75 -4.09 -5.47
C CYS A 429 -23.37 -4.43 -6.81
N THR A 430 -22.75 -3.93 -7.87
CA THR A 430 -23.00 -4.36 -9.25
C THR A 430 -24.39 -4.00 -9.76
N GLU A 431 -24.83 -2.78 -9.45
CA GLU A 431 -26.09 -2.24 -9.98
C GLU A 431 -25.89 -0.83 -10.47
N ILE A 432 -24.65 -0.36 -10.46
CA ILE A 432 -24.41 1.02 -10.85
C ILE A 432 -23.49 0.99 -12.01
N VAL A 433 -23.94 1.61 -13.11
CA VAL A 433 -23.18 1.63 -14.36
C VAL A 433 -22.91 3.07 -14.80
N GLU A 434 -21.79 3.63 -14.34
CA GLU A 434 -21.45 5.03 -14.61
C GLU A 434 -20.04 5.28 -15.17
N TYR A 435 -19.83 6.40 -15.84
CA TYR A 435 -18.56 6.68 -16.51
C TYR A 435 -17.49 7.22 -15.57
N THR A 436 -16.27 6.67 -15.72
CA THR A 436 -15.07 7.14 -14.99
C THR A 436 -13.92 7.48 -15.91
N SER A 437 -13.21 8.55 -15.54
CA SER A 437 -12.02 9.01 -16.26
C SER A 437 -10.87 9.27 -15.29
N LYS A 438 -9.70 9.67 -15.79
CA LYS A 438 -8.60 10.09 -14.94
C LYS A 438 -8.96 11.31 -14.10
N ASP A 439 -10.15 11.88 -14.29
CA ASP A 439 -10.52 13.10 -13.55
C ASP A 439 -11.99 13.20 -13.17
N GLU A 440 -12.64 12.06 -13.14
CA GLU A 440 -13.96 11.92 -12.59
C GLU A 440 -14.03 10.58 -11.90
N VAL A 441 -14.32 10.58 -10.60
CA VAL A 441 -14.76 9.33 -9.98
C VAL A 441 -16.27 9.41 -9.84
N ALA A 442 -16.98 8.38 -10.31
CA ALA A 442 -18.43 8.42 -10.38
C ALA A 442 -19.03 8.11 -9.02
N VAL A 443 -20.20 8.69 -8.74
CA VAL A 443 -20.84 8.54 -7.42
C VAL A 443 -22.29 8.14 -7.58
N CYS A 444 -22.92 7.64 -6.52
CA CYS A 444 -24.37 7.49 -6.53
C CYS A 444 -25.11 7.69 -5.22
N ASN A 445 -26.23 8.43 -5.27
CA ASN A 445 -27.12 8.55 -4.12
C ASN A 445 -28.33 7.67 -4.26
N LEU A 446 -28.66 6.98 -3.18
CA LEU A 446 -29.63 5.91 -3.25
C LEU A 446 -30.78 6.04 -2.26
N ALA A 447 -31.97 5.64 -2.70
CA ALA A 447 -33.12 5.43 -1.83
C ALA A 447 -33.90 4.23 -2.36
N SER A 448 -34.86 3.72 -1.58
CA SER A 448 -35.65 2.56 -2.03
C SER A 448 -37.17 2.71 -1.79
N LEU A 449 -37.96 2.12 -2.66
CA LEU A 449 -39.39 2.12 -2.50
C LEU A 449 -39.84 0.83 -1.81
N ALA A 450 -40.66 0.96 -0.77
CA ALA A 450 -41.22 -0.23 -0.10
C ALA A 450 -42.45 -0.72 -0.85
N LEU A 451 -42.23 -1.55 -1.85
CA LEU A 451 -43.31 -1.94 -2.76
C LEU A 451 -44.52 -2.53 -2.09
N ASN A 452 -44.31 -3.27 -1.00
CA ASN A 452 -45.43 -3.79 -0.16
C ASN A 452 -46.50 -2.77 0.27
N MET A 453 -46.10 -1.50 0.33
CA MET A 453 -46.92 -0.42 0.86
C MET A 453 -48.07 -0.02 -0.08
N TYR A 454 -48.02 -0.50 -1.31
CA TYR A 454 -48.87 0.04 -2.38
C TYR A 454 -49.94 -0.92 -2.81
N VAL A 455 -49.87 -2.15 -2.30
CA VAL A 455 -50.97 -3.06 -2.54
C VAL A 455 -52.16 -2.55 -1.74
N THR A 456 -53.27 -2.32 -2.46
CA THR A 456 -54.42 -1.61 -1.91
C THR A 456 -55.11 -2.45 -0.86
N SER A 457 -55.76 -1.75 0.08
CA SER A 457 -56.63 -2.38 1.05
C SER A 457 -57.58 -3.35 0.31
N GLU A 458 -57.52 -3.34 -1.03
CA GLU A 458 -58.46 -4.13 -1.87
C GLU A 458 -57.79 -5.22 -2.76
N HIS A 459 -56.54 -5.58 -2.48
CA HIS A 459 -55.79 -6.57 -3.28
C HIS A 459 -55.54 -6.19 -4.75
N THR A 460 -55.55 -4.88 -5.03
CA THR A 460 -55.04 -4.32 -6.29
C THR A 460 -53.75 -3.54 -5.98
N TYR A 461 -53.04 -3.10 -7.01
CA TYR A 461 -51.85 -2.30 -6.77
C TYR A 461 -52.13 -0.85 -7.07
N ASP A 462 -51.51 0.08 -6.32
CA ASP A 462 -51.78 1.51 -6.49
C ASP A 462 -50.64 2.31 -7.17
N PHE A 463 -50.54 2.17 -8.49
CA PHE A 463 -49.47 2.79 -9.30
C PHE A 463 -49.44 4.31 -9.25
N LYS A 464 -50.57 4.96 -9.00
CA LYS A 464 -50.63 6.41 -8.94
C LYS A 464 -49.77 6.86 -7.76
N LYS A 465 -50.01 6.26 -6.59
CA LYS A 465 -49.34 6.66 -5.36
C LYS A 465 -47.84 6.32 -5.41
N LEU A 466 -47.53 5.15 -6.02
CA LEU A 466 -46.15 4.72 -6.29
C LEU A 466 -45.40 5.66 -7.24
N ALA A 467 -46.07 6.15 -8.27
CA ALA A 467 -45.49 7.17 -9.11
C ALA A 467 -45.35 8.47 -8.33
N GLU A 468 -46.43 8.83 -7.66
CA GLU A 468 -46.46 10.03 -6.83
C GLU A 468 -45.30 10.10 -5.81
N VAL A 469 -45.12 9.02 -5.05
CA VAL A 469 -44.03 8.94 -4.07
C VAL A 469 -42.71 9.00 -4.78
N THR A 470 -42.63 8.34 -5.93
CA THR A 470 -41.37 8.22 -6.64
C THR A 470 -40.92 9.62 -6.97
N LYS A 471 -41.84 10.46 -7.46
CA LYS A 471 -41.55 11.85 -7.82
C LYS A 471 -40.82 12.63 -6.69
N VAL A 472 -41.20 12.36 -5.43
CA VAL A 472 -40.62 13.02 -4.26
C VAL A 472 -39.18 12.58 -4.05
N VAL A 473 -38.95 11.28 -4.21
CA VAL A 473 -37.64 10.66 -4.00
C VAL A 473 -36.63 11.23 -4.97
N VAL A 474 -37.05 11.41 -6.21
CA VAL A 474 -36.23 12.04 -7.25
C VAL A 474 -35.78 13.44 -6.78
N ARG A 475 -36.73 14.24 -6.27
CA ARG A 475 -36.43 15.56 -5.71
C ARG A 475 -35.35 15.50 -4.66
N ASN A 476 -35.56 14.66 -3.63
CA ASN A 476 -34.66 14.55 -2.48
C ASN A 476 -33.26 14.17 -2.96
N LEU A 477 -33.13 12.97 -3.51
CA LEU A 477 -31.87 12.51 -4.12
C LEU A 477 -31.21 13.59 -4.99
N ASN A 478 -32.02 14.38 -5.67
CA ASN A 478 -31.45 15.44 -6.43
C ASN A 478 -30.85 16.56 -5.56
N LYS A 479 -31.53 16.93 -4.47
CA LYS A 479 -31.00 17.95 -3.56
C LYS A 479 -29.70 17.45 -2.96
N ILE A 480 -29.67 16.16 -2.61
CA ILE A 480 -28.49 15.55 -2.00
C ILE A 480 -27.21 15.82 -2.78
N ILE A 481 -27.29 15.66 -4.11
CA ILE A 481 -26.14 15.88 -5.00
C ILE A 481 -25.38 17.17 -4.62
N ASP A 482 -26.14 18.22 -4.29
CA ASP A 482 -25.59 19.55 -4.02
C ASP A 482 -25.12 19.70 -2.57
N ILE A 483 -26.04 19.41 -1.66
CA ILE A 483 -25.81 19.30 -0.22
C ILE A 483 -24.59 18.44 0.10
N ASN A 484 -24.40 17.35 -0.64
CA ASN A 484 -23.50 16.27 -0.22
C ASN A 484 -22.06 16.70 -0.15
N TYR A 485 -21.27 16.03 0.68
CA TYR A 485 -19.83 16.31 0.83
C TYR A 485 -18.97 15.24 0.14
N TYR A 486 -18.27 15.59 -0.95
CA TYR A 486 -17.48 14.57 -1.65
C TYR A 486 -16.07 14.34 -1.10
N PRO A 487 -15.66 13.06 -0.97
CA PRO A 487 -14.36 12.71 -0.41
C PRO A 487 -13.18 13.10 -1.28
N VAL A 488 -13.43 13.41 -2.55
CA VAL A 488 -12.35 13.69 -3.50
C VAL A 488 -12.90 14.61 -4.53
N PRO A 489 -12.11 15.57 -5.03
CA PRO A 489 -12.68 16.58 -5.89
C PRO A 489 -13.35 15.99 -7.14
N GLU A 490 -12.79 14.89 -7.64
CA GLU A 490 -13.21 14.34 -8.91
C GLU A 490 -14.58 13.74 -8.78
N ALA A 491 -14.94 13.34 -7.55
CA ALA A 491 -16.29 12.80 -7.28
C ALA A 491 -17.31 13.92 -7.32
N CYS A 492 -16.95 15.01 -6.68
CA CYS A 492 -17.75 16.17 -6.77
C CYS A 492 -17.92 16.56 -8.24
N LEU A 493 -16.88 16.38 -9.05
CA LEU A 493 -16.93 16.79 -10.44
C LEU A 493 -17.92 15.93 -11.23
N SER A 494 -17.56 14.67 -11.44
CA SER A 494 -18.46 13.69 -11.98
C SER A 494 -19.92 13.97 -11.62
N ASN A 495 -20.18 14.31 -10.36
CA ASN A 495 -21.57 14.35 -9.91
C ASN A 495 -22.36 15.60 -10.30
N LYS A 496 -21.69 16.75 -10.31
CA LYS A 496 -22.31 18.00 -10.71
C LYS A 496 -22.47 18.00 -12.21
N ARG A 497 -21.53 17.34 -12.89
CA ARG A 497 -21.54 17.24 -14.36
C ARG A 497 -22.74 16.42 -14.87
N HIS A 498 -22.95 15.23 -14.33
CA HIS A 498 -23.97 14.32 -14.86
C HIS A 498 -25.22 14.12 -14.02
N ARG A 499 -25.16 14.57 -12.77
CA ARG A 499 -26.26 14.44 -11.79
C ARG A 499 -27.04 13.11 -11.86
N PRO A 500 -26.33 11.95 -11.75
CA PRO A 500 -27.03 10.66 -11.71
C PRO A 500 -27.58 10.34 -10.31
N ILE A 501 -28.60 9.48 -10.24
CA ILE A 501 -29.18 9.07 -8.96
C ILE A 501 -29.59 7.61 -9.05
N GLY A 502 -29.87 6.99 -7.92
CA GLY A 502 -30.21 5.59 -7.95
C GLY A 502 -31.46 5.20 -7.20
N ILE A 503 -32.61 5.29 -7.85
CA ILE A 503 -33.84 4.82 -7.22
C ILE A 503 -33.93 3.29 -7.24
N GLY A 504 -34.35 2.71 -6.13
CA GLY A 504 -34.33 1.27 -5.95
C GLY A 504 -35.53 0.75 -5.17
N VAL A 505 -35.67 -0.56 -5.08
CA VAL A 505 -36.82 -1.07 -4.39
C VAL A 505 -36.47 -2.06 -3.30
N GLN A 506 -37.47 -2.35 -2.48
CA GLN A 506 -37.38 -3.40 -1.50
C GLN A 506 -38.79 -3.94 -1.30
N GLY A 507 -38.87 -5.13 -0.72
CA GLY A 507 -40.12 -5.86 -0.47
C GLY A 507 -40.94 -6.27 -1.69
N LEU A 508 -40.27 -6.42 -2.84
CA LEU A 508 -40.96 -6.79 -4.09
C LEU A 508 -41.53 -8.19 -3.95
N ALA A 509 -40.83 -9.02 -3.18
CA ALA A 509 -41.34 -10.33 -2.79
C ALA A 509 -42.70 -10.16 -2.11
N ASP A 510 -42.74 -9.25 -1.13
CA ASP A 510 -43.83 -9.08 -0.18
C ASP A 510 -45.04 -8.52 -0.84
N ALA A 511 -44.80 -7.73 -1.86
CA ALA A 511 -45.87 -7.19 -2.66
C ALA A 511 -46.71 -8.37 -3.25
N PHE A 512 -46.01 -9.27 -3.94
CA PHE A 512 -46.62 -10.43 -4.58
C PHE A 512 -47.45 -11.19 -3.57
N ILE A 513 -46.82 -11.48 -2.43
CA ILE A 513 -47.42 -12.30 -1.36
C ILE A 513 -48.71 -11.68 -0.86
N LEU A 514 -48.75 -10.36 -0.77
CA LEU A 514 -49.95 -9.68 -0.32
C LEU A 514 -50.99 -9.57 -1.43
N MET A 515 -50.59 -9.96 -2.64
CA MET A 515 -51.50 -10.02 -3.77
C MET A 515 -52.02 -11.43 -3.98
N ARG A 516 -51.44 -12.37 -3.23
CA ARG A 516 -51.73 -13.81 -3.38
C ARG A 516 -51.13 -14.37 -4.66
N TYR A 517 -50.20 -13.62 -5.25
CA TYR A 517 -49.52 -14.05 -6.46
C TYR A 517 -48.31 -14.86 -6.06
N PRO A 518 -48.22 -16.12 -6.53
CA PRO A 518 -46.92 -16.80 -6.54
C PRO A 518 -45.89 -15.97 -7.29
N PHE A 519 -44.60 -16.22 -7.02
CA PHE A 519 -43.52 -15.38 -7.58
C PHE A 519 -43.35 -15.52 -9.09
N GLU A 520 -43.33 -16.76 -9.56
CA GLU A 520 -43.09 -17.07 -10.97
C GLU A 520 -44.40 -17.10 -11.78
N SER A 521 -45.51 -16.76 -11.14
CA SER A 521 -46.82 -16.75 -11.78
C SER A 521 -46.87 -15.74 -12.91
N ALA A 522 -47.73 -15.98 -13.88
CA ALA A 522 -47.95 -15.02 -14.94
C ALA A 522 -48.33 -13.65 -14.35
N GLU A 523 -49.32 -13.60 -13.45
CA GLU A 523 -49.73 -12.31 -12.85
C GLU A 523 -48.58 -11.58 -12.18
N ALA A 524 -47.73 -12.30 -11.45
CA ALA A 524 -46.58 -11.68 -10.81
C ALA A 524 -45.59 -11.13 -11.84
N GLN A 525 -45.47 -11.82 -12.98
CA GLN A 525 -44.59 -11.40 -14.09
C GLN A 525 -45.10 -10.12 -14.76
N LEU A 526 -46.41 -9.92 -14.69
CA LEU A 526 -47.05 -8.71 -15.18
C LEU A 526 -46.77 -7.53 -14.25
N LEU A 527 -46.97 -7.73 -12.95
CA LEU A 527 -46.78 -6.68 -11.94
C LEU A 527 -45.34 -6.23 -11.93
N ASN A 528 -44.44 -7.22 -11.87
CA ASN A 528 -43.02 -6.97 -11.97
C ASN A 528 -42.70 -6.01 -13.11
N LYS A 529 -43.48 -6.09 -14.17
CA LYS A 529 -43.29 -5.22 -15.31
C LYS A 529 -43.87 -3.88 -14.90
N GLN A 530 -45.15 -3.87 -14.59
CA GLN A 530 -45.85 -2.64 -14.27
C GLN A 530 -45.14 -1.89 -13.15
N ILE A 531 -44.78 -2.58 -12.08
CA ILE A 531 -44.18 -1.94 -10.92
C ILE A 531 -42.93 -1.14 -11.31
N PHE A 532 -42.05 -1.75 -12.08
CA PHE A 532 -40.86 -1.04 -12.52
C PHE A 532 -41.10 -0.09 -13.66
N GLU A 533 -42.25 -0.26 -14.33
CA GLU A 533 -42.66 0.58 -15.44
C GLU A 533 -43.06 1.95 -14.91
N THR A 534 -43.92 1.95 -13.89
CA THR A 534 -44.35 3.21 -13.28
C THR A 534 -43.20 3.96 -12.62
N ILE A 535 -42.46 3.30 -11.74
CA ILE A 535 -41.29 3.92 -11.11
C ILE A 535 -40.45 4.73 -12.12
N TYR A 536 -40.14 4.10 -13.25
CA TYR A 536 -39.34 4.73 -14.31
C TYR A 536 -40.12 5.85 -14.99
N TYR A 537 -41.43 5.65 -15.22
CA TYR A 537 -42.27 6.72 -15.78
C TYR A 537 -42.29 7.91 -14.84
N GLY A 538 -42.36 7.62 -13.54
CA GLY A 538 -42.49 8.64 -12.51
C GLY A 538 -41.21 9.40 -12.26
N ALA A 539 -40.07 8.70 -12.27
CA ALA A 539 -38.76 9.34 -12.05
C ALA A 539 -38.44 10.31 -13.18
N LEU A 540 -38.66 9.85 -14.40
CA LEU A 540 -38.43 10.69 -15.56
C LEU A 540 -39.29 11.94 -15.49
N GLU A 541 -40.57 11.77 -15.21
CA GLU A 541 -41.51 12.90 -15.11
C GLU A 541 -40.99 13.92 -14.10
N ALA A 542 -40.52 13.42 -12.97
CA ALA A 542 -39.95 14.22 -11.93
C ALA A 542 -38.65 14.90 -12.39
N SER A 543 -37.70 14.12 -12.92
CA SER A 543 -36.45 14.71 -13.41
C SER A 543 -36.75 15.74 -14.47
N CYS A 544 -37.67 15.42 -15.37
CA CYS A 544 -38.06 16.33 -16.43
C CYS A 544 -38.61 17.65 -15.87
N ASP A 545 -39.50 17.55 -14.89
CA ASP A 545 -39.94 18.72 -14.11
C ASP A 545 -38.74 19.57 -13.62
N LEU A 546 -37.78 18.94 -12.94
CA LEU A 546 -36.60 19.66 -12.43
C LEU A 546 -35.86 20.40 -13.54
N ALA A 547 -35.88 19.82 -14.73
CA ALA A 547 -35.18 20.36 -15.88
C ALA A 547 -35.87 21.61 -16.36
N LYS A 548 -37.20 21.61 -16.29
CA LYS A 548 -37.99 22.82 -16.51
C LYS A 548 -37.52 23.88 -15.50
N GLU A 549 -37.37 23.48 -14.24
CA GLU A 549 -37.05 24.44 -13.21
C GLU A 549 -35.60 24.88 -13.19
N GLN A 550 -34.67 23.94 -13.27
CA GLN A 550 -33.29 24.28 -12.98
C GLN A 550 -32.37 24.17 -14.19
N GLY A 551 -32.94 23.79 -15.34
CA GLY A 551 -32.17 23.52 -16.56
C GLY A 551 -31.79 22.05 -16.61
N PRO A 552 -31.60 21.49 -17.83
CA PRO A 552 -31.04 20.14 -17.97
C PRO A 552 -29.55 20.10 -17.60
N TYR A 553 -29.07 18.91 -17.24
CA TYR A 553 -27.69 18.71 -16.76
C TYR A 553 -26.59 19.03 -17.79
N GLU A 554 -25.38 19.24 -17.31
CA GLU A 554 -24.29 19.75 -18.15
C GLU A 554 -23.93 18.89 -19.37
N THR A 555 -24.13 17.58 -19.28
CA THR A 555 -23.75 16.70 -20.40
C THR A 555 -24.95 16.03 -21.03
N TYR A 556 -26.09 16.68 -20.92
CA TYR A 556 -27.33 16.14 -21.40
C TYR A 556 -27.34 15.91 -22.91
N GLU A 557 -27.18 16.97 -23.70
CA GLU A 557 -27.31 16.90 -25.16
C GLU A 557 -26.22 16.05 -25.80
N GLY A 558 -26.64 14.98 -26.48
CA GLY A 558 -25.72 14.00 -27.08
C GLY A 558 -26.07 12.60 -26.62
N SER A 559 -26.65 12.49 -25.44
CA SER A 559 -27.06 11.23 -24.85
C SER A 559 -28.31 10.68 -25.53
N PRO A 560 -28.47 9.35 -25.54
CA PRO A 560 -29.70 8.58 -25.82
C PRO A 560 -31.07 9.24 -25.53
N VAL A 561 -31.33 9.74 -24.33
CA VAL A 561 -32.64 10.41 -24.09
C VAL A 561 -32.67 11.77 -24.80
N SER A 562 -31.52 12.44 -24.87
CA SER A 562 -31.42 13.70 -25.60
C SER A 562 -31.61 13.51 -27.10
N LYS A 563 -31.44 12.27 -27.57
CA LYS A 563 -31.71 11.91 -28.96
C LYS A 563 -33.09 11.22 -29.10
N GLY A 564 -33.91 11.28 -28.05
CA GLY A 564 -35.29 10.78 -28.10
C GLY A 564 -35.50 9.35 -27.63
N ILE A 565 -34.42 8.69 -27.20
CA ILE A 565 -34.43 7.24 -26.88
C ILE A 565 -34.35 6.96 -25.37
N LEU A 566 -35.44 6.43 -24.80
CA LEU A 566 -35.47 6.02 -23.39
C LEU A 566 -34.93 4.59 -23.17
N GLN A 567 -34.90 4.13 -21.92
CA GLN A 567 -34.23 2.86 -21.57
C GLN A 567 -34.69 1.72 -22.42
N TYR A 568 -35.99 1.41 -22.30
CA TYR A 568 -36.62 0.29 -23.00
C TYR A 568 -36.44 0.36 -24.49
N ASP A 569 -36.29 1.56 -25.03
CA ASP A 569 -35.92 1.74 -26.45
C ASP A 569 -34.65 0.94 -26.81
N MET A 570 -33.61 1.07 -25.98
CA MET A 570 -32.37 0.30 -26.12
C MET A 570 -32.53 -1.21 -25.92
N TRP A 571 -33.61 -1.61 -25.27
CA TRP A 571 -33.93 -3.02 -25.08
C TRP A 571 -34.90 -3.45 -26.16
N ASN A 572 -35.39 -2.48 -26.94
CA ASN A 572 -36.52 -2.67 -27.89
C ASN A 572 -37.81 -3.15 -27.25
N VAL A 573 -37.90 -2.99 -25.93
CA VAL A 573 -39.13 -3.27 -25.21
C VAL A 573 -40.17 -2.18 -25.57
N THR A 574 -41.39 -2.59 -25.94
CA THR A 574 -42.48 -1.62 -26.00
C THR A 574 -43.40 -1.86 -24.77
N PRO A 575 -43.59 -0.82 -23.96
CA PRO A 575 -44.25 -0.88 -22.64
C PRO A 575 -45.79 -0.96 -22.69
N THR A 576 -46.38 -1.32 -21.56
CA THR A 576 -47.83 -1.58 -21.45
C THR A 576 -48.70 -0.30 -21.42
N ASP A 577 -50.01 -0.46 -21.66
CA ASP A 577 -51.02 0.63 -21.66
C ASP A 577 -50.99 1.55 -20.44
N LEU A 578 -50.52 1.03 -19.31
CA LEU A 578 -50.53 1.71 -18.02
C LEU A 578 -50.23 3.20 -18.11
N TRP A 579 -49.12 3.57 -18.75
CA TRP A 579 -48.71 4.97 -18.82
C TRP A 579 -48.63 5.48 -20.24
N ASP A 580 -48.89 6.78 -20.42
CA ASP A 580 -48.78 7.38 -21.75
C ASP A 580 -47.42 7.99 -22.02
N TRP A 581 -46.54 7.15 -22.54
CA TRP A 581 -45.17 7.55 -22.81
C TRP A 581 -45.10 8.72 -23.79
N LYS A 582 -45.75 8.62 -24.94
CA LYS A 582 -45.77 9.72 -25.90
C LYS A 582 -45.85 11.12 -25.25
N VAL A 583 -46.71 11.28 -24.22
CA VAL A 583 -46.92 12.58 -23.54
C VAL A 583 -45.74 12.97 -22.68
N LEU A 584 -45.24 12.00 -21.92
CA LEU A 584 -44.03 12.23 -21.11
C LEU A 584 -42.85 12.53 -22.02
N LYS A 585 -42.77 11.80 -23.13
CA LYS A 585 -41.73 12.03 -24.14
C LYS A 585 -41.86 13.43 -24.74
N GLU A 586 -43.10 13.87 -24.98
CA GLU A 586 -43.36 15.23 -25.41
C GLU A 586 -42.81 16.27 -24.40
N LYS A 587 -42.85 15.95 -23.11
CA LYS A 587 -42.28 16.83 -22.07
C LYS A 587 -40.74 16.88 -22.13
N ILE A 588 -40.11 15.72 -21.99
CA ILE A 588 -38.65 15.56 -22.09
C ILE A 588 -38.05 16.17 -23.37
N ALA A 589 -38.84 16.09 -24.45
CA ALA A 589 -38.48 16.72 -25.70
C ALA A 589 -38.33 18.22 -25.47
N LYS A 590 -39.22 18.79 -24.67
CA LYS A 590 -39.30 20.24 -24.51
C LYS A 590 -38.35 20.85 -23.46
N TYR A 591 -38.06 20.09 -22.40
CA TYR A 591 -37.36 20.65 -21.25
C TYR A 591 -36.05 19.93 -20.95
N GLY A 592 -35.99 18.69 -21.42
CA GLY A 592 -34.92 17.78 -21.03
C GLY A 592 -35.21 17.17 -19.67
N ILE A 593 -34.19 16.55 -19.10
CA ILE A 593 -34.30 16.06 -17.74
C ILE A 593 -33.09 16.48 -16.93
N ARG A 594 -33.29 16.65 -15.62
CA ARG A 594 -32.21 17.04 -14.70
C ARG A 594 -31.18 15.94 -14.43
N ASN A 595 -31.62 14.69 -14.43
CA ASN A 595 -30.76 13.60 -14.00
C ASN A 595 -30.34 12.58 -15.10
N SER A 596 -29.02 12.40 -15.30
CA SER A 596 -28.53 11.49 -16.36
C SER A 596 -29.03 10.05 -16.24
N LEU A 597 -29.09 9.50 -15.03
CA LEU A 597 -29.73 8.19 -14.79
C LEU A 597 -30.51 8.22 -13.48
N LEU A 598 -31.40 7.24 -13.29
CA LEU A 598 -32.41 7.35 -12.24
C LEU A 598 -32.58 6.10 -11.39
N ILE A 599 -32.56 4.92 -12.03
CA ILE A 599 -33.02 3.68 -11.38
C ILE A 599 -31.90 2.65 -11.25
N ALA A 600 -31.69 2.16 -10.02
CA ALA A 600 -30.61 1.22 -9.75
C ALA A 600 -30.88 0.36 -8.54
N PRO A 601 -31.76 -0.64 -8.64
CA PRO A 601 -32.12 -1.46 -7.45
C PRO A 601 -30.91 -2.11 -6.78
N MET A 602 -30.63 -1.63 -5.55
CA MET A 602 -29.49 -2.01 -4.72
C MET A 602 -29.89 -3.07 -3.69
N PRO A 603 -28.90 -3.84 -3.16
CA PRO A 603 -29.20 -4.94 -2.23
C PRO A 603 -30.19 -4.63 -1.07
N THR A 604 -30.41 -3.35 -0.77
CA THR A 604 -31.11 -2.89 0.46
C THR A 604 -30.73 -3.73 1.67
N ALA A 605 -29.46 -4.09 1.73
CA ALA A 605 -28.96 -5.03 2.73
C ALA A 605 -29.48 -4.84 4.18
N SER A 606 -29.53 -3.61 4.65
CA SER A 606 -30.02 -3.39 6.00
C SER A 606 -31.14 -2.35 6.09
N THR A 607 -31.46 -1.71 4.99
CA THR A 607 -32.54 -0.74 5.02
C THR A 607 -33.81 -1.54 5.08
N ALA A 608 -33.85 -2.61 4.29
CA ALA A 608 -35.00 -3.47 4.28
C ALA A 608 -35.13 -4.17 5.65
N GLN A 609 -33.99 -4.55 6.23
CA GLN A 609 -33.94 -5.14 7.59
C GLN A 609 -34.56 -4.24 8.66
N ILE A 610 -34.65 -2.94 8.38
CA ILE A 610 -35.18 -1.94 9.32
C ILE A 610 -36.68 -1.78 9.16
N LEU A 611 -37.10 -1.52 7.93
CA LEU A 611 -38.50 -1.41 7.53
C LEU A 611 -39.34 -2.68 7.73
N GLY A 612 -38.75 -3.85 7.58
CA GLY A 612 -39.49 -5.10 7.80
C GLY A 612 -39.67 -5.99 6.57
N ASN A 613 -39.27 -5.50 5.39
CA ASN A 613 -39.41 -6.21 4.11
C ASN A 613 -38.24 -7.07 3.69
N ASN A 614 -38.46 -7.88 2.66
CA ASN A 614 -37.39 -8.68 2.08
C ASN A 614 -36.49 -7.80 1.22
N GLU A 615 -35.21 -8.10 1.19
CA GLU A 615 -34.30 -7.25 0.44
C GLU A 615 -34.52 -7.25 -1.07
N SER A 616 -34.67 -6.07 -1.63
CA SER A 616 -34.56 -5.84 -3.08
C SER A 616 -35.62 -6.53 -3.93
N ILE A 617 -35.19 -6.97 -5.11
CA ILE A 617 -36.01 -7.75 -6.06
C ILE A 617 -36.10 -9.25 -5.68
N GLU A 618 -35.44 -9.64 -4.59
CA GLU A 618 -35.28 -11.04 -4.24
C GLU A 618 -36.47 -11.73 -3.55
N PRO A 619 -36.81 -12.96 -4.03
CA PRO A 619 -37.72 -13.90 -3.36
C PRO A 619 -37.25 -14.29 -1.96
N TYR A 620 -38.09 -15.01 -1.22
CA TYR A 620 -37.73 -15.50 0.10
C TYR A 620 -36.70 -16.64 0.03
N THR A 621 -35.55 -16.43 0.65
CA THR A 621 -34.56 -17.49 0.82
C THR A 621 -35.15 -18.63 1.63
N SER A 622 -35.79 -18.30 2.73
CA SER A 622 -36.21 -19.31 3.67
C SER A 622 -37.60 -18.99 4.22
N ASN A 623 -38.18 -19.92 4.96
CA ASN A 623 -39.41 -19.58 5.61
C ASN A 623 -39.20 -19.55 7.10
N ILE A 624 -38.06 -20.05 7.54
CA ILE A 624 -37.54 -19.76 8.87
C ILE A 624 -36.17 -19.17 8.66
N TYR A 625 -35.78 -18.23 9.50
CA TYR A 625 -34.44 -17.67 9.46
C TYR A 625 -34.07 -17.18 10.84
N THR A 626 -32.78 -17.03 11.07
CA THR A 626 -32.30 -16.62 12.36
C THR A 626 -31.95 -15.14 12.35
N ARG A 627 -32.43 -14.42 13.36
CA ARG A 627 -31.87 -13.14 13.67
C ARG A 627 -31.25 -13.32 15.04
N ARG A 628 -30.08 -12.76 15.23
CA ARG A 628 -29.54 -12.68 16.58
C ARG A 628 -29.41 -11.20 16.93
N VAL A 629 -29.63 -10.87 18.20
CA VAL A 629 -29.59 -9.48 18.63
C VAL A 629 -28.30 -9.27 19.47
N LEU A 630 -28.33 -9.43 20.79
CA LEU A 630 -27.02 -9.37 21.42
C LEU A 630 -26.47 -10.78 21.61
N SER A 631 -26.68 -11.36 22.79
CA SER A 631 -26.44 -12.76 22.99
C SER A 631 -27.68 -13.53 22.55
N GLY A 632 -28.78 -12.81 22.34
CA GLY A 632 -30.05 -13.40 21.95
C GLY A 632 -30.05 -13.91 20.53
N GLU A 633 -30.73 -15.03 20.31
CA GLU A 633 -30.86 -15.66 19.01
C GLU A 633 -32.33 -16.12 18.86
N PHE A 634 -32.94 -15.75 17.73
CA PHE A 634 -34.40 -15.85 17.56
C PHE A 634 -34.73 -16.44 16.19
N GLN A 635 -35.57 -17.48 16.17
CA GLN A 635 -36.04 -18.03 14.90
C GLN A 635 -37.26 -17.24 14.42
N ILE A 636 -37.13 -16.62 13.25
CA ILE A 636 -38.23 -15.88 12.68
C ILE A 636 -38.85 -16.65 11.54
N VAL A 637 -40.12 -17.02 11.69
CA VAL A 637 -40.92 -17.51 10.56
C VAL A 637 -41.39 -16.33 9.74
N ASN A 638 -41.30 -16.50 8.43
CA ASN A 638 -41.86 -15.60 7.48
C ASN A 638 -43.30 -15.20 7.88
N PRO A 639 -43.52 -13.91 8.16
CA PRO A 639 -44.77 -13.33 8.66
C PRO A 639 -45.99 -13.76 7.86
N HIS A 640 -46.01 -13.48 6.56
CA HIS A 640 -47.15 -13.82 5.73
C HIS A 640 -47.57 -15.25 5.89
N LEU A 641 -46.59 -16.14 5.75
CA LEU A 641 -46.80 -17.55 5.96
C LEU A 641 -47.43 -17.82 7.33
N LEU A 642 -46.87 -17.21 8.37
CA LEU A 642 -47.31 -17.51 9.73
C LEU A 642 -48.76 -17.11 10.00
N LYS A 643 -49.16 -15.95 9.45
CA LYS A 643 -50.58 -15.54 9.50
C LYS A 643 -51.35 -16.62 8.76
N ASP A 644 -51.11 -16.78 7.46
CA ASP A 644 -51.80 -17.83 6.68
C ASP A 644 -51.91 -19.18 7.39
N LEU A 645 -50.90 -19.57 8.14
CA LEU A 645 -50.92 -20.88 8.77
C LEU A 645 -51.73 -20.92 10.05
N THR A 646 -51.51 -19.95 10.94
CA THR A 646 -52.21 -19.90 12.23
C THR A 646 -53.66 -19.53 11.99
N GLU A 647 -53.87 -18.52 11.13
CA GLU A 647 -55.19 -17.97 10.76
C GLU A 647 -55.98 -18.98 9.92
N ARG A 648 -55.60 -20.26 10.04
CA ARG A 648 -56.17 -21.38 9.30
C ARG A 648 -56.05 -22.67 10.12
N GLY A 649 -55.55 -22.54 11.35
CA GLY A 649 -55.50 -23.66 12.29
C GLY A 649 -54.46 -24.75 12.01
N LEU A 650 -53.75 -24.61 10.90
CA LEU A 650 -52.80 -25.63 10.44
C LEU A 650 -51.46 -25.57 11.18
N TRP A 651 -51.22 -24.48 11.90
CA TRP A 651 -49.93 -24.27 12.56
C TRP A 651 -49.84 -24.77 13.99
N HIS A 652 -48.79 -25.52 14.25
CA HIS A 652 -48.41 -25.90 15.59
C HIS A 652 -46.90 -26.01 15.62
N GLU A 653 -46.38 -26.54 16.71
CA GLU A 653 -44.95 -26.49 16.94
C GLU A 653 -44.25 -27.60 16.17
N GLU A 654 -44.76 -28.82 16.32
CA GLU A 654 -44.29 -29.98 15.58
C GLU A 654 -44.00 -29.65 14.11
N MET A 655 -44.85 -28.81 13.52
CA MET A 655 -44.68 -28.41 12.13
C MET A 655 -43.54 -27.44 11.91
N LYS A 656 -43.36 -26.50 12.83
CA LYS A 656 -42.21 -25.59 12.77
C LYS A 656 -40.95 -26.41 12.56
N ASN A 657 -40.77 -27.46 13.35
CA ASN A 657 -39.57 -28.29 13.26
C ASN A 657 -39.44 -29.06 11.94
N GLN A 658 -40.56 -29.54 11.39
CA GLN A 658 -40.62 -30.10 10.02
C GLN A 658 -40.01 -29.09 9.00
N ILE A 659 -40.61 -27.91 8.90
CA ILE A 659 -40.13 -26.86 8.01
C ILE A 659 -38.65 -26.58 8.25
N ILE A 660 -38.25 -26.56 9.51
CA ILE A 660 -36.84 -26.33 9.88
C ILE A 660 -35.96 -27.53 9.47
N ALA A 661 -36.57 -28.72 9.39
CA ALA A 661 -35.90 -29.94 8.91
C ALA A 661 -35.70 -29.89 7.39
N CYS A 662 -36.25 -28.86 6.75
CA CYS A 662 -36.13 -28.69 5.30
C CYS A 662 -35.50 -27.36 4.92
N ASN A 663 -34.46 -26.94 5.65
CA ASN A 663 -33.79 -25.66 5.44
C ASN A 663 -34.75 -24.47 5.41
N GLY A 664 -36.03 -24.77 5.27
CA GLY A 664 -37.10 -23.79 5.32
C GLY A 664 -38.15 -23.94 4.25
N SER A 665 -38.31 -25.16 3.74
CA SER A 665 -39.26 -25.38 2.67
C SER A 665 -40.57 -25.88 3.21
N ILE A 666 -41.64 -25.30 2.67
CA ILE A 666 -43.00 -25.65 3.00
C ILE A 666 -43.43 -26.92 2.25
N GLN A 667 -42.62 -27.27 1.25
CA GLN A 667 -43.06 -28.13 0.14
C GLN A 667 -43.50 -29.54 0.49
N SER A 668 -42.83 -30.21 1.40
CA SER A 668 -43.19 -31.60 1.68
C SER A 668 -44.34 -31.75 2.68
N ILE A 669 -44.69 -30.65 3.33
CA ILE A 669 -45.62 -30.67 4.47
C ILE A 669 -47.02 -31.15 4.03
N PRO A 670 -47.43 -32.36 4.52
CA PRO A 670 -48.61 -33.11 4.11
C PRO A 670 -49.92 -32.32 4.01
N GLU A 671 -50.24 -31.55 5.04
CA GLU A 671 -51.55 -30.91 5.16
C GLU A 671 -51.65 -29.42 4.76
N ILE A 672 -50.60 -28.85 4.18
CA ILE A 672 -50.64 -27.47 3.69
C ILE A 672 -51.16 -27.38 2.24
N PRO A 673 -52.26 -26.63 2.02
CA PRO A 673 -52.91 -26.34 0.71
C PRO A 673 -51.94 -25.97 -0.40
N ASP A 674 -52.34 -26.11 -1.66
CA ASP A 674 -51.45 -25.82 -2.78
C ASP A 674 -51.21 -24.33 -3.09
N ASP A 675 -52.28 -23.52 -3.08
CA ASP A 675 -52.16 -22.09 -3.37
C ASP A 675 -51.12 -21.45 -2.46
N LEU A 676 -51.02 -21.97 -1.23
CA LEU A 676 -50.01 -21.55 -0.25
C LEU A 676 -48.59 -22.06 -0.55
N LYS A 677 -48.48 -23.32 -0.99
CA LYS A 677 -47.19 -23.87 -1.36
C LYS A 677 -46.59 -23.10 -2.53
N GLN A 678 -47.38 -22.85 -3.56
CA GLN A 678 -46.91 -22.07 -4.66
C GLN A 678 -46.43 -20.75 -4.12
N LEU A 679 -47.28 -20.13 -3.33
CA LEU A 679 -47.03 -18.81 -2.79
C LEU A 679 -45.69 -18.74 -2.08
N TYR A 680 -45.50 -19.64 -1.09
CA TYR A 680 -44.34 -19.59 -0.19
C TYR A 680 -43.22 -20.59 -0.51
N LYS A 681 -43.01 -20.83 -1.79
CA LYS A 681 -41.89 -21.66 -2.19
C LYS A 681 -40.67 -20.78 -2.11
N THR A 682 -39.56 -21.35 -1.66
CA THR A 682 -38.29 -20.63 -1.49
C THR A 682 -37.63 -20.38 -2.85
N VAL A 683 -36.45 -19.76 -2.82
CA VAL A 683 -35.68 -19.41 -4.03
C VAL A 683 -34.95 -20.65 -4.60
N TRP A 684 -34.67 -21.60 -3.72
CA TRP A 684 -33.97 -22.81 -4.12
C TRP A 684 -34.96 -23.66 -4.86
N GLU A 685 -36.17 -23.12 -5.01
CA GLU A 685 -37.28 -23.86 -5.59
C GLU A 685 -37.87 -23.18 -6.82
N ILE A 686 -37.53 -21.90 -6.99
CA ILE A 686 -37.94 -21.10 -8.13
C ILE A 686 -36.97 -21.31 -9.32
N SER A 687 -37.51 -21.22 -10.53
CA SER A 687 -36.70 -21.35 -11.72
C SER A 687 -35.78 -20.15 -11.79
N GLN A 688 -34.49 -20.34 -11.56
CA GLN A 688 -33.54 -19.21 -11.66
C GLN A 688 -33.60 -18.63 -13.06
N LYS A 689 -33.89 -19.46 -14.06
CA LYS A 689 -34.04 -18.98 -15.42
C LYS A 689 -35.16 -17.95 -15.48
N THR A 690 -36.29 -18.28 -14.83
CA THR A 690 -37.39 -17.32 -14.62
C THR A 690 -36.93 -16.08 -13.81
N VAL A 691 -36.06 -16.27 -12.82
CA VAL A 691 -35.48 -15.12 -12.08
C VAL A 691 -34.82 -14.12 -13.05
N LEU A 692 -33.86 -14.60 -13.84
CA LEU A 692 -33.20 -13.80 -14.87
C LEU A 692 -34.15 -13.27 -15.94
N LYS A 693 -35.17 -14.04 -16.30
CA LYS A 693 -36.16 -13.58 -17.28
C LYS A 693 -36.98 -12.42 -16.69
N MET A 694 -37.25 -12.48 -15.38
CA MET A 694 -38.01 -11.42 -14.69
C MET A 694 -37.18 -10.17 -14.45
N ALA A 695 -35.86 -10.36 -14.25
CA ALA A 695 -34.93 -9.23 -14.11
C ALA A 695 -34.75 -8.49 -15.44
N ALA A 696 -34.68 -9.30 -16.52
CA ALA A 696 -34.51 -8.81 -17.89
C ALA A 696 -35.69 -7.98 -18.29
N GLU A 697 -36.87 -8.47 -17.94
CA GLU A 697 -38.13 -7.83 -18.31
C GLU A 697 -38.29 -6.47 -17.61
N ARG A 698 -37.89 -6.41 -16.35
CA ARG A 698 -37.97 -5.18 -15.60
C ARG A 698 -36.77 -4.28 -15.92
N GLY A 699 -35.63 -4.91 -16.23
CA GLY A 699 -34.39 -4.20 -16.56
C GLY A 699 -34.51 -3.20 -17.70
N ALA A 700 -35.49 -3.46 -18.56
CA ALA A 700 -35.85 -2.56 -19.66
C ALA A 700 -36.28 -1.17 -19.14
N PHE A 701 -36.64 -1.10 -17.86
CA PHE A 701 -37.10 0.13 -17.30
C PHE A 701 -36.15 0.50 -16.17
N ILE A 702 -34.88 0.12 -16.36
CA ILE A 702 -33.79 0.33 -15.39
C ILE A 702 -32.53 0.80 -16.12
N ASP A 703 -32.28 2.10 -16.08
CA ASP A 703 -31.15 2.72 -16.78
C ASP A 703 -29.75 2.39 -16.20
N GLN A 704 -29.71 1.92 -14.96
CA GLN A 704 -28.50 1.31 -14.40
C GLN A 704 -28.72 -0.22 -14.35
N SER A 705 -27.93 -0.96 -13.59
CA SER A 705 -28.18 -2.40 -13.53
C SER A 705 -29.05 -2.75 -12.34
N GLN A 706 -28.98 -4.00 -11.89
CA GLN A 706 -29.70 -4.45 -10.69
C GLN A 706 -28.90 -5.57 -10.06
N SER A 707 -28.69 -5.45 -8.75
CA SER A 707 -27.91 -6.44 -7.99
C SER A 707 -28.66 -7.74 -7.97
N LEU A 708 -28.13 -8.71 -8.72
CA LEU A 708 -28.85 -9.95 -9.01
C LEU A 708 -28.11 -11.17 -8.53
N ASN A 709 -28.68 -11.87 -7.57
CA ASN A 709 -28.02 -13.03 -7.05
C ASN A 709 -28.59 -14.30 -7.62
N ILE A 710 -27.71 -15.21 -8.01
CA ILE A 710 -28.20 -16.50 -8.47
C ILE A 710 -28.01 -17.55 -7.40
N HIS A 711 -29.14 -18.09 -6.95
CA HIS A 711 -29.19 -19.22 -6.03
C HIS A 711 -29.38 -20.56 -6.79
N ILE A 712 -28.30 -21.29 -6.96
CA ILE A 712 -28.38 -22.69 -7.32
C ILE A 712 -28.03 -23.41 -6.04
N ALA A 713 -28.67 -24.54 -5.80
CA ALA A 713 -28.27 -25.43 -4.73
C ALA A 713 -27.55 -26.66 -5.28
N GLU A 714 -28.11 -27.27 -6.32
CA GLU A 714 -27.44 -28.40 -6.98
C GLU A 714 -26.25 -27.85 -7.73
N PRO A 715 -25.21 -27.54 -6.98
CA PRO A 715 -24.08 -26.76 -7.45
C PRO A 715 -23.18 -27.40 -8.48
N ASN A 716 -23.70 -27.86 -9.60
CA ASN A 716 -22.82 -28.36 -10.67
C ASN A 716 -22.58 -27.41 -11.89
N TYR A 717 -21.46 -27.63 -12.58
CA TYR A 717 -21.02 -26.78 -13.69
C TYR A 717 -21.92 -26.74 -14.91
N GLY A 718 -22.57 -27.85 -15.23
CA GLY A 718 -23.55 -27.84 -16.30
C GLY A 718 -24.64 -26.80 -16.08
N LYS A 719 -25.33 -26.89 -14.94
CA LYS A 719 -26.47 -26.00 -14.56
C LYS A 719 -26.12 -24.51 -14.52
N LEU A 720 -24.88 -24.23 -14.13
CA LEU A 720 -24.38 -22.85 -14.00
C LEU A 720 -23.93 -22.24 -15.32
N THR A 721 -23.35 -23.06 -16.20
CA THR A 721 -22.83 -22.56 -17.47
C THR A 721 -23.96 -22.09 -18.38
N SER A 722 -25.11 -22.76 -18.31
CA SER A 722 -26.28 -22.29 -19.03
C SER A 722 -26.92 -21.07 -18.35
N MET A 723 -26.78 -20.98 -17.03
CA MET A 723 -27.37 -19.86 -16.31
C MET A 723 -26.82 -18.55 -16.82
N HIS A 724 -25.49 -18.44 -16.77
CA HIS A 724 -24.79 -17.24 -17.17
C HIS A 724 -25.15 -16.85 -18.58
N PHE A 725 -25.08 -17.83 -19.48
CA PHE A 725 -25.39 -17.61 -20.88
C PHE A 725 -26.86 -17.22 -21.08
N TYR A 726 -27.75 -17.80 -20.28
CA TYR A 726 -29.13 -17.41 -20.29
C TYR A 726 -29.22 -15.94 -19.94
N GLY A 727 -28.60 -15.59 -18.81
CA GLY A 727 -28.52 -14.22 -18.33
C GLY A 727 -28.02 -13.30 -19.42
N TRP A 728 -26.87 -13.64 -19.97
CA TRP A 728 -26.23 -12.86 -21.03
C TRP A 728 -27.18 -12.54 -22.18
N LYS A 729 -27.67 -13.58 -22.83
CA LYS A 729 -28.49 -13.45 -24.05
C LYS A 729 -29.75 -12.64 -23.79
N GLN A 730 -30.38 -12.86 -22.63
CA GLN A 730 -31.50 -12.04 -22.18
C GLN A 730 -31.21 -10.54 -22.24
N GLY A 731 -29.93 -10.18 -22.29
CA GLY A 731 -29.49 -8.79 -22.51
C GLY A 731 -29.25 -7.99 -21.25
N LEU A 732 -28.91 -8.69 -20.17
CA LEU A 732 -28.73 -8.10 -18.86
C LEU A 732 -27.35 -7.48 -18.68
N LYS A 733 -27.31 -6.31 -18.05
CA LYS A 733 -26.07 -5.61 -17.73
C LYS A 733 -25.27 -6.36 -16.63
N THR A 734 -25.92 -6.63 -15.50
CA THR A 734 -25.35 -7.53 -14.49
C THR A 734 -25.97 -8.91 -14.62
N GLY A 735 -25.13 -9.89 -14.91
CA GLY A 735 -25.57 -11.25 -15.07
C GLY A 735 -25.57 -11.91 -13.73
N MET A 736 -24.60 -11.55 -12.87
CA MET A 736 -24.49 -12.14 -11.54
C MET A 736 -23.75 -11.28 -10.52
N TYR A 737 -24.41 -11.04 -9.40
CA TYR A 737 -23.77 -10.53 -8.21
C TYR A 737 -23.02 -11.70 -7.52
N TYR A 738 -23.63 -12.29 -6.49
CA TYR A 738 -23.06 -13.47 -5.84
C TYR A 738 -23.71 -14.76 -6.28
N LEU A 739 -22.90 -15.81 -6.42
CA LEU A 739 -23.46 -17.15 -6.53
C LEU A 739 -23.60 -17.70 -5.13
N ARG A 740 -24.84 -17.80 -4.67
CA ARG A 740 -25.16 -18.42 -3.40
C ARG A 740 -25.56 -19.89 -3.63
N THR A 741 -24.92 -20.82 -2.92
CA THR A 741 -25.26 -22.24 -3.06
C THR A 741 -25.41 -22.98 -1.73
N ARG A 742 -25.45 -24.31 -1.80
CA ARG A 742 -25.63 -25.22 -0.65
C ARG A 742 -24.59 -25.13 0.51
N HIS B 2 43.87 -28.09 -32.81
CA HIS B 2 42.53 -28.48 -33.34
C HIS B 2 41.39 -27.71 -32.68
N VAL B 3 41.51 -26.38 -32.68
CA VAL B 3 40.50 -25.47 -32.10
C VAL B 3 40.32 -24.19 -32.94
N ILE B 4 39.09 -23.95 -33.41
CA ILE B 4 38.75 -22.80 -34.28
C ILE B 4 38.98 -21.43 -33.62
N LYS B 5 39.98 -20.70 -34.12
CA LYS B 5 40.37 -19.40 -33.57
C LYS B 5 39.31 -18.31 -33.78
N ARG B 6 39.52 -17.18 -33.08
CA ARG B 6 38.57 -16.07 -33.02
C ARG B 6 38.50 -15.29 -34.31
N ASP B 7 39.25 -15.77 -35.30
CA ASP B 7 39.26 -15.18 -36.65
C ASP B 7 38.45 -15.98 -37.71
N GLY B 8 37.91 -17.13 -37.32
CA GLY B 8 37.41 -18.09 -38.30
C GLY B 8 38.58 -19.02 -38.58
N ARG B 9 39.66 -18.46 -39.13
CA ARG B 9 40.90 -19.20 -39.42
C ARG B 9 41.31 -20.05 -38.21
N GLN B 10 41.60 -21.33 -38.45
CA GLN B 10 41.71 -22.34 -37.39
C GLN B 10 43.14 -22.84 -37.16
N GLU B 11 43.71 -22.54 -35.99
CA GLU B 11 45.05 -23.00 -35.61
C GLU B 11 45.02 -24.25 -34.73
N ARG B 12 46.13 -24.98 -34.69
CA ARG B 12 46.22 -26.18 -33.86
C ARG B 12 46.33 -25.78 -32.39
N VAL B 13 45.99 -26.70 -31.49
CA VAL B 13 46.09 -26.46 -30.05
C VAL B 13 47.52 -26.77 -29.57
N MET B 14 48.32 -25.71 -29.40
CA MET B 14 49.74 -25.84 -29.03
C MET B 14 49.96 -25.57 -27.54
N PHE B 15 50.45 -26.58 -26.79
CA PHE B 15 50.66 -26.49 -25.32
C PHE B 15 51.75 -25.52 -24.88
N ASP B 16 52.26 -24.75 -25.85
CA ASP B 16 53.30 -23.76 -25.65
C ASP B 16 52.73 -22.41 -26.03
N LYS B 17 51.74 -22.42 -26.93
CA LYS B 17 51.08 -21.20 -27.43
C LYS B 17 50.21 -20.57 -26.34
N ILE B 18 49.28 -21.36 -25.81
CA ILE B 18 48.44 -20.99 -24.67
C ILE B 18 49.29 -20.45 -23.51
N THR B 19 50.33 -21.19 -23.12
CA THR B 19 51.21 -20.86 -21.98
C THR B 19 52.02 -19.57 -22.14
N SER B 20 52.55 -19.31 -23.33
CA SER B 20 53.26 -18.05 -23.52
C SER B 20 52.30 -16.85 -23.75
N ARG B 21 51.06 -17.14 -24.17
CA ARG B 21 50.00 -16.13 -24.29
C ARG B 21 49.48 -15.69 -22.90
N ILE B 22 49.92 -16.43 -21.89
CA ILE B 22 49.59 -16.23 -20.48
C ILE B 22 50.75 -15.48 -19.81
N GLN B 23 51.97 -15.88 -20.19
CA GLN B 23 53.21 -15.16 -19.88
C GLN B 23 53.11 -13.66 -20.14
N LYS B 24 52.60 -13.31 -21.32
CA LYS B 24 52.45 -11.92 -21.76
C LYS B 24 51.70 -11.11 -20.71
N LEU B 25 50.83 -11.80 -19.95
CA LEU B 25 49.97 -11.20 -18.94
C LEU B 25 50.39 -11.52 -17.49
N CYS B 26 51.57 -12.12 -17.33
CA CYS B 26 52.25 -12.19 -16.02
C CYS B 26 53.31 -11.08 -15.99
N TYR B 27 53.05 -10.05 -16.78
CA TYR B 27 53.81 -8.82 -16.83
C TYR B 27 53.43 -8.03 -15.58
N GLY B 28 54.03 -8.45 -14.46
CA GLY B 28 53.68 -8.01 -13.11
C GLY B 28 53.08 -9.14 -12.28
N LEU B 29 53.93 -9.93 -11.62
CA LEU B 29 53.50 -11.15 -10.92
C LEU B 29 54.64 -11.72 -10.03
N ASN B 30 54.29 -12.44 -8.96
CA ASN B 30 55.29 -12.99 -8.04
C ASN B 30 56.03 -14.23 -8.55
N MET B 31 57.11 -13.98 -9.28
CA MET B 31 58.04 -14.98 -9.86
C MET B 31 57.88 -16.46 -9.52
N ASP B 32 57.97 -16.79 -8.24
CA ASP B 32 58.07 -18.16 -7.76
C ASP B 32 56.75 -18.92 -7.85
N PHE B 33 55.68 -18.20 -8.14
CA PHE B 33 54.35 -18.79 -8.29
C PHE B 33 53.74 -18.46 -9.67
N VAL B 34 54.59 -17.98 -10.57
CA VAL B 34 54.26 -17.81 -11.99
C VAL B 34 54.36 -19.18 -12.65
N ASP B 35 53.31 -19.99 -12.50
CA ASP B 35 53.29 -21.30 -13.13
C ASP B 35 52.12 -21.51 -14.11
N PRO B 36 52.24 -21.00 -15.35
CA PRO B 36 51.21 -21.23 -16.38
C PRO B 36 51.27 -22.65 -16.99
N ALA B 37 52.30 -23.42 -16.65
CA ALA B 37 52.30 -24.87 -16.90
C ALA B 37 51.31 -25.63 -15.97
N GLN B 38 51.05 -25.09 -14.78
CA GLN B 38 49.97 -25.62 -13.94
C GLN B 38 48.65 -25.25 -14.59
N ILE B 39 48.63 -24.12 -15.31
CA ILE B 39 47.39 -23.60 -15.91
C ILE B 39 46.93 -24.39 -17.16
N THR B 40 47.79 -24.47 -18.17
CA THR B 40 47.45 -25.15 -19.42
C THR B 40 47.27 -26.65 -19.20
N MET B 41 47.92 -27.19 -18.17
CA MET B 41 47.70 -28.59 -17.75
C MET B 41 46.21 -28.85 -17.47
N LYS B 42 45.56 -27.94 -16.76
CA LYS B 42 44.15 -28.06 -16.48
C LYS B 42 43.28 -27.68 -17.69
N VAL B 43 43.63 -26.59 -18.38
CA VAL B 43 42.92 -26.12 -19.60
C VAL B 43 42.88 -27.19 -20.70
N ILE B 44 43.99 -27.93 -20.83
CA ILE B 44 44.14 -28.92 -21.88
C ILE B 44 43.75 -30.31 -21.38
N GLN B 45 43.31 -30.41 -20.13
CA GLN B 45 42.72 -31.66 -19.62
C GLN B 45 41.40 -32.00 -20.34
N GLY B 46 40.53 -30.99 -20.49
CA GLY B 46 39.27 -31.13 -21.25
C GLY B 46 39.25 -30.26 -22.50
N LEU B 47 38.66 -30.78 -23.57
CA LEU B 47 38.56 -30.04 -24.83
C LEU B 47 37.26 -30.35 -25.60
N TYR B 48 36.22 -29.56 -25.32
CA TYR B 48 34.87 -29.71 -25.90
C TYR B 48 34.28 -28.37 -26.32
N VAL B 51 37.14 -26.20 -28.73
CA VAL B 51 37.03 -25.35 -29.92
C VAL B 51 36.67 -23.91 -29.46
N THR B 52 36.96 -22.90 -30.31
CA THR B 52 36.76 -21.45 -30.01
C THR B 52 37.92 -20.83 -29.22
N THR B 53 38.20 -19.54 -29.44
CA THR B 53 39.16 -18.83 -28.61
C THR B 53 38.42 -18.38 -27.37
N VAL B 54 37.35 -17.61 -27.56
CA VAL B 54 36.59 -17.02 -26.47
C VAL B 54 36.06 -18.07 -25.47
N GLU B 55 35.65 -19.22 -25.98
CA GLU B 55 35.22 -20.36 -25.18
C GLU B 55 36.39 -21.03 -24.41
N LEU B 56 37.60 -21.05 -25.01
CA LEU B 56 38.83 -21.52 -24.35
C LEU B 56 39.51 -20.45 -23.47
N ASP B 57 39.13 -19.19 -23.65
CA ASP B 57 39.63 -18.12 -22.82
C ASP B 57 38.93 -18.10 -21.49
N THR B 58 37.63 -18.40 -21.52
CA THR B 58 36.80 -18.41 -20.32
C THR B 58 37.13 -19.62 -19.44
N LEU B 59 37.21 -20.80 -20.02
CA LEU B 59 37.65 -21.86 -19.16
C LEU B 59 39.04 -21.47 -18.67
N ALA B 60 39.88 -20.97 -19.56
CA ALA B 60 41.21 -20.54 -19.13
C ALA B 60 41.16 -19.59 -17.94
N ALA B 61 40.24 -18.63 -17.99
CA ALA B 61 40.19 -17.56 -17.00
C ALA B 61 39.55 -17.99 -15.70
N GLU B 62 38.73 -19.03 -15.75
CA GLU B 62 38.13 -19.60 -14.54
C GLU B 62 39.12 -20.50 -13.82
N THR B 63 39.77 -21.40 -14.55
CA THR B 63 40.75 -22.30 -13.97
C THR B 63 41.92 -21.51 -13.32
N ALA B 64 42.09 -20.25 -13.73
CA ALA B 64 43.12 -19.40 -13.17
C ALA B 64 42.65 -18.90 -11.82
N ALA B 65 41.40 -18.42 -11.80
CA ALA B 65 40.74 -17.96 -10.56
C ALA B 65 40.74 -19.06 -9.50
N THR B 66 40.57 -20.30 -9.95
CA THR B 66 40.58 -21.46 -9.07
C THR B 66 41.96 -21.78 -8.47
N LEU B 67 43.03 -21.23 -9.04
CA LEU B 67 44.34 -21.38 -8.42
C LEU B 67 44.67 -20.09 -7.65
N THR B 68 43.65 -19.44 -7.10
CA THR B 68 43.85 -18.27 -6.22
C THR B 68 44.36 -18.70 -4.86
N THR B 69 43.67 -19.65 -4.23
CA THR B 69 44.06 -20.13 -2.88
C THR B 69 45.46 -20.79 -2.84
N LYS B 70 46.17 -20.76 -3.96
CA LYS B 70 47.60 -21.05 -3.96
C LYS B 70 48.40 -19.73 -3.84
N HIS B 71 48.02 -18.73 -4.63
CA HIS B 71 48.57 -17.35 -4.51
C HIS B 71 47.69 -16.33 -5.25
N PRO B 72 47.29 -15.23 -4.56
CA PRO B 72 46.28 -14.27 -5.08
C PRO B 72 46.72 -13.43 -6.30
N ASP B 73 47.91 -13.66 -6.82
CA ASP B 73 48.31 -13.09 -8.11
C ASP B 73 47.65 -13.86 -9.27
N TYR B 74 47.52 -15.18 -9.11
CA TYR B 74 46.67 -16.02 -9.98
C TYR B 74 45.28 -15.42 -10.17
N ALA B 75 44.87 -14.55 -9.24
CA ALA B 75 43.57 -13.87 -9.31
C ALA B 75 43.58 -12.54 -10.08
N ILE B 76 44.72 -11.83 -10.10
CA ILE B 76 44.84 -10.61 -10.92
C ILE B 76 45.18 -10.98 -12.37
N LEU B 77 45.87 -12.11 -12.51
CA LEU B 77 46.06 -12.77 -13.79
C LEU B 77 44.71 -13.32 -14.24
N ALA B 78 44.06 -14.14 -13.41
CA ALA B 78 42.72 -14.62 -13.72
C ALA B 78 41.85 -13.51 -14.30
N ALA B 79 42.11 -12.28 -13.87
CA ALA B 79 41.35 -11.12 -14.33
C ALA B 79 41.90 -10.59 -15.66
N ARG B 80 43.22 -10.55 -15.78
CA ARG B 80 43.89 -10.16 -17.03
C ARG B 80 43.45 -10.99 -18.27
N ILE B 81 43.30 -12.30 -18.10
CA ILE B 81 42.85 -13.20 -19.20
C ILE B 81 41.33 -13.22 -19.44
N ALA B 82 40.60 -12.46 -18.63
CA ALA B 82 39.17 -12.24 -18.82
C ALA B 82 38.95 -10.81 -19.31
N VAL B 83 39.84 -9.91 -18.89
CA VAL B 83 39.78 -8.50 -19.28
C VAL B 83 40.37 -8.24 -20.67
N SER B 84 41.47 -8.91 -21.01
CA SER B 84 42.00 -8.83 -22.37
C SER B 84 41.21 -9.75 -23.32
N ASN B 85 40.51 -10.71 -22.73
CA ASN B 85 39.47 -11.44 -23.42
C ASN B 85 38.40 -10.42 -23.81
N LEU B 86 37.83 -9.76 -22.81
CA LEU B 86 36.91 -8.65 -23.03
C LEU B 86 37.48 -7.62 -24.00
N HIS B 87 38.74 -7.23 -23.78
CA HIS B 87 39.39 -6.26 -24.64
C HIS B 87 39.27 -6.70 -26.09
N LYS B 88 39.67 -7.94 -26.40
CA LYS B 88 39.78 -8.42 -27.78
C LYS B 88 38.59 -8.04 -28.67
N GLU B 89 37.38 -8.07 -28.13
CA GLU B 89 36.19 -7.57 -28.88
C GLU B 89 35.26 -6.58 -28.09
N THR B 90 35.86 -5.45 -27.69
CA THR B 90 35.17 -4.26 -27.14
C THR B 90 36.02 -3.05 -27.54
N LYS B 91 35.48 -2.21 -28.43
CA LYS B 91 36.19 -1.09 -29.09
C LYS B 91 37.33 -0.38 -28.32
N LYS B 92 38.44 -0.10 -29.02
CA LYS B 92 39.63 0.55 -28.43
C LYS B 92 39.35 1.98 -27.94
N VAL B 93 39.15 2.89 -28.87
CA VAL B 93 38.93 4.31 -28.56
C VAL B 93 37.59 4.55 -27.86
N PHE B 94 37.60 5.47 -26.89
CA PHE B 94 36.43 5.80 -26.02
C PHE B 94 35.29 6.59 -26.66
N SER B 95 35.63 7.64 -27.42
CA SER B 95 34.63 8.47 -28.06
C SER B 95 33.73 7.59 -28.94
N ASP B 96 34.36 6.68 -29.69
CA ASP B 96 33.61 5.76 -30.51
C ASP B 96 32.61 4.96 -29.67
N VAL B 97 32.99 4.59 -28.45
CA VAL B 97 32.10 3.81 -27.60
C VAL B 97 30.91 4.61 -27.07
N MET B 98 31.18 5.78 -26.49
CA MET B 98 30.12 6.70 -26.04
C MET B 98 29.22 7.09 -27.22
N GLU B 99 29.82 7.20 -28.41
CA GLU B 99 29.07 7.36 -29.67
C GLU B 99 27.97 6.30 -29.79
N ASP B 100 28.38 5.03 -29.79
CA ASP B 100 27.46 3.91 -29.99
C ASP B 100 26.27 3.95 -29.04
N LEU B 101 26.55 4.19 -27.76
CA LEU B 101 25.51 4.21 -26.73
C LEU B 101 24.35 5.15 -27.08
N TYR B 102 24.68 6.34 -27.56
CA TYR B 102 23.66 7.30 -27.97
C TYR B 102 22.84 6.84 -29.18
N ASN B 103 23.50 6.14 -30.08
CA ASN B 103 22.87 5.73 -31.33
C ASN B 103 21.98 4.51 -31.17
N TYR B 104 21.85 4.02 -29.94
CA TYR B 104 21.16 2.77 -29.65
C TYR B 104 19.72 2.69 -30.18
N ILE B 105 19.44 1.66 -30.95
CA ILE B 105 18.09 1.45 -31.43
C ILE B 105 17.72 0.02 -31.10
N ASN B 106 17.37 -0.21 -29.85
CA ASN B 106 17.00 -1.54 -29.45
C ASN B 106 16.04 -2.09 -30.44
N PRO B 107 15.62 -3.31 -30.19
CA PRO B 107 14.51 -3.92 -30.90
C PRO B 107 13.45 -4.31 -29.90
N HIS B 108 12.66 -3.33 -29.51
CA HIS B 108 11.51 -3.58 -28.67
C HIS B 108 10.48 -2.68 -29.29
N ASN B 109 10.16 -1.60 -28.60
CA ASN B 109 9.47 -0.52 -29.24
C ASN B 109 10.46 -0.10 -30.31
N GLY B 110 11.36 -1.02 -30.62
CA GLY B 110 12.41 -0.75 -31.57
C GLY B 110 12.57 0.74 -31.68
N LYS B 111 12.68 1.41 -30.55
CA LYS B 111 12.72 2.85 -30.57
C LYS B 111 14.08 3.38 -30.17
N HIS B 112 14.45 4.51 -30.73
CA HIS B 112 15.76 5.10 -30.45
C HIS B 112 15.87 5.46 -28.96
N SER B 113 16.73 4.76 -28.24
CA SER B 113 16.75 4.82 -26.79
C SER B 113 18.14 5.15 -26.26
N PRO B 114 18.53 6.45 -26.33
CA PRO B 114 19.89 6.86 -25.98
C PRO B 114 20.35 6.35 -24.60
N MET B 115 21.37 5.49 -24.60
CA MET B 115 22.01 4.96 -23.38
C MET B 115 23.07 5.92 -22.80
N VAL B 116 22.98 7.19 -23.17
CA VAL B 116 23.91 8.23 -22.70
C VAL B 116 23.28 9.62 -22.87
N ALA B 117 23.74 10.60 -22.07
CA ALA B 117 23.12 11.95 -22.05
C ALA B 117 23.30 12.77 -23.31
N LYS B 118 22.25 13.50 -23.63
CA LYS B 118 22.18 14.40 -24.78
C LYS B 118 23.50 15.16 -24.91
N SER B 119 23.79 15.92 -23.85
CA SER B 119 24.91 16.84 -23.74
C SER B 119 26.24 16.12 -23.61
N THR B 120 26.20 15.01 -22.89
CA THR B 120 27.40 14.34 -22.39
C THR B 120 28.31 13.73 -23.46
N LEU B 121 27.82 13.51 -24.68
CA LEU B 121 28.75 13.25 -25.79
C LEU B 121 29.07 14.51 -26.55
N ASP B 122 28.08 15.39 -26.70
CA ASP B 122 28.33 16.71 -27.27
C ASP B 122 29.57 17.26 -26.60
N ILE B 123 29.80 16.85 -25.36
CA ILE B 123 30.99 17.24 -24.64
C ILE B 123 32.16 16.40 -25.12
N VAL B 124 32.01 15.07 -25.02
CA VAL B 124 33.07 14.11 -25.37
C VAL B 124 33.64 14.32 -26.77
N LEU B 125 32.79 14.24 -27.80
CA LEU B 125 33.26 14.41 -29.17
C LEU B 125 33.66 15.86 -29.50
N ALA B 126 33.20 16.79 -28.69
CA ALA B 126 33.78 18.09 -28.73
C ALA B 126 35.21 17.92 -28.28
N ASN B 127 35.63 16.69 -28.00
CA ASN B 127 36.98 16.53 -27.50
C ASN B 127 37.66 15.19 -27.74
N LYS B 128 36.94 14.27 -28.36
CA LYS B 128 37.51 12.97 -28.65
C LYS B 128 39.01 12.93 -28.35
N ASP B 129 39.77 13.83 -28.96
CA ASP B 129 41.23 13.75 -28.83
C ASP B 129 41.81 13.65 -27.41
N ARG B 130 41.40 14.70 -26.56
CA ARG B 130 42.03 14.92 -25.27
C ARG B 130 41.67 13.82 -24.29
N LEU B 131 40.41 13.36 -24.40
CA LEU B 131 39.88 12.35 -23.47
C LEU B 131 40.41 10.96 -23.81
N ASN B 132 40.47 10.64 -25.10
CA ASN B 132 41.01 9.37 -25.53
C ASN B 132 42.49 9.25 -25.19
N SER B 133 43.25 10.28 -25.53
CA SER B 133 44.64 10.38 -25.10
C SER B 133 44.65 10.90 -23.67
N ALA B 134 43.94 10.18 -22.81
CA ALA B 134 44.02 10.33 -21.35
C ALA B 134 43.83 8.97 -20.71
N ILE B 135 43.02 8.12 -21.36
CA ILE B 135 42.75 6.74 -20.93
C ILE B 135 43.99 5.84 -21.00
N ILE B 136 44.24 5.08 -19.93
CA ILE B 136 45.35 4.12 -19.89
C ILE B 136 44.79 2.71 -19.68
N TYR B 137 44.32 2.09 -20.76
CA TYR B 137 43.61 0.81 -20.70
C TYR B 137 44.35 -0.31 -19.95
N ASP B 138 45.61 -0.08 -19.60
CA ASP B 138 46.39 -1.03 -18.79
C ASP B 138 45.96 -1.04 -17.33
N ARG B 139 45.14 -0.06 -16.98
CA ARG B 139 44.61 0.04 -15.65
C ARG B 139 43.51 -1.00 -15.48
N ASP B 140 42.98 -1.49 -16.60
CA ASP B 140 42.04 -2.62 -16.58
C ASP B 140 42.63 -3.89 -15.98
N PHE B 141 43.96 -4.03 -16.08
CA PHE B 141 44.66 -5.21 -15.57
C PHE B 141 45.03 -5.13 -14.07
N SER B 142 44.47 -4.14 -13.35
CA SER B 142 44.83 -3.92 -11.94
C SER B 142 43.73 -4.36 -10.97
N TYR B 143 42.67 -4.96 -11.52
CA TYR B 143 41.59 -5.56 -10.73
C TYR B 143 41.85 -7.02 -10.38
N ASN B 144 41.20 -7.52 -9.33
CA ASN B 144 41.14 -8.97 -9.16
C ASN B 144 39.91 -9.53 -9.88
N TYR B 145 39.89 -10.84 -10.04
CA TYR B 145 38.86 -11.55 -10.80
C TYR B 145 37.44 -11.19 -10.40
N PHE B 146 37.22 -11.06 -9.10
CA PHE B 146 35.88 -10.94 -8.52
C PHE B 146 35.39 -9.50 -8.49
N GLY B 147 36.33 -8.58 -8.33
CA GLY B 147 36.07 -7.18 -8.60
C GLY B 147 35.52 -7.05 -10.01
N PHE B 148 36.33 -7.52 -10.97
CA PHE B 148 36.02 -7.40 -12.40
C PHE B 148 34.71 -8.09 -12.81
N LYS B 149 34.42 -9.23 -12.17
CA LYS B 149 33.20 -9.97 -12.49
C LYS B 149 31.96 -9.24 -11.98
N THR B 150 32.08 -8.48 -10.88
CA THR B 150 30.97 -7.62 -10.40
C THR B 150 30.96 -6.28 -11.12
N LEU B 151 32.12 -5.87 -11.61
CA LEU B 151 32.18 -4.72 -12.47
C LEU B 151 31.42 -5.05 -13.76
N GLU B 152 31.82 -6.14 -14.42
CA GLU B 152 31.12 -6.56 -15.63
C GLU B 152 29.66 -6.97 -15.35
N ARG B 153 29.41 -7.65 -14.23
CA ARG B 153 28.05 -8.07 -13.92
C ARG B 153 27.03 -6.96 -14.09
N SER B 154 27.39 -5.72 -13.78
CA SER B 154 26.37 -4.66 -13.70
C SER B 154 26.83 -3.19 -13.73
N TYR B 155 28.11 -2.95 -13.97
CA TYR B 155 28.63 -1.58 -13.98
C TYR B 155 29.15 -1.13 -15.32
N LEU B 156 29.35 -2.07 -16.24
CA LEU B 156 29.79 -1.72 -17.59
C LEU B 156 28.62 -1.82 -18.53
N LEU B 157 28.35 -0.76 -19.29
CA LEU B 157 27.12 -0.70 -20.08
C LEU B 157 27.07 -1.71 -21.23
N LYS B 158 26.06 -2.59 -21.16
CA LYS B 158 25.83 -3.64 -22.14
C LYS B 158 24.94 -3.21 -23.34
N ILE B 159 25.38 -3.58 -24.54
CA ILE B 159 24.69 -3.22 -25.79
C ILE B 159 23.97 -4.44 -26.38
N ASN B 160 23.13 -5.07 -25.55
CA ASN B 160 22.73 -6.51 -25.68
C ASN B 160 23.94 -7.39 -25.37
N GLY B 161 23.75 -8.37 -24.49
CA GLY B 161 24.77 -9.38 -24.17
C GLY B 161 26.19 -8.83 -24.05
N LYS B 162 26.82 -8.60 -25.20
CA LYS B 162 28.14 -7.96 -25.26
C LYS B 162 28.18 -6.63 -24.48
N VAL B 163 28.97 -6.61 -23.40
CA VAL B 163 29.23 -5.36 -22.69
C VAL B 163 29.97 -4.47 -23.69
N ALA B 164 29.52 -3.23 -23.81
CA ALA B 164 30.09 -2.31 -24.78
C ALA B 164 31.17 -1.41 -24.18
N GLU B 165 31.20 -1.32 -22.86
CA GLU B 165 32.17 -0.46 -22.19
C GLU B 165 33.31 -1.24 -21.57
N ARG B 166 34.50 -0.68 -21.73
CA ARG B 166 35.65 -1.10 -20.94
C ARG B 166 35.55 -0.42 -19.58
N PRO B 167 36.21 -0.99 -18.55
CA PRO B 167 36.20 -0.35 -17.25
C PRO B 167 36.59 1.12 -17.32
N GLN B 168 37.73 1.42 -17.92
CA GLN B 168 38.17 2.78 -18.09
C GLN B 168 37.10 3.61 -18.77
N HIS B 169 36.40 3.00 -19.71
CA HIS B 169 35.37 3.68 -20.50
C HIS B 169 34.21 4.18 -19.64
N MET B 170 33.76 3.32 -18.74
CA MET B 170 32.74 3.65 -17.77
C MET B 170 33.24 4.71 -16.78
N LEU B 171 34.53 4.64 -16.43
CA LEU B 171 35.14 5.61 -15.50
C LEU B 171 35.16 7.00 -16.08
N MET B 172 35.64 7.09 -17.31
CA MET B 172 35.64 8.37 -18.01
C MET B 172 34.22 8.90 -18.16
N ARG B 173 33.28 8.02 -18.48
CA ARG B 173 31.90 8.45 -18.68
C ARG B 173 31.45 9.26 -17.47
N VAL B 174 31.64 8.66 -16.30
CA VAL B 174 31.36 9.26 -15.00
C VAL B 174 32.06 10.60 -14.80
N SER B 175 33.37 10.63 -15.14
CA SER B 175 34.24 11.82 -15.02
C SER B 175 33.66 13.04 -15.73
N VAL B 176 33.09 12.82 -16.92
CA VAL B 176 32.49 13.92 -17.68
C VAL B 176 31.01 14.14 -17.35
N GLY B 177 30.32 13.06 -16.97
CA GLY B 177 28.93 13.15 -16.53
C GLY B 177 28.77 13.99 -15.27
N ILE B 178 29.93 14.25 -14.64
CA ILE B 178 30.02 15.04 -13.42
C ILE B 178 30.47 16.46 -13.73
N HIS B 179 31.59 16.60 -14.45
CA HIS B 179 32.25 17.88 -14.60
C HIS B 179 31.86 18.69 -15.81
N LYS B 180 31.24 18.03 -16.79
CA LYS B 180 30.73 18.67 -18.00
C LYS B 180 31.83 19.45 -18.77
N GLU B 181 31.78 20.78 -18.68
CA GLU B 181 32.65 21.64 -19.48
C GLU B 181 34.10 21.64 -18.99
N ASP B 182 34.28 21.46 -17.68
CA ASP B 182 35.59 21.56 -17.05
C ASP B 182 36.41 20.28 -17.24
N ILE B 183 37.00 20.16 -18.43
CA ILE B 183 37.82 19.02 -18.82
C ILE B 183 39.11 18.95 -18.01
N ASP B 184 39.66 20.13 -17.70
CA ASP B 184 40.85 20.22 -16.81
C ASP B 184 40.66 19.29 -15.61
N ALA B 185 39.53 19.49 -14.93
CA ALA B 185 39.22 18.79 -13.71
C ALA B 185 38.22 17.63 -13.92
N ALA B 186 38.20 17.07 -15.13
CA ALA B 186 37.46 15.82 -15.41
C ALA B 186 38.44 14.67 -15.69
N ILE B 187 39.52 15.02 -16.36
CA ILE B 187 40.67 14.17 -16.50
C ILE B 187 41.25 13.96 -15.11
N GLU B 188 41.37 15.05 -14.36
CA GLU B 188 41.94 14.99 -13.02
C GLU B 188 41.20 13.99 -12.14
N THR B 189 39.88 13.99 -12.26
CA THR B 189 39.03 13.02 -11.55
C THR B 189 39.26 11.61 -12.06
N TYR B 190 39.23 11.44 -13.39
CA TYR B 190 39.45 10.15 -14.03
C TYR B 190 40.76 9.49 -13.64
N ASN B 191 41.77 10.29 -13.32
CA ASN B 191 43.08 9.78 -12.96
C ASN B 191 43.01 8.96 -11.70
N LEU B 192 42.62 9.63 -10.62
CA LEU B 192 42.42 9.06 -9.30
C LEU B 192 41.44 7.87 -9.27
N LEU B 193 40.46 7.93 -10.16
CA LEU B 193 39.39 6.94 -10.21
C LEU B 193 39.81 5.60 -10.82
N SER B 194 40.72 5.67 -11.77
CA SER B 194 41.21 4.50 -12.50
C SER B 194 42.49 4.00 -11.85
N GLU B 195 43.23 4.96 -11.28
CA GLU B 195 44.37 4.72 -10.39
C GLU B 195 43.91 4.14 -9.04
N ARG B 196 42.62 4.33 -8.74
CA ARG B 196 41.89 3.66 -7.65
C ARG B 196 42.06 4.23 -6.22
N TRP B 197 42.31 5.54 -6.16
CA TRP B 197 42.46 6.23 -4.89
C TRP B 197 41.09 6.47 -4.23
N PHE B 198 40.01 6.23 -4.97
CA PHE B 198 38.64 6.24 -4.42
C PHE B 198 37.58 5.72 -5.42
N THR B 199 36.32 5.90 -5.06
CA THR B 199 35.24 5.64 -5.98
C THR B 199 34.01 6.42 -5.54
N HIS B 200 33.18 6.83 -6.49
CA HIS B 200 31.86 7.34 -6.19
C HIS B 200 30.94 6.16 -5.92
N ALA B 201 29.84 6.37 -5.21
CA ALA B 201 28.92 5.27 -4.95
C ALA B 201 28.21 4.80 -6.23
N SER B 202 27.68 3.58 -6.19
CA SER B 202 27.03 2.94 -7.33
C SER B 202 26.12 3.80 -8.22
N PRO B 203 25.09 4.45 -7.64
CA PRO B 203 24.18 5.26 -8.45
C PRO B 203 24.93 6.24 -9.39
N THR B 204 25.94 6.93 -8.85
CA THR B 204 26.78 7.80 -9.65
C THR B 204 27.44 6.95 -10.70
N LEU B 205 28.08 5.85 -10.29
CA LEU B 205 28.78 4.94 -11.23
C LEU B 205 27.82 4.43 -12.29
N PHE B 206 26.60 4.10 -11.86
CA PHE B 206 25.58 3.63 -12.78
C PHE B 206 25.12 4.70 -13.76
N ASN B 207 24.76 5.89 -13.27
CA ASN B 207 24.00 6.84 -14.10
C ASN B 207 24.67 8.16 -14.53
N ALA B 208 25.84 8.47 -13.97
CA ALA B 208 26.53 9.70 -14.33
C ALA B 208 26.76 9.75 -15.83
N GLY B 209 26.29 10.84 -16.44
CA GLY B 209 26.36 11.03 -17.87
C GLY B 209 25.29 10.29 -18.63
N THR B 210 24.29 9.75 -17.94
CA THR B 210 23.08 9.28 -18.63
C THR B 210 22.00 10.36 -18.58
N ASN B 211 20.80 10.05 -19.04
CA ASN B 211 19.89 11.08 -19.49
C ASN B 211 18.96 11.75 -18.44
N ARG B 212 18.56 11.04 -17.39
CA ARG B 212 17.88 11.70 -16.25
C ARG B 212 18.46 11.13 -14.96
N PRO B 213 19.68 11.61 -14.64
CA PRO B 213 20.68 10.96 -13.79
C PRO B 213 20.20 10.68 -12.37
N GLN B 214 19.84 9.44 -12.09
CA GLN B 214 19.59 9.06 -10.71
C GLN B 214 20.92 9.01 -9.96
N LEU B 215 21.44 10.16 -9.54
CA LEU B 215 22.82 10.22 -9.06
C LEU B 215 23.04 9.92 -7.58
N SER B 216 21.96 9.90 -6.79
CA SER B 216 22.08 9.67 -5.34
C SER B 216 21.41 8.42 -4.79
N SER B 217 21.98 7.89 -3.70
CA SER B 217 21.45 6.64 -3.12
C SER B 217 20.58 6.80 -1.84
N CYS B 218 20.95 7.73 -0.95
CA CYS B 218 20.24 7.93 0.32
C CYS B 218 19.07 8.84 0.22
N PHE B 219 17.98 8.44 0.85
CA PHE B 219 16.91 9.37 1.13
C PHE B 219 16.40 9.09 2.54
N LEU B 220 16.18 10.15 3.31
CA LEU B 220 15.49 10.01 4.58
C LEU B 220 14.35 11.02 4.73
N LEU B 221 13.15 10.49 4.91
CA LEU B 221 11.97 11.32 5.05
C LEU B 221 11.27 11.05 6.37
N SER B 222 10.40 11.97 6.75
CA SER B 222 9.59 11.78 7.95
C SER B 222 8.13 11.91 7.60
N MET B 223 7.35 11.02 8.22
CA MET B 223 5.94 10.81 7.89
C MET B 223 5.14 12.09 8.04
N LYS B 224 4.73 12.67 6.90
CA LYS B 224 4.12 14.00 6.79
C LYS B 224 3.22 14.44 7.98
N ASP B 225 1.98 13.98 8.03
CA ASP B 225 1.19 14.28 9.23
C ASP B 225 0.53 13.01 9.75
N ASP B 226 -0.23 13.11 10.83
CA ASP B 226 -0.91 11.96 11.36
C ASP B 226 -2.34 11.94 10.84
N SER B 227 -2.49 11.62 9.55
CA SER B 227 -3.79 11.45 8.88
C SER B 227 -3.64 10.53 7.70
N ILE B 228 -4.70 9.88 7.27
CA ILE B 228 -4.50 8.93 6.20
C ILE B 228 -4.18 9.74 4.95
N GLU B 229 -4.74 10.94 4.85
CA GLU B 229 -4.30 11.90 3.84
C GLU B 229 -2.78 11.95 3.75
N GLY B 230 -2.11 12.04 4.87
CA GLY B 230 -0.68 12.33 4.87
C GLY B 230 0.10 11.04 4.86
N ILE B 231 -0.49 10.02 5.48
CA ILE B 231 0.15 8.72 5.52
C ILE B 231 0.32 8.18 4.09
N TYR B 232 -0.72 8.36 3.29
CA TYR B 232 -0.68 7.95 1.92
C TYR B 232 0.08 8.88 1.00
N ASP B 233 0.32 10.12 1.41
CA ASP B 233 1.20 11.03 0.66
C ASP B 233 2.62 10.52 0.73
N THR B 234 2.99 10.07 1.93
CA THR B 234 4.32 9.59 2.24
C THR B 234 4.55 8.31 1.46
N LEU B 235 3.56 7.43 1.54
CA LEU B 235 3.62 6.17 0.82
C LEU B 235 3.89 6.42 -0.67
N LYS B 236 3.18 7.35 -1.27
CA LYS B 236 3.47 7.71 -2.65
C LYS B 236 4.94 8.07 -2.78
N GLN B 237 5.40 9.07 -2.01
CA GLN B 237 6.81 9.47 -1.98
C GLN B 237 7.78 8.29 -1.94
N CYS B 238 7.53 7.34 -1.05
CA CYS B 238 8.37 6.16 -0.92
C CYS B 238 8.33 5.27 -2.16
N ALA B 239 7.15 5.08 -2.73
CA ALA B 239 7.01 4.34 -3.98
C ALA B 239 7.85 5.01 -5.07
N LEU B 240 7.70 6.32 -5.18
CA LEU B 240 8.47 7.10 -6.15
C LEU B 240 9.95 6.95 -5.90
N ILE B 241 10.40 7.20 -4.68
CA ILE B 241 11.81 7.11 -4.40
C ILE B 241 12.29 5.67 -4.68
N SER B 242 11.46 4.73 -4.28
CA SER B 242 11.81 3.34 -4.45
C SER B 242 12.07 3.04 -5.92
N LYS B 243 11.16 3.51 -6.78
CA LYS B 243 11.23 3.30 -8.22
C LYS B 243 12.57 3.78 -8.75
N SER B 244 13.08 4.84 -8.17
CA SER B 244 14.27 5.47 -8.68
C SER B 244 15.50 4.88 -8.04
N ALA B 245 15.39 3.65 -7.53
CA ALA B 245 16.52 2.96 -6.85
C ALA B 245 16.74 3.35 -5.38
N GLY B 246 16.26 4.52 -4.98
CA GLY B 246 16.58 5.04 -3.65
C GLY B 246 16.23 4.18 -2.42
N GLY B 247 17.20 4.07 -1.51
CA GLY B 247 16.99 3.47 -0.19
C GLY B 247 16.53 4.57 0.75
N ILE B 248 15.67 4.21 1.70
CA ILE B 248 15.02 5.18 2.59
C ILE B 248 15.16 4.85 4.06
N GLY B 249 15.04 5.84 4.90
CA GLY B 249 14.67 5.63 6.28
C GLY B 249 13.44 6.47 6.46
N VAL B 250 12.42 5.95 7.13
CA VAL B 250 11.26 6.77 7.44
C VAL B 250 11.07 6.89 8.93
N ALA B 251 10.74 8.11 9.37
CA ALA B 251 10.43 8.43 10.76
C ALA B 251 8.93 8.33 11.02
N VAL B 252 8.50 7.34 11.78
CA VAL B 252 7.08 7.02 11.76
C VAL B 252 6.41 7.28 13.12
N SER B 253 7.23 7.66 14.10
CA SER B 253 6.79 7.95 15.47
C SER B 253 5.59 8.87 15.68
N CYS B 254 5.18 9.66 14.67
CA CYS B 254 4.10 10.65 14.91
C CYS B 254 2.71 10.13 14.60
N ILE B 255 2.64 8.97 13.97
CA ILE B 255 1.36 8.30 13.74
C ILE B 255 0.82 7.85 15.10
N ARG B 256 -0.43 8.19 15.38
CA ARG B 256 -1.02 7.83 16.68
C ARG B 256 -1.19 6.33 16.86
N ALA B 257 -1.11 5.89 18.11
CA ALA B 257 -1.12 4.48 18.53
C ALA B 257 -2.38 3.67 18.30
N THR B 258 -2.24 2.35 18.38
CA THR B 258 -3.40 1.44 18.24
C THR B 258 -4.40 1.77 19.31
N GLY B 259 -5.64 2.01 18.92
CA GLY B 259 -6.64 2.22 19.93
C GLY B 259 -7.01 3.66 20.05
N SER B 260 -6.08 4.56 19.74
CA SER B 260 -6.33 6.00 19.76
C SER B 260 -7.59 6.40 19.01
N TYR B 261 -8.22 7.46 19.47
CA TYR B 261 -9.49 7.92 18.90
C TYR B 261 -9.35 8.59 17.51
N ILE B 262 -10.13 8.12 16.53
CA ILE B 262 -10.33 8.88 15.28
C ILE B 262 -11.55 9.78 15.42
N ALA B 263 -11.30 11.06 15.69
CA ALA B 263 -12.36 12.03 15.88
C ALA B 263 -13.41 12.00 14.78
N GLY B 264 -12.97 12.24 13.55
CA GLY B 264 -13.88 12.44 12.44
C GLY B 264 -14.57 11.20 11.89
N THR B 265 -14.41 10.05 12.52
CA THR B 265 -15.16 8.86 12.10
C THR B 265 -15.71 8.24 13.33
N ASN B 266 -15.25 8.77 14.47
CA ASN B 266 -15.59 8.29 15.80
C ASN B 266 -15.18 6.83 16.02
N GLY B 267 -14.06 6.45 15.42
CA GLY B 267 -13.52 5.10 15.51
C GLY B 267 -12.17 5.18 16.15
N ASN B 268 -11.38 4.12 16.02
CA ASN B 268 -10.05 4.06 16.64
C ASN B 268 -8.96 3.49 15.78
N SER B 269 -7.84 4.22 15.69
CA SER B 269 -6.71 3.86 14.82
C SER B 269 -6.34 2.42 14.97
N ASN B 270 -5.99 1.79 13.84
CA ASN B 270 -5.61 0.39 13.86
C ASN B 270 -4.12 0.26 14.19
N GLY B 271 -3.44 1.42 14.25
CA GLY B 271 -2.10 1.49 14.79
C GLY B 271 -0.96 1.37 13.79
N LEU B 272 0.26 1.32 14.30
CA LEU B 272 1.45 1.25 13.46
C LEU B 272 1.46 0.03 12.55
N VAL B 273 1.14 -1.16 13.06
CA VAL B 273 1.24 -2.40 12.26
C VAL B 273 0.43 -2.43 10.94
N PRO B 274 -0.92 -2.37 11.00
CA PRO B 274 -1.67 -2.38 9.76
C PRO B 274 -1.12 -1.43 8.70
N MET B 275 -0.51 -0.33 9.14
CA MET B 275 -0.02 0.71 8.25
C MET B 275 1.33 0.35 7.62
N LEU B 276 2.24 -0.25 8.38
CA LEU B 276 3.50 -0.70 7.81
C LEU B 276 3.22 -1.79 6.79
N ARG B 277 2.23 -2.62 7.08
CA ARG B 277 1.87 -3.62 6.12
C ARG B 277 1.65 -3.03 4.73
N VAL B 278 1.01 -1.87 4.68
CA VAL B 278 0.88 -1.21 3.41
C VAL B 278 2.28 -0.83 2.87
N TYR B 279 3.14 -0.34 3.75
CA TYR B 279 4.50 -0.02 3.36
C TYR B 279 5.32 -1.22 2.95
N ASN B 280 5.26 -2.28 3.76
CA ASN B 280 5.96 -3.53 3.45
C ASN B 280 5.64 -4.08 2.07
N ASN B 281 4.35 -4.23 1.80
CA ASN B 281 3.89 -4.55 0.47
C ASN B 281 4.30 -3.58 -0.64
N THR B 282 4.34 -2.28 -0.34
CA THR B 282 4.89 -1.33 -1.29
C THR B 282 6.37 -1.67 -1.65
N ALA B 283 7.24 -1.79 -0.65
CA ALA B 283 8.60 -2.29 -0.84
C ALA B 283 8.65 -3.54 -1.75
N ARG B 284 7.73 -4.48 -1.57
CA ARG B 284 7.74 -5.68 -2.41
C ARG B 284 7.27 -5.40 -3.83
N TYR B 285 6.31 -4.49 -3.98
CA TYR B 285 5.75 -4.22 -5.29
C TYR B 285 6.74 -3.43 -6.10
N VAL B 286 7.13 -2.26 -5.59
CA VAL B 286 8.08 -1.43 -6.33
C VAL B 286 9.52 -1.83 -5.99
N ASP B 287 9.86 -3.06 -6.41
CA ASP B 287 11.24 -3.55 -6.39
C ASP B 287 11.98 -3.27 -7.68
N GLN B 288 11.84 -2.04 -8.16
CA GLN B 288 12.62 -1.50 -9.27
C GLN B 288 12.27 -2.17 -10.56
N GLY B 289 11.51 -3.26 -10.48
CA GLY B 289 11.03 -3.93 -11.68
C GLY B 289 11.40 -5.39 -11.81
N GLY B 290 10.61 -6.24 -11.16
CA GLY B 290 10.68 -7.69 -11.35
C GLY B 290 11.29 -8.45 -10.19
N ASN B 291 12.63 -8.44 -10.14
CA ASN B 291 13.43 -9.39 -9.35
C ASN B 291 14.29 -8.79 -8.21
N LYS B 292 14.98 -9.71 -7.51
CA LYS B 292 16.03 -9.42 -6.55
C LYS B 292 15.37 -9.05 -5.22
N ARG B 293 15.54 -7.80 -4.81
CA ARG B 293 15.18 -7.39 -3.45
C ARG B 293 14.24 -6.17 -3.43
N PRO B 294 13.12 -6.30 -2.69
CA PRO B 294 12.17 -5.23 -2.36
C PRO B 294 12.87 -3.91 -2.08
N GLY B 295 12.33 -2.81 -2.59
CA GLY B 295 12.84 -1.49 -2.26
C GLY B 295 13.14 -1.43 -0.77
N ALA B 296 14.22 -0.79 -0.39
CA ALA B 296 14.58 -0.78 1.03
C ALA B 296 14.03 0.45 1.77
N PHE B 297 13.19 0.17 2.79
CA PHE B 297 12.67 1.17 3.73
C PHE B 297 13.08 0.73 5.13
N ALA B 298 13.90 1.54 5.79
CA ALA B 298 14.12 1.33 7.21
C ALA B 298 13.13 2.21 7.88
N ILE B 299 12.46 1.66 8.89
CA ILE B 299 11.46 2.39 9.65
C ILE B 299 11.96 2.72 11.05
N TYR B 300 11.84 4.00 11.43
CA TYR B 300 12.35 4.55 12.72
C TYR B 300 11.27 4.91 13.76
N LEU B 301 11.26 4.20 14.88
CA LEU B 301 10.36 4.49 15.97
C LEU B 301 11.17 4.93 17.17
N GLU B 302 10.57 5.79 17.96
CA GLU B 302 11.09 6.10 19.28
C GLU B 302 10.43 5.14 20.33
N PRO B 303 11.22 4.66 21.31
CA PRO B 303 10.70 3.67 22.25
C PRO B 303 9.57 4.11 23.18
N TRP B 304 9.27 5.39 23.30
CA TRP B 304 8.07 5.81 24.06
C TRP B 304 6.73 5.57 23.38
N HIS B 305 6.77 5.22 22.11
CA HIS B 305 5.55 5.09 21.35
C HIS B 305 4.79 3.88 21.79
N LEU B 306 3.48 4.01 21.90
CA LEU B 306 2.65 2.94 22.43
C LEU B 306 2.85 1.59 21.76
N ASP B 307 3.04 1.59 20.44
CA ASP B 307 3.20 0.33 19.73
C ASP B 307 4.62 -0.23 19.64
N ILE B 308 5.50 0.11 20.56
CA ILE B 308 6.88 -0.38 20.47
C ILE B 308 7.02 -1.89 20.55
N PHE B 309 6.23 -2.56 21.37
CA PHE B 309 6.41 -4.01 21.54
C PHE B 309 6.00 -4.79 20.30
N GLU B 310 4.99 -4.28 19.58
CA GLU B 310 4.55 -4.86 18.31
C GLU B 310 5.58 -4.57 17.26
N PHE B 311 6.10 -3.36 17.28
CA PHE B 311 7.09 -2.92 16.33
C PHE B 311 8.25 -3.91 16.28
N LEU B 312 8.68 -4.39 17.44
CA LEU B 312 9.86 -5.23 17.50
C LEU B 312 9.51 -6.62 17.01
N ASP B 313 8.22 -6.92 16.95
CA ASP B 313 7.76 -8.23 16.49
C ASP B 313 7.66 -8.33 14.99
N LEU B 314 7.81 -7.18 14.33
CA LEU B 314 7.45 -7.11 12.93
C LEU B 314 8.40 -7.96 12.10
N LYS B 315 9.66 -8.06 12.54
CA LYS B 315 10.65 -8.76 11.76
C LYS B 315 10.83 -10.26 12.07
N LYS B 316 10.25 -10.76 13.16
CA LYS B 316 10.38 -12.19 13.53
C LYS B 316 9.80 -13.00 12.40
N ASN B 317 10.47 -14.05 11.96
CA ASN B 317 9.90 -14.77 10.83
C ASN B 317 9.07 -15.95 11.29
N THR B 318 8.40 -15.70 12.41
CA THR B 318 7.54 -16.65 13.09
C THR B 318 6.44 -15.87 13.79
N GLY B 319 5.23 -15.90 13.24
CA GLY B 319 4.07 -15.21 13.83
C GLY B 319 2.96 -15.01 12.84
N LYS B 320 1.76 -14.67 13.32
CA LYS B 320 0.60 -14.48 12.45
C LYS B 320 0.91 -13.47 11.33
N GLU B 321 0.44 -13.76 10.13
CA GLU B 321 0.84 -13.00 8.93
C GLU B 321 0.56 -11.49 9.03
N GLU B 322 -0.69 -11.14 9.28
CA GLU B 322 -1.11 -9.73 9.40
C GLU B 322 -0.50 -8.98 10.64
N GLN B 323 0.48 -9.62 11.26
CA GLN B 323 1.22 -9.04 12.35
C GLN B 323 2.71 -8.96 12.07
N ARG B 324 3.13 -9.34 10.86
CA ARG B 324 4.54 -9.25 10.47
C ARG B 324 4.79 -8.31 9.30
N ALA B 325 6.05 -8.00 9.05
CA ALA B 325 6.43 -7.05 8.00
C ALA B 325 7.88 -7.27 7.67
N ARG B 326 8.16 -8.46 7.14
CA ARG B 326 9.52 -8.96 7.06
C ARG B 326 10.41 -8.26 6.03
N ASP B 327 9.83 -7.82 4.92
CA ASP B 327 10.57 -7.12 3.88
C ASP B 327 11.08 -5.73 4.30
N LEU B 328 10.66 -5.25 5.47
CA LEU B 328 11.09 -3.92 5.96
C LEU B 328 12.28 -3.97 6.91
N PHE B 329 12.68 -2.79 7.35
CA PHE B 329 13.86 -2.64 8.14
C PHE B 329 13.55 -1.78 9.35
N PHE B 330 14.07 -2.17 10.50
CA PHE B 330 13.65 -1.57 11.75
C PHE B 330 14.80 -0.99 12.57
N ALA B 331 14.62 0.27 12.99
CA ALA B 331 15.60 1.03 13.73
C ALA B 331 14.90 1.80 14.87
N LEU B 332 15.53 1.79 16.05
CA LEU B 332 15.04 2.62 17.16
C LEU B 332 15.80 3.94 17.14
N TRP B 333 15.06 5.01 17.39
CA TRP B 333 15.60 6.36 17.52
C TRP B 333 15.52 6.66 19.03
N ILE B 334 16.54 6.22 19.78
CA ILE B 334 16.51 6.15 21.28
C ILE B 334 16.91 7.47 21.99
N PRO B 335 16.07 7.96 22.92
CA PRO B 335 16.46 9.14 23.68
C PRO B 335 17.16 8.72 24.98
N ASP B 336 18.12 9.53 25.43
CA ASP B 336 18.94 9.27 26.63
C ASP B 336 18.12 8.85 27.85
N LEU B 337 17.08 9.63 28.12
CA LEU B 337 16.12 9.26 29.15
C LEU B 337 15.90 7.75 29.21
N PHE B 338 15.36 7.17 28.12
CA PHE B 338 15.13 5.73 28.04
C PHE B 338 16.33 4.86 28.51
N MET B 339 17.54 5.19 28.07
CA MET B 339 18.70 4.41 28.48
C MET B 339 18.92 4.57 29.98
N LYS B 340 18.88 5.83 30.46
CA LYS B 340 19.03 6.10 31.90
C LYS B 340 17.97 5.31 32.69
N ARG B 341 16.71 5.39 32.26
CA ARG B 341 15.63 4.69 32.95
C ARG B 341 15.91 3.20 33.02
N VAL B 342 16.47 2.65 31.93
CA VAL B 342 16.79 1.22 31.89
C VAL B 342 17.84 0.93 32.93
N GLU B 343 18.92 1.70 32.93
CA GLU B 343 20.12 1.39 33.75
C GLU B 343 19.94 1.62 35.24
N THR B 344 18.90 2.38 35.58
CA THR B 344 18.56 2.71 36.94
C THR B 344 17.27 1.97 37.31
N ASN B 345 16.86 1.06 36.43
CA ASN B 345 15.70 0.19 36.62
C ASN B 345 14.46 0.92 37.10
N GLN B 346 14.02 1.89 36.33
CA GLN B 346 12.77 2.59 36.66
C GLN B 346 11.68 2.27 35.66
N ASP B 347 10.46 2.71 35.95
CA ASP B 347 9.37 2.62 35.00
C ASP B 347 9.53 3.54 33.80
N TRP B 348 8.88 3.13 32.73
CA TRP B 348 8.94 3.81 31.47
C TRP B 348 7.50 3.96 30.98
N SER B 349 7.10 5.18 30.63
CA SER B 349 5.72 5.41 30.20
C SER B 349 5.56 5.41 28.68
N LEU B 350 4.59 4.63 28.20
CA LEU B 350 4.28 4.60 26.76
C LEU B 350 3.17 5.58 26.46
N MET B 351 3.40 6.49 25.55
CA MET B 351 2.33 7.38 25.15
C MET B 351 1.97 7.40 23.65
N CYS B 352 0.77 7.91 23.36
CA CYS B 352 0.24 7.98 22.01
C CYS B 352 0.53 9.38 21.50
N PRO B 353 1.14 9.51 20.30
CA PRO B 353 1.60 10.84 19.87
C PRO B 353 0.44 11.77 19.65
N ASN B 354 -0.77 11.24 19.59
CA ASN B 354 -1.91 12.12 19.46
C ASN B 354 -2.32 12.77 20.75
N GLU B 355 -2.13 12.07 21.87
CA GLU B 355 -2.44 12.64 23.18
C GLU B 355 -1.28 13.46 23.70
N CYS B 356 -0.05 13.04 23.39
CA CYS B 356 1.16 13.70 23.86
C CYS B 356 1.93 14.21 22.65
N PRO B 357 1.52 15.35 22.10
CA PRO B 357 2.10 15.78 20.85
C PRO B 357 3.50 16.37 20.97
N GLY B 358 4.25 16.24 19.87
CA GLY B 358 5.50 16.95 19.65
C GLY B 358 6.68 16.41 20.43
N LEU B 359 6.56 15.15 20.84
CA LEU B 359 7.61 14.49 21.58
C LEU B 359 8.80 14.28 20.63
N ASP B 360 8.46 13.99 19.37
CA ASP B 360 9.40 13.61 18.35
C ASP B 360 10.00 14.85 17.68
N GLU B 361 9.48 16.01 18.13
CA GLU B 361 9.81 17.34 17.60
C GLU B 361 10.96 17.99 18.37
N VAL B 362 11.37 17.38 19.48
CA VAL B 362 12.36 17.95 20.39
C VAL B 362 13.28 16.87 20.94
N TRP B 363 14.41 17.27 21.48
CA TRP B 363 15.40 16.31 21.93
C TRP B 363 16.10 16.76 23.22
N GLY B 364 16.78 15.84 23.90
CA GLY B 364 17.69 16.18 25.00
C GLY B 364 16.99 16.71 26.22
N GLU B 365 17.69 17.60 26.93
CA GLU B 365 17.22 18.22 28.19
C GLU B 365 15.79 18.77 28.05
N GLU B 366 15.47 19.31 26.88
CA GLU B 366 14.10 19.74 26.54
C GLU B 366 13.03 18.62 26.39
N PHE B 367 13.39 17.52 25.74
CA PHE B 367 12.47 16.39 25.54
C PHE B 367 12.05 15.86 26.89
N GLU B 368 13.04 15.62 27.75
CA GLU B 368 12.83 15.14 29.11
C GLU B 368 11.79 15.97 29.86
N LYS B 369 11.91 17.30 29.77
CA LYS B 369 10.95 18.19 30.41
C LYS B 369 9.55 17.80 29.93
N LEU B 370 9.28 18.02 28.65
CA LEU B 370 8.02 17.69 28.02
C LEU B 370 7.52 16.27 28.35
N TYR B 371 8.40 15.28 28.28
CA TYR B 371 7.97 13.92 28.54
C TYR B 371 7.50 13.70 30.00
N ALA B 372 8.31 14.12 30.98
CA ALA B 372 8.00 13.95 32.39
C ALA B 372 6.81 14.84 32.79
N SER B 373 6.69 15.98 32.12
CA SER B 373 5.49 16.78 32.22
C SER B 373 4.26 15.94 31.85
N TYR B 374 4.42 15.09 30.85
CA TYR B 374 3.30 14.27 30.37
C TYR B 374 3.00 13.22 31.40
N GLU B 375 4.05 12.80 32.09
CA GLU B 375 3.90 11.87 33.15
C GLU B 375 3.16 12.56 34.30
N LYS B 376 3.61 13.75 34.74
CA LYS B 376 2.93 14.47 35.85
C LYS B 376 1.44 14.59 35.58
N GLN B 377 1.07 14.88 34.32
CA GLN B 377 -0.34 15.07 33.95
C GLN B 377 -1.07 13.77 33.75
N GLY B 378 -0.37 12.68 34.06
CA GLY B 378 -0.88 11.32 33.88
C GLY B 378 -1.47 10.99 32.51
N ARG B 379 -1.05 11.71 31.47
CA ARG B 379 -1.39 11.36 30.10
C ARG B 379 -0.37 10.35 29.53
N VAL B 380 -0.65 9.09 29.86
CA VAL B 380 0.24 7.98 29.67
C VAL B 380 -0.72 6.81 29.42
N ARG B 381 -0.47 6.01 28.40
CA ARG B 381 -1.41 4.95 28.07
C ARG B 381 -1.07 3.63 28.71
N LYS B 382 0.20 3.40 28.94
CA LYS B 382 0.61 2.17 29.58
C LYS B 382 1.92 2.55 30.21
N VAL B 383 2.19 2.00 31.39
CA VAL B 383 3.55 2.09 31.93
C VAL B 383 4.10 0.69 32.19
N VAL B 384 5.30 0.43 31.69
CA VAL B 384 6.00 -0.84 31.94
C VAL B 384 7.33 -0.54 32.60
N LYS B 385 8.02 -1.57 33.09
CA LYS B 385 9.33 -1.33 33.64
C LYS B 385 10.25 -1.16 32.44
N ALA B 386 10.98 -0.06 32.36
CA ALA B 386 11.91 0.18 31.24
C ALA B 386 12.67 -1.11 30.88
N GLN B 387 13.02 -1.89 31.89
CA GLN B 387 13.78 -3.10 31.64
C GLN B 387 12.99 -4.17 30.89
N GLN B 388 11.69 -4.23 31.12
CA GLN B 388 10.83 -5.05 30.29
C GLN B 388 10.94 -4.64 28.84
N LEU B 389 10.85 -3.35 28.55
CA LEU B 389 11.02 -2.87 27.17
C LEU B 389 12.41 -3.24 26.66
N TRP B 390 13.44 -2.95 27.45
CA TRP B 390 14.80 -3.30 27.07
C TRP B 390 14.88 -4.76 26.60
N TYR B 391 14.46 -5.66 27.48
CA TYR B 391 14.48 -7.09 27.18
C TYR B 391 13.85 -7.41 25.84
N ALA B 392 12.76 -6.74 25.49
CA ALA B 392 12.10 -7.07 24.24
C ALA B 392 13.01 -6.71 23.06
N ILE B 393 13.60 -5.50 23.15
CA ILE B 393 14.58 -4.99 22.18
C ILE B 393 15.64 -6.03 21.89
N ILE B 394 16.23 -6.58 22.93
CA ILE B 394 17.34 -7.42 22.64
C ILE B 394 16.94 -8.84 22.45
N GLU B 395 15.66 -9.17 22.58
CA GLU B 395 15.21 -10.47 22.09
C GLU B 395 15.25 -10.36 20.60
N SER B 396 14.75 -9.20 20.15
CA SER B 396 14.54 -8.94 18.74
C SER B 396 15.86 -8.97 18.03
N GLN B 397 16.86 -8.33 18.61
CA GLN B 397 18.21 -8.38 18.05
C GLN B 397 18.79 -9.77 18.11
N THR B 398 18.50 -10.50 19.19
CA THR B 398 19.02 -11.83 19.35
C THR B 398 18.50 -12.74 18.24
N GLU B 399 17.43 -12.33 17.59
CA GLU B 399 16.86 -13.26 16.63
C GLU B 399 16.60 -12.70 15.24
N THR B 400 17.06 -11.48 14.98
CA THR B 400 16.92 -10.92 13.66
C THR B 400 18.01 -9.90 13.40
N GLY B 401 18.89 -9.68 14.37
CA GLY B 401 19.96 -8.66 14.25
C GLY B 401 19.51 -7.21 14.25
N THR B 402 18.20 -7.02 14.33
CA THR B 402 17.61 -5.68 14.38
C THR B 402 16.69 -5.62 15.60
N PRO B 403 16.34 -4.39 16.05
CA PRO B 403 16.48 -3.13 15.36
C PRO B 403 17.85 -2.50 15.49
N TYR B 404 18.11 -1.51 14.64
CA TYR B 404 19.34 -0.74 14.67
C TYR B 404 19.17 0.22 15.82
N MET B 405 20.29 0.60 16.43
CA MET B 405 20.28 1.48 17.59
C MET B 405 20.95 2.80 17.26
N LEU B 406 20.14 3.83 17.10
CA LEU B 406 20.67 5.18 17.08
C LEU B 406 20.20 5.92 18.29
N TYR B 407 20.97 6.92 18.65
CA TYR B 407 20.73 7.68 19.84
C TYR B 407 20.33 9.08 19.47
N LYS B 408 19.03 9.35 19.60
CA LYS B 408 18.41 10.60 19.21
C LYS B 408 19.24 11.82 19.68
N ASP B 409 19.61 11.79 20.94
CA ASP B 409 20.21 12.96 21.52
C ASP B 409 21.65 13.13 21.10
N SER B 410 22.41 12.04 20.98
CA SER B 410 23.76 12.15 20.40
C SER B 410 23.69 12.74 18.98
N CYS B 411 22.81 12.19 18.15
CA CYS B 411 22.58 12.71 16.83
C CYS B 411 22.32 14.19 16.81
N ASN B 412 21.32 14.62 17.57
CA ASN B 412 20.87 16.00 17.53
C ASN B 412 21.86 16.97 18.17
N ARG B 413 22.41 16.57 19.31
CA ARG B 413 23.34 17.41 20.05
C ARG B 413 24.60 17.68 19.24
N LYS B 414 24.97 16.74 18.36
CA LYS B 414 26.26 16.80 17.63
C LYS B 414 26.17 17.09 16.12
N SER B 415 24.98 17.48 15.67
CA SER B 415 24.70 17.77 14.25
C SER B 415 24.95 19.24 13.87
N ASN B 416 25.51 19.51 12.70
CA ASN B 416 25.65 20.90 12.26
C ASN B 416 24.36 21.43 11.63
N GLN B 417 23.31 20.61 11.73
CA GLN B 417 22.01 20.95 11.15
C GLN B 417 20.97 21.28 12.22
N GLN B 418 21.41 21.11 13.46
CA GLN B 418 20.76 21.63 14.65
C GLN B 418 19.81 22.79 14.39
N ASN B 419 20.39 23.93 13.95
CA ASN B 419 19.60 25.13 13.71
C ASN B 419 18.31 24.93 12.88
N LEU B 420 18.23 23.83 12.12
CA LEU B 420 17.02 23.51 11.34
C LEU B 420 15.87 23.00 12.21
N GLY B 421 16.21 22.36 13.32
CA GLY B 421 15.22 21.67 14.15
C GLY B 421 15.67 20.30 14.63
N THR B 422 14.71 19.44 14.91
CA THR B 422 15.07 18.12 15.40
C THR B 422 15.14 17.11 14.29
N ILE B 423 16.29 16.45 14.23
CA ILE B 423 16.46 15.35 13.32
C ILE B 423 15.68 14.16 13.91
N LYS B 424 14.65 13.77 13.16
CA LYS B 424 13.72 12.70 13.55
C LYS B 424 14.12 11.28 13.19
N CYS B 425 15.17 11.10 12.38
CA CYS B 425 15.62 9.76 12.04
C CYS B 425 16.92 9.78 11.25
N SER B 426 17.37 8.57 10.89
CA SER B 426 18.55 8.30 10.10
C SER B 426 18.16 7.51 8.83
N ASN B 427 19.15 7.06 8.06
CA ASN B 427 18.89 6.52 6.74
C ASN B 427 18.87 5.02 6.83
N LEU B 428 18.78 4.36 5.68
CA LEU B 428 18.70 2.92 5.64
C LEU B 428 19.90 2.25 6.31
N CYS B 429 21.08 2.83 6.16
CA CYS B 429 22.27 2.17 6.67
C CYS B 429 22.86 2.84 7.88
N THR B 430 22.16 3.84 8.39
CA THR B 430 22.42 4.44 9.71
C THR B 430 23.66 5.30 9.74
N GLU B 431 24.13 5.73 8.58
CA GLU B 431 25.27 6.63 8.57
C GLU B 431 24.84 8.07 8.45
N ILE B 432 23.71 8.31 7.80
CA ILE B 432 23.28 9.67 7.53
C ILE B 432 22.41 10.26 8.64
N VAL B 433 22.76 11.46 9.11
CA VAL B 433 21.98 12.09 10.17
C VAL B 433 21.59 13.46 9.67
N GLU B 434 20.40 13.53 9.08
CA GLU B 434 19.92 14.73 8.42
C GLU B 434 18.47 15.16 8.77
N TYR B 435 18.25 16.48 8.78
CA TYR B 435 16.94 17.07 9.07
C TYR B 435 15.86 16.70 8.04
N THR B 436 14.60 16.62 8.47
CA THR B 436 13.48 16.35 7.57
C THR B 436 12.27 17.07 8.09
N SER B 437 11.38 17.49 7.20
CA SER B 437 10.18 18.20 7.59
C SER B 437 9.07 17.95 6.59
N LYS B 438 7.84 18.39 6.89
CA LYS B 438 6.70 18.22 5.96
C LYS B 438 7.06 18.45 4.49
N ASP B 439 8.03 19.33 4.20
CA ASP B 439 8.39 19.55 2.79
C ASP B 439 9.87 19.58 2.46
N GLU B 440 10.65 18.87 3.26
CA GLU B 440 12.04 18.61 2.93
C GLU B 440 12.31 17.15 3.15
N VAL B 441 12.74 16.45 2.09
CA VAL B 441 13.31 15.11 2.29
C VAL B 441 14.82 15.09 2.00
N ALA B 442 15.58 14.68 3.02
CA ALA B 442 17.03 14.72 3.00
C ALA B 442 17.60 13.67 2.09
N VAL B 443 18.64 14.04 1.35
CA VAL B 443 19.32 13.19 0.41
C VAL B 443 20.77 13.15 0.75
N CYS B 444 21.51 12.27 0.09
CA CYS B 444 22.95 12.29 0.23
C CYS B 444 23.61 11.60 -0.90
N ASN B 445 24.78 12.12 -1.23
CA ASN B 445 25.56 11.68 -2.37
C ASN B 445 26.86 11.15 -1.83
N LEU B 446 27.23 9.93 -2.22
CA LEU B 446 28.37 9.27 -1.61
C LEU B 446 29.57 9.00 -2.54
N ALA B 447 30.74 8.98 -1.89
CA ALA B 447 31.97 8.51 -2.51
C ALA B 447 32.81 8.03 -1.32
N SER B 448 33.62 7.00 -1.53
CA SER B 448 34.44 6.52 -0.43
C SER B 448 35.90 6.51 -0.83
N LEU B 449 36.76 6.92 0.10
CA LEU B 449 38.22 6.93 -0.12
C LEU B 449 38.84 5.57 0.20
N ALA B 450 39.68 5.09 -0.71
CA ALA B 450 40.30 3.78 -0.63
C ALA B 450 41.55 3.77 0.26
N LEU B 451 41.34 3.79 1.58
CA LEU B 451 42.40 3.99 2.58
C LEU B 451 43.68 3.19 2.42
N ASN B 452 43.58 1.95 1.96
CA ASN B 452 44.74 1.13 1.66
C ASN B 452 45.76 1.85 0.76
N MET B 453 45.25 2.65 -0.18
CA MET B 453 46.07 3.27 -1.20
C MET B 453 46.94 4.43 -0.71
N TYR B 454 46.90 4.76 0.58
CA TYR B 454 47.70 5.91 1.05
C TYR B 454 48.88 5.52 1.97
N VAL B 455 49.26 4.25 1.90
CA VAL B 455 50.40 3.71 2.62
C VAL B 455 51.67 3.85 1.76
N THR B 456 52.77 4.33 2.36
CA THR B 456 54.09 4.50 1.72
C THR B 456 54.72 3.17 1.31
N SER B 457 55.59 3.23 0.29
CA SER B 457 56.51 2.14 -0.06
C SER B 457 57.32 1.68 1.18
N GLU B 458 57.90 2.65 1.89
CA GLU B 458 58.62 2.40 3.15
C GLU B 458 57.71 2.50 4.42
N HIS B 459 56.47 2.04 4.31
CA HIS B 459 55.57 1.80 5.47
C HIS B 459 55.24 2.99 6.40
N THR B 460 54.57 4.00 5.85
CA THR B 460 53.99 5.12 6.64
C THR B 460 52.70 5.66 6.00
N TYR B 461 52.03 6.58 6.66
CA TYR B 461 50.82 7.11 6.06
C TYR B 461 51.03 8.46 5.40
N ASP B 462 50.56 8.55 4.15
CA ASP B 462 50.59 9.78 3.39
C ASP B 462 49.30 10.60 3.60
N PHE B 463 49.29 11.34 4.71
CA PHE B 463 48.13 12.14 5.11
C PHE B 463 47.94 13.33 4.17
N LYS B 464 49.04 13.78 3.54
CA LYS B 464 49.00 14.94 2.64
C LYS B 464 48.20 14.66 1.37
N LYS B 465 48.39 13.49 0.77
CA LYS B 465 47.60 13.10 -0.40
C LYS B 465 46.20 12.64 -0.01
N LEU B 466 46.08 11.96 1.14
CA LEU B 466 44.75 11.67 1.66
C LEU B 466 43.89 12.94 1.65
N ALA B 467 44.42 13.99 2.28
CA ALA B 467 43.83 15.32 2.22
C ALA B 467 43.55 15.85 0.81
N GLU B 468 44.55 15.72 -0.09
CA GLU B 468 44.50 16.29 -1.46
C GLU B 468 43.41 15.64 -2.33
N VAL B 469 43.27 14.32 -2.19
CA VAL B 469 42.25 13.56 -2.89
C VAL B 469 40.88 13.98 -2.37
N THR B 470 40.70 13.88 -1.04
CA THR B 470 39.44 14.24 -0.39
C THR B 470 38.85 15.50 -0.95
N LYS B 471 39.69 16.47 -1.27
CA LYS B 471 39.21 17.76 -1.75
C LYS B 471 38.51 17.62 -3.11
N VAL B 472 39.14 16.94 -4.06
CA VAL B 472 38.50 16.66 -5.36
C VAL B 472 37.13 15.99 -5.08
N VAL B 473 37.13 14.99 -4.22
CA VAL B 473 35.91 14.28 -3.88
C VAL B 473 34.75 15.23 -3.50
N VAL B 474 34.99 16.19 -2.60
CA VAL B 474 33.92 17.11 -2.16
C VAL B 474 33.46 18.08 -3.25
N ARG B 475 34.40 18.58 -4.04
CA ARG B 475 34.07 19.40 -5.20
C ARG B 475 33.21 18.59 -6.18
N ASN B 476 33.54 17.30 -6.31
CA ASN B 476 32.75 16.37 -7.11
C ASN B 476 31.34 16.15 -6.55
N LEU B 477 31.27 15.58 -5.34
CA LEU B 477 29.99 15.36 -4.68
C LEU B 477 29.12 16.61 -4.60
N ASN B 478 29.75 17.77 -4.46
CA ASN B 478 29.01 19.01 -4.49
C ASN B 478 28.49 19.41 -5.87
N LYS B 479 29.31 19.16 -6.90
CA LYS B 479 28.94 19.42 -8.29
C LYS B 479 27.82 18.46 -8.71
N ILE B 480 27.67 17.39 -7.95
CA ILE B 480 26.60 16.46 -8.16
C ILE B 480 25.27 17.04 -7.62
N ILE B 481 25.27 17.56 -6.39
CA ILE B 481 24.06 18.23 -5.90
C ILE B 481 23.34 19.02 -7.02
N ASP B 482 24.07 19.84 -7.76
CA ASP B 482 23.46 20.64 -8.83
C ASP B 482 23.09 19.91 -10.11
N ILE B 483 23.84 18.87 -10.42
CA ILE B 483 23.67 18.09 -11.64
C ILE B 483 22.63 16.93 -11.49
N ASN B 484 22.35 16.55 -10.24
CA ASN B 484 21.55 15.36 -9.93
C ASN B 484 20.08 15.57 -10.28
N TYR B 485 19.36 14.46 -10.45
CA TYR B 485 17.94 14.43 -10.79
C TYR B 485 17.14 13.74 -9.69
N TYR B 486 16.31 14.52 -8.98
CA TYR B 486 15.60 14.05 -7.77
C TYR B 486 14.22 13.52 -8.11
N PRO B 487 13.77 12.45 -7.42
CA PRO B 487 12.47 11.84 -7.71
C PRO B 487 11.28 12.55 -7.06
N VAL B 488 11.54 13.50 -6.17
CA VAL B 488 10.49 14.25 -5.49
C VAL B 488 10.96 15.68 -5.18
N PRO B 489 10.09 16.68 -5.45
CA PRO B 489 10.43 18.09 -5.30
C PRO B 489 11.08 18.38 -3.97
N GLU B 490 10.59 17.72 -2.93
CA GLU B 490 11.04 17.96 -1.56
C GLU B 490 12.47 17.54 -1.39
N ALA B 491 12.92 16.62 -2.23
CA ALA B 491 14.24 16.02 -2.09
C ALA B 491 15.23 17.00 -2.61
N CYS B 492 14.82 17.61 -3.71
CA CYS B 492 15.59 18.62 -4.38
C CYS B 492 15.75 19.80 -3.43
N LEU B 493 14.63 20.46 -3.14
CA LEU B 493 14.58 21.56 -2.15
C LEU B 493 15.52 21.42 -0.94
N SER B 494 15.40 20.31 -0.20
CA SER B 494 16.28 20.00 0.91
C SER B 494 17.75 20.12 0.54
N ASN B 495 18.14 19.44 -0.54
CA ASN B 495 19.54 19.36 -0.98
C ASN B 495 20.13 20.72 -1.42
N LYS B 496 19.33 21.56 -2.07
CA LYS B 496 19.83 22.83 -2.59
C LYS B 496 19.88 23.85 -1.47
N ARG B 497 19.18 23.53 -0.39
CA ARG B 497 19.15 24.38 0.80
C ARG B 497 20.35 24.14 1.68
N HIS B 498 20.56 22.89 2.08
CA HIS B 498 21.55 22.57 3.09
C HIS B 498 22.80 21.95 2.49
N ARG B 499 22.67 21.40 1.28
CA ARG B 499 23.82 20.92 0.46
C ARG B 499 24.78 19.94 1.17
N PRO B 500 24.23 18.85 1.74
CA PRO B 500 25.08 17.88 2.45
C PRO B 500 25.71 16.82 1.52
N ILE B 501 26.81 16.26 2.00
CA ILE B 501 27.76 15.53 1.21
C ILE B 501 28.10 14.39 2.15
N GLY B 502 28.28 13.19 1.60
CA GLY B 502 28.62 12.03 2.43
C GLY B 502 29.91 11.34 1.99
N ILE B 503 31.04 11.71 2.60
CA ILE B 503 32.35 11.12 2.26
C ILE B 503 32.72 9.99 3.21
N GLY B 504 32.83 8.77 2.70
CA GLY B 504 33.18 7.64 3.53
C GLY B 504 34.54 7.07 3.23
N VAL B 505 34.75 5.82 3.62
CA VAL B 505 36.01 5.11 3.35
C VAL B 505 35.81 3.59 3.17
N GLN B 506 36.85 2.93 2.62
CA GLN B 506 36.94 1.48 2.54
C GLN B 506 38.41 1.10 2.76
N GLY B 507 38.68 -0.19 2.80
CA GLY B 507 40.03 -0.70 2.99
C GLY B 507 40.76 -0.24 4.24
N LEU B 508 40.04 -0.05 5.34
CA LEU B 508 40.67 0.40 6.57
C LEU B 508 41.44 -0.74 7.24
N ALA B 509 40.83 -1.91 7.38
CA ALA B 509 41.57 -3.04 7.92
C ALA B 509 42.90 -3.21 7.15
N ASP B 510 42.80 -3.03 5.83
CA ASP B 510 43.92 -3.14 4.92
C ASP B 510 44.96 -2.11 5.21
N ALA B 511 44.53 -0.88 5.48
CA ALA B 511 45.45 0.20 5.87
C ALA B 511 46.29 -0.24 7.08
N PHE B 512 45.63 -0.72 8.15
CA PHE B 512 46.36 -1.26 9.32
C PHE B 512 47.38 -2.36 8.94
N ILE B 513 46.90 -3.41 8.29
CA ILE B 513 47.75 -4.52 7.91
C ILE B 513 49.00 -4.05 7.18
N LEU B 514 48.79 -3.26 6.13
CA LEU B 514 49.89 -2.74 5.29
C LEU B 514 50.94 -1.97 6.10
N MET B 515 50.55 -1.53 7.29
CA MET B 515 51.40 -0.72 8.17
C MET B 515 51.92 -1.56 9.32
N ARG B 516 51.80 -2.87 9.19
CA ARG B 516 52.22 -3.82 10.21
C ARG B 516 51.39 -3.77 11.52
N TYR B 517 50.19 -3.20 11.48
CA TYR B 517 49.38 -2.96 12.71
C TYR B 517 48.27 -3.99 13.00
N PRO B 518 48.32 -4.68 14.17
CA PRO B 518 47.15 -5.44 14.63
C PRO B 518 46.02 -4.45 14.89
N PHE B 519 44.80 -4.80 14.47
CA PHE B 519 43.70 -3.83 14.37
C PHE B 519 43.62 -2.94 15.61
N GLU B 520 43.69 -3.55 16.78
CA GLU B 520 43.42 -2.85 18.03
C GLU B 520 44.65 -2.29 18.76
N SER B 521 45.82 -2.38 18.14
CA SER B 521 47.04 -1.89 18.75
C SER B 521 47.04 -0.38 18.95
N ALA B 522 47.81 0.08 19.93
CA ALA B 522 48.01 1.50 20.19
C ALA B 522 48.31 2.22 18.88
N GLU B 523 49.21 1.64 18.08
CA GLU B 523 49.60 2.16 16.78
C GLU B 523 48.40 2.31 15.82
N ALA B 524 47.54 1.31 15.80
CA ALA B 524 46.38 1.30 14.92
C ALA B 524 45.38 2.31 15.43
N GLN B 525 45.21 2.32 16.76
CA GLN B 525 44.27 3.18 17.51
C GLN B 525 44.50 4.66 17.26
N LEU B 526 45.79 5.04 17.17
CA LEU B 526 46.22 6.39 16.82
C LEU B 526 46.04 6.64 15.33
N LEU B 527 46.56 5.76 14.47
CA LEU B 527 46.43 5.96 13.02
C LEU B 527 44.98 6.14 12.59
N ASN B 528 44.07 5.41 13.26
CA ASN B 528 42.62 5.54 13.07
C ASN B 528 42.13 6.97 13.36
N LYS B 529 42.52 7.47 14.55
CA LYS B 529 42.24 8.86 14.98
C LYS B 529 42.70 9.83 13.92
N GLN B 530 43.92 9.60 13.44
CA GLN B 530 44.67 10.53 12.59
C GLN B 530 44.27 10.55 11.14
N ILE B 531 43.74 9.43 10.65
CA ILE B 531 43.31 9.41 9.25
C ILE B 531 41.93 10.00 9.10
N PHE B 532 41.15 9.98 10.18
CA PHE B 532 39.85 10.64 10.15
C PHE B 532 39.98 12.10 10.52
N GLU B 533 41.09 12.43 11.19
CA GLU B 533 41.39 13.82 11.52
C GLU B 533 41.60 14.53 10.22
N THR B 534 42.39 13.92 9.35
CA THR B 534 42.77 14.51 8.08
C THR B 534 41.59 14.57 7.10
N ILE B 535 40.90 13.45 6.90
CA ILE B 535 39.75 13.45 6.01
C ILE B 535 38.78 14.61 6.31
N TYR B 536 38.60 14.93 7.59
CA TYR B 536 37.81 16.10 8.01
C TYR B 536 38.51 17.39 7.52
N TYR B 537 39.70 17.68 8.05
CA TYR B 537 40.42 18.89 7.66
C TYR B 537 40.36 19.09 6.16
N GLY B 538 40.63 18.01 5.42
CA GLY B 538 40.62 18.01 3.96
C GLY B 538 39.32 18.50 3.35
N ALA B 539 38.24 17.78 3.62
CA ALA B 539 36.92 18.09 3.06
C ALA B 539 36.35 19.45 3.51
N LEU B 540 36.85 19.96 4.63
CA LEU B 540 36.50 21.30 5.14
C LEU B 540 37.29 22.36 4.39
N GLU B 541 38.59 22.11 4.23
CA GLU B 541 39.43 22.95 3.40
C GLU B 541 38.85 23.17 1.98
N ALA B 542 38.13 22.16 1.47
CA ALA B 542 37.49 22.24 0.14
C ALA B 542 36.10 22.88 0.19
N SER B 543 35.39 22.62 1.28
CA SER B 543 34.04 23.14 1.47
C SER B 543 34.14 24.64 1.72
N CYS B 544 35.23 25.06 2.36
CA CYS B 544 35.51 26.48 2.56
C CYS B 544 35.80 27.13 1.22
N ASP B 545 36.75 26.51 0.51
CA ASP B 545 37.14 26.91 -0.84
C ASP B 545 35.92 27.10 -1.75
N LEU B 546 34.97 26.16 -1.66
CA LEU B 546 33.74 26.21 -2.47
C LEU B 546 32.84 27.40 -2.10
N ALA B 547 32.74 27.66 -0.80
CA ALA B 547 31.91 28.77 -0.32
C ALA B 547 32.55 30.10 -0.67
N LYS B 548 33.88 30.13 -0.70
CA LYS B 548 34.63 31.33 -1.11
C LYS B 548 34.41 31.62 -2.58
N GLU B 549 34.13 30.57 -3.35
CA GLU B 549 33.91 30.70 -4.78
C GLU B 549 32.43 30.82 -5.11
N GLN B 550 31.58 29.99 -4.51
CA GLN B 550 30.16 30.01 -4.87
C GLN B 550 29.25 30.63 -3.82
N GLY B 551 29.81 31.08 -2.70
CA GLY B 551 29.03 31.64 -1.60
C GLY B 551 28.65 30.53 -0.64
N PRO B 552 28.29 30.86 0.61
CA PRO B 552 27.82 29.84 1.58
C PRO B 552 26.49 29.17 1.18
N TYR B 553 26.05 28.20 1.96
CA TYR B 553 24.82 27.51 1.62
C TYR B 553 23.65 28.10 2.37
N GLU B 554 22.46 27.98 1.79
CA GLU B 554 21.30 28.78 2.22
C GLU B 554 21.10 28.87 3.72
N THR B 555 21.19 27.76 4.43
CA THR B 555 20.88 27.78 5.85
C THR B 555 22.15 27.70 6.72
N TYR B 556 23.29 28.13 6.19
CA TYR B 556 24.54 28.12 6.95
C TYR B 556 24.57 28.94 8.25
N GLU B 557 24.25 30.25 8.18
CA GLU B 557 24.32 31.19 9.34
C GLU B 557 23.42 30.78 10.53
N GLY B 558 24.06 30.46 11.65
CA GLY B 558 23.38 30.05 12.88
C GLY B 558 23.67 28.61 13.26
N SER B 559 24.33 27.92 12.34
CA SER B 559 24.74 26.53 12.53
C SER B 559 26.02 26.47 13.35
N PRO B 560 26.17 25.45 14.19
CA PRO B 560 27.44 25.19 14.87
C PRO B 560 28.72 25.64 14.14
N VAL B 561 28.82 25.47 12.83
CA VAL B 561 30.03 25.94 12.14
C VAL B 561 30.13 27.49 12.12
N SER B 562 29.02 28.16 11.83
CA SER B 562 28.96 29.62 11.85
C SER B 562 29.21 30.21 13.23
N LYS B 563 29.11 29.38 14.27
CA LYS B 563 29.45 29.78 15.63
C LYS B 563 30.86 29.34 16.03
N GLY B 564 31.65 28.95 15.04
CA GLY B 564 33.05 28.58 15.23
C GLY B 564 33.25 27.27 15.96
N ILE B 565 32.38 26.31 15.64
CA ILE B 565 32.34 25.00 16.31
C ILE B 565 32.39 23.92 15.24
N LEU B 566 33.34 22.98 15.37
CA LEU B 566 33.40 21.87 14.42
C LEU B 566 33.07 20.58 15.15
N GLN B 567 33.02 19.46 14.44
CA GLN B 567 32.55 18.24 15.08
C GLN B 567 33.32 17.92 16.39
N TYR B 568 34.64 17.89 16.36
CA TYR B 568 35.41 17.51 17.55
C TYR B 568 35.06 18.36 18.77
N ASP B 569 34.78 19.64 18.52
CA ASP B 569 34.33 20.59 19.55
C ASP B 569 33.05 20.12 20.20
N MET B 570 32.09 19.65 19.38
CA MET B 570 30.81 19.10 19.88
C MET B 570 30.95 17.77 20.65
N TRP B 571 32.16 17.19 20.56
CA TRP B 571 32.53 15.94 21.23
C TRP B 571 33.51 16.24 22.38
N ASN B 572 33.97 17.48 22.47
CA ASN B 572 34.94 17.88 23.51
C ASN B 572 36.21 17.04 23.47
N VAL B 573 36.77 16.92 22.28
CA VAL B 573 38.00 16.15 22.04
C VAL B 573 39.01 17.06 21.39
N THR B 574 40.26 16.97 21.84
CA THR B 574 41.35 17.78 21.28
C THR B 574 42.07 17.07 20.14
N PRO B 575 42.10 17.68 18.96
CA PRO B 575 42.86 17.16 17.81
C PRO B 575 44.36 17.08 18.08
N THR B 576 45.02 16.12 17.45
CA THR B 576 46.47 15.99 17.58
C THR B 576 47.18 17.15 16.89
N ASP B 577 48.52 17.14 16.95
CA ASP B 577 49.40 18.15 16.36
C ASP B 577 49.35 18.24 14.82
N LEU B 578 48.78 17.21 14.20
CA LEU B 578 48.85 17.00 12.74
C LEU B 578 48.47 18.17 11.83
N TRP B 579 47.28 18.74 12.02
CA TRP B 579 46.80 19.89 11.20
C TRP B 579 46.64 21.16 12.02
N ASP B 580 46.67 22.33 11.37
CA ASP B 580 46.53 23.57 12.13
C ASP B 580 45.21 23.66 12.91
N TRP B 581 44.10 23.77 12.19
CA TRP B 581 42.77 23.98 12.81
C TRP B 581 42.59 25.45 13.23
N LYS B 582 43.58 26.01 13.94
CA LYS B 582 43.53 27.42 14.32
C LYS B 582 43.39 28.22 13.06
N VAL B 583 44.26 27.93 12.09
CA VAL B 583 44.25 28.59 10.78
C VAL B 583 43.02 28.23 9.94
N LEU B 584 42.57 26.98 10.01
CA LEU B 584 41.37 26.63 9.26
C LEU B 584 40.15 27.39 9.81
N LYS B 585 39.86 27.27 11.11
CA LYS B 585 38.65 27.90 11.67
C LYS B 585 38.55 29.38 11.27
N GLU B 586 39.71 30.03 11.14
CA GLU B 586 39.81 31.42 10.71
C GLU B 586 39.31 31.69 9.29
N LYS B 587 39.62 30.83 8.35
CA LYS B 587 39.15 31.04 6.99
C LYS B 587 37.68 30.62 6.80
N ILE B 588 37.17 29.79 7.72
CA ILE B 588 35.73 29.49 7.76
C ILE B 588 35.02 30.59 8.50
N ALA B 589 35.76 31.26 9.39
CA ALA B 589 35.25 32.44 10.07
C ALA B 589 34.79 33.47 9.03
N LYS B 590 35.64 33.71 8.01
CA LYS B 590 35.31 34.62 6.89
C LYS B 590 34.48 33.98 5.75
N TYR B 591 35.06 33.06 4.99
CA TYR B 591 34.33 32.50 3.85
C TYR B 591 33.17 31.56 4.23
N GLY B 592 33.36 30.77 5.28
CA GLY B 592 32.35 29.76 5.61
C GLY B 592 32.51 28.55 4.70
N ILE B 593 31.47 27.72 4.66
CA ILE B 593 31.50 26.45 3.91
C ILE B 593 30.23 26.21 3.09
N ARG B 594 30.39 25.49 1.97
CA ARG B 594 29.32 25.27 0.99
C ARG B 594 28.45 24.06 1.35
N ASN B 595 28.93 23.21 2.26
CA ASN B 595 28.25 21.95 2.57
C ASN B 595 27.94 21.79 4.06
N SER B 596 26.66 21.63 4.40
CA SER B 596 26.28 21.56 5.81
C SER B 596 26.93 20.38 6.52
N LEU B 597 27.14 19.31 5.75
CA LEU B 597 27.70 18.05 6.28
C LEU B 597 28.66 17.44 5.26
N LEU B 598 29.76 16.85 5.76
CA LEU B 598 30.87 16.36 4.92
C LEU B 598 31.11 14.86 4.98
N ILE B 599 31.41 14.34 6.16
CA ILE B 599 31.87 12.96 6.31
C ILE B 599 30.76 11.96 6.77
N ALA B 600 30.77 10.73 6.22
CA ALA B 600 29.85 9.67 6.69
C ALA B 600 30.19 8.25 6.19
N PRO B 601 31.02 7.51 6.96
CA PRO B 601 31.39 6.18 6.56
C PRO B 601 30.20 5.24 6.41
N MET B 602 29.69 5.16 5.19
CA MET B 602 28.66 4.17 4.81
C MET B 602 29.33 2.83 4.63
N PRO B 603 28.54 1.74 4.57
CA PRO B 603 29.15 0.48 4.23
C PRO B 603 29.60 0.69 2.81
N THR B 604 30.43 -0.19 2.27
CA THR B 604 30.78 -0.11 0.88
C THR B 604 30.57 -1.48 0.23
N ALA B 605 29.35 -2.02 0.42
CA ALA B 605 28.99 -3.39 0.06
C ALA B 605 29.57 -3.83 -1.28
N SER B 606 29.15 -3.16 -2.35
CA SER B 606 29.57 -3.45 -3.72
C SER B 606 30.89 -2.81 -4.14
N THR B 607 31.01 -1.50 -3.94
CA THR B 607 32.20 -0.76 -4.35
C THR B 607 33.55 -1.13 -3.67
N ALA B 608 33.52 -1.90 -2.59
CA ALA B 608 34.76 -2.39 -2.00
C ALA B 608 35.13 -3.73 -2.60
N GLN B 609 34.09 -4.53 -2.91
CA GLN B 609 34.25 -5.80 -3.62
C GLN B 609 34.92 -5.51 -4.96
N ILE B 610 34.51 -4.41 -5.60
CA ILE B 610 35.08 -3.94 -6.86
C ILE B 610 36.57 -3.67 -6.70
N LEU B 611 36.92 -2.61 -5.97
CA LEU B 611 38.33 -2.24 -5.80
C LEU B 611 39.13 -3.25 -4.98
N GLY B 612 38.52 -4.36 -4.58
CA GLY B 612 39.20 -5.43 -3.83
C GLY B 612 39.68 -5.10 -2.42
N ASN B 613 39.06 -4.09 -1.80
CA ASN B 613 39.34 -3.73 -0.41
C ASN B 613 38.31 -4.31 0.54
N ASN B 614 38.72 -4.53 1.79
CA ASN B 614 37.78 -5.03 2.79
C ASN B 614 36.78 -3.94 3.14
N GLU B 615 35.51 -4.33 3.30
CA GLU B 615 34.38 -3.41 3.51
C GLU B 615 34.56 -2.31 4.60
N SER B 616 34.46 -1.05 4.15
CA SER B 616 34.24 0.09 5.03
C SER B 616 35.31 0.27 6.10
N ILE B 617 34.89 0.36 7.36
CA ILE B 617 35.78 0.64 8.49
C ILE B 617 35.80 -0.51 9.48
N GLU B 618 35.89 -1.72 8.99
CA GLU B 618 35.94 -2.84 9.91
C GLU B 618 37.07 -3.80 9.66
N PRO B 619 37.24 -4.74 10.60
CA PRO B 619 38.25 -5.74 10.41
C PRO B 619 37.82 -6.72 9.34
N TYR B 620 38.76 -7.55 8.92
CA TYR B 620 38.44 -8.69 8.11
C TYR B 620 37.64 -9.60 9.00
N THR B 621 36.54 -10.13 8.50
CA THR B 621 35.69 -10.96 9.36
C THR B 621 36.16 -12.40 9.40
N SER B 622 36.72 -12.88 8.30
CA SER B 622 37.37 -14.18 8.26
C SER B 622 38.67 -14.10 7.47
N ASN B 623 39.49 -15.15 7.54
CA ASN B 623 40.67 -15.24 6.68
C ASN B 623 40.40 -16.13 5.47
N ILE B 624 39.19 -16.67 5.39
CA ILE B 624 38.73 -17.52 4.31
C ILE B 624 37.30 -17.16 4.01
N TYR B 625 37.00 -16.79 2.77
CA TYR B 625 35.62 -16.45 2.37
C TYR B 625 35.27 -16.98 0.98
N THR B 626 34.13 -16.55 0.43
CA THR B 626 33.64 -17.05 -0.87
C THR B 626 32.89 -16.00 -1.72
N ARG B 627 33.37 -15.78 -2.94
CA ARG B 627 32.76 -14.83 -3.89
C ARG B 627 31.90 -15.52 -4.96
N ARG B 628 31.17 -14.71 -5.74
CA ARG B 628 30.26 -15.15 -6.84
C ARG B 628 29.31 -16.28 -6.45
N GLU B 633 30.41 -21.03 -7.35
CA GLU B 633 31.18 -20.51 -6.20
C GLU B 633 32.69 -20.53 -6.48
N PHE B 634 33.42 -19.61 -5.86
CA PHE B 634 34.89 -19.56 -5.93
C PHE B 634 35.50 -18.99 -4.63
N GLN B 635 36.53 -19.67 -4.13
CA GLN B 635 37.17 -19.35 -2.83
C GLN B 635 38.25 -18.24 -2.84
N ILE B 636 38.61 -17.77 -1.65
CA ILE B 636 39.58 -16.67 -1.47
C ILE B 636 40.09 -16.67 -0.05
N VAL B 637 41.37 -16.95 0.10
CA VAL B 637 42.05 -16.66 1.35
C VAL B 637 42.63 -15.25 1.28
N ASN B 638 42.29 -14.45 2.28
CA ASN B 638 42.80 -13.09 2.48
C ASN B 638 44.14 -12.78 1.80
N PRO B 639 44.22 -11.67 1.05
CA PRO B 639 45.38 -11.36 0.22
C PRO B 639 46.70 -11.25 0.97
N HIS B 640 46.68 -10.58 2.13
CA HIS B 640 47.92 -10.25 2.85
C HIS B 640 48.45 -11.43 3.65
N LEU B 641 47.55 -12.21 4.22
CA LEU B 641 47.95 -13.39 4.97
C LEU B 641 48.67 -14.36 4.07
N LEU B 642 48.11 -14.63 2.89
CA LEU B 642 48.76 -15.53 1.90
C LEU B 642 50.15 -15.00 1.51
N LYS B 643 50.19 -13.76 1.02
CA LYS B 643 51.45 -13.07 0.70
C LYS B 643 52.47 -13.29 1.81
N ASP B 644 52.12 -12.87 3.02
CA ASP B 644 52.97 -13.04 4.19
C ASP B 644 53.34 -14.50 4.49
N LEU B 645 52.40 -15.42 4.28
CA LEU B 645 52.62 -16.84 4.60
C LEU B 645 53.57 -17.55 3.62
N THR B 646 53.32 -17.32 2.32
CA THR B 646 54.06 -17.95 1.23
C THR B 646 55.50 -17.44 1.15
N GLU B 647 55.68 -16.15 1.44
CA GLU B 647 57.00 -15.50 1.43
C GLU B 647 57.60 -15.54 2.84
N ARG B 648 57.84 -16.76 3.32
CA ARG B 648 58.13 -17.06 4.70
C ARG B 648 58.09 -18.57 4.78
N GLY B 649 57.50 -19.16 3.74
CA GLY B 649 57.44 -20.62 3.56
C GLY B 649 56.41 -21.36 4.40
N LEU B 650 55.73 -20.66 5.30
CA LEU B 650 54.81 -21.33 6.23
C LEU B 650 53.63 -21.98 5.54
N TRP B 651 53.23 -21.46 4.37
CA TRP B 651 52.08 -21.98 3.64
C TRP B 651 52.39 -23.28 2.92
N HIS B 652 52.25 -24.40 3.63
CA HIS B 652 52.27 -25.69 2.95
C HIS B 652 50.88 -25.93 2.36
N GLU B 653 50.82 -26.82 1.36
CA GLU B 653 49.59 -27.15 0.65
C GLU B 653 48.47 -27.42 1.67
N GLU B 654 48.79 -28.31 2.59
CA GLU B 654 47.90 -28.77 3.64
C GLU B 654 47.21 -27.66 4.42
N MET B 655 47.98 -26.64 4.81
CA MET B 655 47.60 -25.73 5.89
C MET B 655 46.31 -24.88 5.74
N LYS B 656 45.77 -24.78 4.53
CA LYS B 656 44.46 -24.12 4.33
C LYS B 656 43.33 -24.91 5.02
N ASN B 657 43.38 -26.24 4.88
CA ASN B 657 42.43 -27.18 5.51
C ASN B 657 42.37 -27.06 7.02
N GLN B 658 43.49 -26.69 7.63
CA GLN B 658 43.55 -26.34 9.04
C GLN B 658 42.78 -25.04 9.32
N ILE B 659 43.10 -23.97 8.59
CA ILE B 659 42.48 -22.65 8.82
C ILE B 659 40.98 -22.60 8.52
N ILE B 660 40.51 -23.45 7.60
CA ILE B 660 39.07 -23.61 7.39
C ILE B 660 38.43 -24.38 8.55
N ALA B 661 38.96 -25.57 8.85
CA ALA B 661 38.47 -26.42 9.94
C ALA B 661 38.03 -25.62 11.17
N CYS B 662 38.90 -24.71 11.63
CA CYS B 662 38.51 -23.81 12.71
C CYS B 662 38.09 -22.44 12.19
N ASN B 663 36.99 -22.48 11.42
CA ASN B 663 36.28 -21.31 10.86
C ASN B 663 37.02 -19.98 10.65
N GLY B 664 38.17 -20.04 9.99
CA GLY B 664 38.86 -18.85 9.52
C GLY B 664 39.84 -18.19 10.48
N SER B 665 40.30 -18.92 11.49
CA SER B 665 41.18 -18.32 12.49
C SER B 665 42.58 -18.87 12.47
N ILE B 666 43.56 -17.99 12.53
CA ILE B 666 44.98 -18.38 12.59
C ILE B 666 45.56 -18.31 14.02
N GLN B 667 44.68 -18.21 15.01
CA GLN B 667 45.08 -18.00 16.40
C GLN B 667 45.65 -19.25 17.07
N SER B 668 45.60 -20.39 16.38
CA SER B 668 46.12 -21.63 16.99
C SER B 668 47.00 -22.51 16.08
N ILE B 669 47.18 -22.13 14.82
CA ILE B 669 48.07 -22.89 13.94
C ILE B 669 49.49 -22.66 14.43
N PRO B 670 50.11 -23.70 15.01
CA PRO B 670 51.37 -23.56 15.75
C PRO B 670 52.54 -23.07 14.89
N GLU B 671 52.39 -23.17 13.56
CA GLU B 671 53.41 -22.71 12.61
C GLU B 671 53.53 -21.18 12.54
N ILE B 672 52.40 -20.47 12.58
CA ILE B 672 52.36 -18.99 12.40
C ILE B 672 52.76 -18.18 13.65
N PRO B 673 53.87 -17.41 13.54
CA PRO B 673 54.49 -16.72 14.69
C PRO B 673 53.54 -15.77 15.42
N ASP B 674 53.87 -15.48 16.68
CA ASP B 674 53.00 -14.71 17.58
C ASP B 674 52.62 -13.31 17.05
N ASP B 675 53.44 -12.79 16.13
CA ASP B 675 53.28 -11.44 15.59
C ASP B 675 52.27 -11.38 14.44
N LEU B 676 52.31 -12.37 13.55
CA LEU B 676 51.32 -12.48 12.48
C LEU B 676 49.97 -12.93 13.05
N LYS B 677 50.02 -13.69 14.14
CA LYS B 677 48.81 -14.10 14.86
C LYS B 677 48.08 -12.85 15.33
N GLN B 678 48.84 -11.90 15.86
CA GLN B 678 48.29 -10.62 16.29
C GLN B 678 47.62 -9.90 15.12
N LEU B 679 48.36 -9.78 14.01
CA LEU B 679 48.02 -8.90 12.88
C LEU B 679 46.74 -9.31 12.12
N TYR B 680 46.47 -10.62 12.01
CA TYR B 680 45.27 -11.13 11.30
C TYR B 680 44.21 -11.77 12.20
N LYS B 681 44.09 -11.24 13.41
CA LYS B 681 42.98 -11.55 14.32
C LYS B 681 41.72 -11.11 13.60
N THR B 682 40.72 -11.99 13.53
CA THR B 682 39.46 -11.69 12.84
C THR B 682 38.51 -10.98 13.75
N VAL B 683 37.38 -10.52 13.22
CA VAL B 683 36.46 -9.70 14.01
C VAL B 683 35.96 -10.42 15.27
N TRP B 684 35.67 -11.71 15.14
CA TRP B 684 35.15 -12.52 16.26
C TRP B 684 36.15 -12.59 17.40
N GLU B 685 37.41 -12.35 17.08
CA GLU B 685 38.51 -12.38 18.04
C GLU B 685 38.92 -10.99 18.50
N ILE B 686 38.23 -9.95 18.04
CA ILE B 686 38.57 -8.59 18.43
C ILE B 686 37.53 -8.06 19.39
N SER B 687 38.01 -7.34 20.40
CA SER B 687 37.15 -6.72 21.40
C SER B 687 36.14 -5.74 20.81
N GLN B 688 34.87 -6.14 20.77
CA GLN B 688 33.84 -5.25 20.22
C GLN B 688 33.75 -3.92 20.94
N LYS B 689 34.21 -3.87 22.19
CA LYS B 689 34.23 -2.62 22.94
C LYS B 689 35.33 -1.71 22.40
N THR B 690 36.46 -2.32 22.01
CA THR B 690 37.54 -1.61 21.32
C THR B 690 37.08 -1.11 19.93
N VAL B 691 36.32 -1.91 19.18
CA VAL B 691 35.78 -1.42 17.93
C VAL B 691 34.79 -0.28 18.18
N LEU B 692 34.20 -0.24 19.38
CA LEU B 692 33.31 0.86 19.76
C LEU B 692 34.09 2.11 20.13
N LYS B 693 34.96 2.00 21.14
CA LYS B 693 35.84 3.11 21.56
C LYS B 693 36.50 3.77 20.36
N MET B 694 36.80 2.97 19.34
CA MET B 694 37.46 3.45 18.13
C MET B 694 36.51 4.23 17.25
N ALA B 695 35.38 3.62 16.92
CA ALA B 695 34.35 4.33 16.18
C ALA B 695 34.09 5.70 16.81
N ALA B 696 33.99 5.72 18.14
CA ALA B 696 33.83 6.96 18.90
C ALA B 696 35.02 7.91 18.70
N GLU B 697 36.23 7.43 18.95
CA GLU B 697 37.43 8.22 18.76
C GLU B 697 37.49 8.86 17.36
N ARG B 698 36.99 8.11 16.39
CA ARG B 698 37.07 8.45 15.00
C ARG B 698 35.96 9.45 14.70
N GLY B 699 34.75 9.10 15.13
CA GLY B 699 33.57 9.94 14.95
C GLY B 699 33.54 11.26 15.69
N ALA B 700 34.64 11.63 16.33
CA ALA B 700 34.82 12.99 16.80
C ALA B 700 35.13 13.86 15.56
N PHE B 701 35.28 13.20 14.41
CA PHE B 701 35.66 13.87 13.17
C PHE B 701 34.71 13.56 12.03
N ILE B 702 33.60 12.90 12.37
CA ILE B 702 32.58 12.59 11.39
C ILE B 702 31.35 13.40 11.75
N ASP B 703 30.99 14.38 10.91
CA ASP B 703 29.86 15.24 11.24
C ASP B 703 28.52 14.58 11.04
N GLN B 704 28.52 13.40 10.42
CA GLN B 704 27.33 12.53 10.46
C GLN B 704 27.58 11.30 11.36
N SER B 705 26.99 10.16 11.03
CA SER B 705 27.33 8.92 11.71
C SER B 705 28.03 7.92 10.80
N GLN B 706 28.37 6.77 11.37
CA GLN B 706 29.00 5.70 10.61
C GLN B 706 28.29 4.37 10.92
N SER B 707 27.81 3.73 9.85
CA SER B 707 27.16 2.41 9.87
C SER B 707 28.09 1.41 10.50
N LEU B 708 27.78 0.97 11.71
CA LEU B 708 28.73 0.22 12.48
C LEU B 708 28.21 -1.13 12.94
N ASN B 709 28.37 -2.15 12.11
CA ASN B 709 28.01 -3.49 12.49
C ASN B 709 28.74 -3.94 13.75
N ILE B 710 28.05 -4.72 14.58
CA ILE B 710 28.62 -5.36 15.75
C ILE B 710 28.53 -6.90 15.60
N HIS B 711 29.64 -7.56 15.92
CA HIS B 711 29.80 -9.00 15.74
C HIS B 711 29.94 -9.67 17.08
N ILE B 712 28.98 -10.53 17.44
CA ILE B 712 29.10 -11.33 18.66
C ILE B 712 28.75 -12.76 18.33
N ALA B 713 29.71 -13.66 18.56
CA ALA B 713 29.52 -15.06 18.23
C ALA B 713 28.26 -15.64 18.89
N GLU B 714 28.32 -15.85 20.21
CA GLU B 714 27.21 -16.49 20.94
C GLU B 714 26.57 -15.54 21.99
N PRO B 715 25.63 -14.68 21.53
CA PRO B 715 25.13 -13.55 22.33
C PRO B 715 24.21 -13.97 23.47
N ASN B 716 23.92 -13.02 24.36
CA ASN B 716 22.96 -13.19 25.49
C ASN B 716 22.67 -11.82 26.08
N TYR B 717 21.73 -11.74 27.01
CA TYR B 717 21.34 -10.43 27.56
C TYR B 717 22.57 -9.69 28.12
N GLY B 718 23.42 -10.42 28.85
CA GLY B 718 24.69 -9.88 29.36
C GLY B 718 25.44 -9.06 28.32
N LYS B 719 26.24 -9.75 27.51
CA LYS B 719 27.01 -9.14 26.42
C LYS B 719 26.30 -8.08 25.57
N LEU B 720 25.06 -8.34 25.16
CA LEU B 720 24.31 -7.35 24.37
C LEU B 720 24.02 -6.02 25.10
N THR B 721 23.65 -6.09 26.38
CA THR B 721 23.32 -4.89 27.14
C THR B 721 24.59 -4.16 27.46
N SER B 722 25.59 -4.94 27.81
CA SER B 722 26.86 -4.41 28.11
C SER B 722 27.38 -3.58 26.94
N MET B 723 27.30 -4.10 25.72
CA MET B 723 27.96 -3.45 24.61
C MET B 723 27.19 -2.23 24.13
N HIS B 724 25.86 -2.29 24.24
CA HIS B 724 25.00 -1.17 23.84
C HIS B 724 25.25 0.02 24.74
N PHE B 725 25.18 -0.23 26.04
CA PHE B 725 25.36 0.80 27.03
C PHE B 725 26.72 1.46 26.95
N TYR B 726 27.73 0.65 26.69
CA TYR B 726 29.06 1.14 26.41
C TYR B 726 29.13 2.01 25.16
N GLY B 727 28.53 1.53 24.07
CA GLY B 727 28.48 2.23 22.80
C GLY B 727 27.84 3.60 22.96
N TRP B 728 26.80 3.63 23.80
CA TRP B 728 26.02 4.83 24.15
C TRP B 728 26.74 5.83 25.05
N LYS B 729 27.49 5.29 26.02
CA LYS B 729 28.22 6.11 27.00
C LYS B 729 29.30 6.89 26.28
N GLN B 730 30.11 6.18 25.51
CA GLN B 730 31.08 6.78 24.61
C GLN B 730 30.45 7.76 23.59
N GLY B 731 29.13 7.87 23.58
CA GLY B 731 28.44 8.94 22.83
C GLY B 731 28.25 8.82 21.32
N LEU B 732 28.17 7.58 20.82
CA LEU B 732 28.02 7.33 19.40
C LEU B 732 26.60 7.65 18.94
N LYS B 733 26.48 8.10 17.70
CA LYS B 733 25.16 8.40 17.12
C LYS B 733 24.53 7.11 16.61
N THR B 734 25.29 6.29 15.90
CA THR B 734 24.86 4.92 15.60
C THR B 734 25.51 3.98 16.63
N GLY B 735 24.69 3.41 17.49
CA GLY B 735 25.18 2.49 18.49
C GLY B 735 25.46 1.11 17.92
N MET B 736 24.62 0.71 16.96
CA MET B 736 24.73 -0.61 16.33
C MET B 736 24.03 -0.50 15.00
N TYR B 737 24.59 -1.13 13.97
CA TYR B 737 23.92 -1.32 12.71
C TYR B 737 23.23 -2.67 12.77
N TYR B 738 23.92 -3.70 12.30
CA TYR B 738 23.47 -5.08 12.43
C TYR B 738 24.23 -5.78 13.56
N LEU B 739 23.54 -6.66 14.27
CA LEU B 739 24.20 -7.62 15.14
C LEU B 739 24.45 -8.88 14.32
N ARG B 740 25.70 -9.16 13.98
CA ARG B 740 26.04 -10.45 13.37
C ARG B 740 26.41 -11.39 14.49
N THR B 741 25.74 -12.53 14.54
CA THR B 741 26.09 -13.59 15.48
C THR B 741 26.75 -14.71 14.67
N ARG B 742 26.63 -15.97 15.11
CA ARG B 742 27.17 -17.14 14.38
C ARG B 742 28.73 -17.23 14.37
#